data_2YRY
#
_entry.id   2YRY
#
_cell.length_a   1.000
_cell.length_b   1.000
_cell.length_c   1.000
_cell.angle_alpha   90.00
_cell.angle_beta   90.00
_cell.angle_gamma   90.00
#
_symmetry.space_group_name_H-M   'P 1'
#
_entity_poly.entity_id   1
_entity_poly.type   'polypeptide(L)'
_entity_poly.pdbx_seq_one_letter_code
;GSSGSSGGKRSHSMKRNPNAPVTKAGWLFKQASSGVKQWNKRWFVLVDRCLFYYKDEKEESILGSIPLLSFRVAAVQPSD
NISRKHTFKAEHAGVRTYFFSAESPEEQEAWIQAMGEAARVQ
;
_entity_poly.pdbx_strand_id   A
#
# COMPACT_ATOMS: atom_id res chain seq x y z
N GLY A 1 -0.22 21.50 29.45
CA GLY A 1 0.44 20.77 28.39
C GLY A 1 0.88 19.38 28.82
N SER A 2 1.00 18.47 27.86
CA SER A 2 1.42 17.10 28.15
C SER A 2 2.08 16.47 26.93
N SER A 3 3.37 16.18 27.06
CA SER A 3 4.12 15.58 25.96
C SER A 3 4.13 14.06 26.08
N GLY A 4 4.74 13.39 25.11
CA GLY A 4 4.82 11.94 25.13
C GLY A 4 4.38 11.33 23.81
N SER A 5 4.41 10.00 23.75
CA SER A 5 4.02 9.28 22.54
C SER A 5 4.63 9.95 21.30
N SER A 6 5.88 10.36 21.40
CA SER A 6 6.56 11.01 20.30
C SER A 6 7.76 10.18 19.83
N GLY A 7 8.60 9.78 20.78
CA GLY A 7 9.78 8.99 20.44
C GLY A 7 11.03 9.81 20.39
N GLY A 8 12.18 9.17 20.65
CA GLY A 8 13.45 9.88 20.62
C GLY A 8 14.54 9.08 19.93
N LYS A 9 14.26 8.63 18.71
CA LYS A 9 15.22 7.85 17.94
C LYS A 9 14.71 7.60 16.53
N ARG A 10 15.62 7.62 15.56
CA ARG A 10 15.26 7.39 14.17
C ARG A 10 15.73 6.02 13.70
N SER A 11 14.78 5.13 13.43
CA SER A 11 15.08 3.78 12.98
C SER A 11 14.98 3.67 11.46
N HIS A 12 13.88 4.18 10.91
CA HIS A 12 13.66 4.14 9.47
C HIS A 12 13.27 5.52 8.95
N SER A 13 13.79 5.87 7.77
CA SER A 13 13.49 7.16 7.16
C SER A 13 12.89 6.98 5.78
N MET A 14 11.56 6.96 5.72
CA MET A 14 10.85 6.79 4.45
C MET A 14 9.91 7.97 4.21
N LYS A 15 9.91 8.46 2.98
CA LYS A 15 9.05 9.59 2.60
C LYS A 15 9.01 9.76 1.09
N ARG A 16 7.85 10.20 0.59
CA ARG A 16 7.68 10.40 -0.85
C ARG A 16 8.55 11.54 -1.35
N ASN A 17 9.59 11.19 -2.10
CA ASN A 17 10.51 12.19 -2.64
C ASN A 17 9.75 13.31 -3.34
N PRO A 18 10.27 14.55 -3.23
CA PRO A 18 9.65 15.72 -3.84
C PRO A 18 9.77 15.70 -5.37
N ASN A 19 10.78 15.00 -5.87
CA ASN A 19 11.00 14.90 -7.32
C ASN A 19 10.75 13.48 -7.81
N ALA A 20 9.73 12.83 -7.24
CA ALA A 20 9.38 11.48 -7.63
C ALA A 20 8.04 11.44 -8.35
N PRO A 21 8.03 10.84 -9.55
CA PRO A 21 6.81 10.73 -10.37
C PRO A 21 5.81 9.75 -9.78
N VAL A 22 4.56 10.18 -9.68
CA VAL A 22 3.50 9.35 -9.14
C VAL A 22 3.23 8.14 -10.02
N THR A 23 3.47 6.95 -9.47
CA THR A 23 3.26 5.71 -10.21
C THR A 23 1.78 5.49 -10.50
N LYS A 24 0.99 5.38 -9.45
CA LYS A 24 -0.45 5.17 -9.59
C LYS A 24 -1.21 5.73 -8.39
N ALA A 25 -2.33 6.37 -8.65
CA ALA A 25 -3.15 6.94 -7.59
C ALA A 25 -4.62 6.59 -7.77
N GLY A 26 -5.32 6.36 -6.65
CA GLY A 26 -6.72 6.01 -6.71
C GLY A 26 -7.32 5.81 -5.34
N TRP A 27 -8.59 6.16 -5.20
CA TRP A 27 -9.28 6.02 -3.92
C TRP A 27 -9.55 4.54 -3.60
N LEU A 28 -8.97 4.07 -2.51
CA LEU A 28 -9.14 2.68 -2.09
C LEU A 28 -9.69 2.59 -0.67
N PHE A 29 -10.10 1.39 -0.28
CA PHE A 29 -10.64 1.19 1.06
C PHE A 29 -9.67 0.39 1.92
N LYS A 30 -9.15 1.02 2.96
CA LYS A 30 -8.21 0.37 3.86
C LYS A 30 -8.93 -0.24 5.07
N GLN A 31 -8.82 -1.54 5.22
CA GLN A 31 -9.47 -2.23 6.33
C GLN A 31 -8.97 -1.69 7.67
N ALA A 32 -9.86 -1.70 8.67
CA ALA A 32 -9.52 -1.21 9.99
C ALA A 32 -8.71 -2.24 10.77
N SER A 33 -8.11 -1.81 11.88
CA SER A 33 -7.29 -2.69 12.71
C SER A 33 -8.14 -3.83 13.28
N SER A 34 -7.48 -4.89 13.71
CA SER A 34 -8.18 -6.04 14.29
C SER A 34 -9.29 -5.59 15.22
N GLY A 35 -9.07 -4.47 15.91
CA GLY A 35 -10.07 -3.96 16.82
C GLY A 35 -11.43 -3.82 16.17
N VAL A 36 -11.77 -2.60 15.78
CA VAL A 36 -13.05 -2.33 15.15
C VAL A 36 -13.12 -2.94 13.76
N LYS A 37 -14.25 -3.57 13.44
CA LYS A 37 -14.45 -4.20 12.15
C LYS A 37 -15.18 -3.27 11.18
N GLN A 38 -14.42 -2.62 10.30
CA GLN A 38 -15.00 -1.70 9.33
C GLN A 38 -13.95 -1.25 8.32
N TRP A 39 -14.40 -0.54 7.29
CA TRP A 39 -13.49 -0.05 6.24
C TRP A 39 -13.40 1.47 6.27
N ASN A 40 -12.23 1.99 5.95
CA ASN A 40 -12.00 3.43 5.94
C ASN A 40 -11.47 3.89 4.58
N LYS A 41 -12.34 4.50 3.78
CA LYS A 41 -11.95 4.98 2.46
C LYS A 41 -10.92 6.11 2.57
N ARG A 42 -9.80 5.94 1.89
CA ARG A 42 -8.73 6.93 1.91
C ARG A 42 -8.07 7.05 0.55
N TRP A 43 -7.25 8.08 0.37
CA TRP A 43 -6.56 8.31 -0.89
C TRP A 43 -5.22 7.57 -0.91
N PHE A 44 -5.09 6.64 -1.85
CA PHE A 44 -3.86 5.86 -1.98
C PHE A 44 -3.00 6.40 -3.12
N VAL A 45 -1.69 6.43 -2.89
CA VAL A 45 -0.75 6.92 -3.90
C VAL A 45 0.52 6.09 -3.91
N LEU A 46 0.91 5.62 -5.10
CA LEU A 46 2.11 4.83 -5.25
C LEU A 46 3.26 5.64 -5.84
N VAL A 47 4.29 5.86 -5.05
CA VAL A 47 5.45 6.64 -5.48
C VAL A 47 6.74 6.03 -4.96
N ASP A 48 7.76 5.98 -5.82
CA ASP A 48 9.06 5.43 -5.45
C ASP A 48 8.92 3.97 -4.98
N ARG A 49 8.30 3.15 -5.82
CA ARG A 49 8.10 1.75 -5.50
C ARG A 49 7.59 1.58 -4.07
N CYS A 50 6.86 2.58 -3.59
CA CYS A 50 6.31 2.56 -2.25
C CYS A 50 4.86 3.05 -2.24
N LEU A 51 4.11 2.62 -1.24
CA LEU A 51 2.70 3.01 -1.12
C LEU A 51 2.54 4.12 -0.08
N PHE A 52 1.70 5.10 -0.39
CA PHE A 52 1.47 6.21 0.52
C PHE A 52 -0.02 6.61 0.52
N TYR A 53 -0.65 6.51 1.68
CA TYR A 53 -2.07 6.84 1.81
C TYR A 53 -2.25 8.15 2.57
N TYR A 54 -3.03 9.06 2.01
CA TYR A 54 -3.28 10.35 2.63
C TYR A 54 -4.74 10.48 3.06
N LYS A 55 -4.98 11.31 4.06
CA LYS A 55 -6.34 11.51 4.58
C LYS A 55 -7.28 11.93 3.46
N ASP A 56 -6.74 12.67 2.49
CA ASP A 56 -7.54 13.13 1.35
C ASP A 56 -6.67 13.35 0.13
N GLU A 57 -7.29 13.70 -0.99
CA GLU A 57 -6.57 13.94 -2.24
C GLU A 57 -5.61 15.12 -2.09
N LYS A 58 -5.77 15.88 -1.01
CA LYS A 58 -4.91 17.03 -0.76
C LYS A 58 -3.46 16.62 -0.63
N GLU A 59 -3.23 15.44 -0.06
CA GLU A 59 -1.88 14.92 0.11
C GLU A 59 -1.03 15.88 0.95
N GLU A 60 -1.62 16.37 2.04
CA GLU A 60 -0.93 17.31 2.92
C GLU A 60 0.36 16.68 3.47
N SER A 61 0.20 15.56 4.16
CA SER A 61 1.34 14.86 4.75
C SER A 61 1.10 13.36 4.80
N ILE A 62 2.15 12.58 4.56
CA ILE A 62 2.04 11.13 4.59
C ILE A 62 1.71 10.61 5.98
N LEU A 63 0.58 9.95 6.11
CA LEU A 63 0.15 9.40 7.41
C LEU A 63 0.87 8.10 7.70
N GLY A 64 0.95 7.23 6.70
CA GLY A 64 1.62 5.95 6.88
C GLY A 64 2.18 5.41 5.58
N SER A 65 3.40 4.88 5.65
CA SER A 65 4.06 4.32 4.47
C SER A 65 4.30 2.83 4.63
N ILE A 66 4.18 2.09 3.53
CA ILE A 66 4.39 0.65 3.55
C ILE A 66 5.17 0.18 2.32
N PRO A 67 6.32 -0.45 2.56
CA PRO A 67 7.19 -0.96 1.49
C PRO A 67 6.57 -2.15 0.76
N LEU A 68 6.28 -1.97 -0.52
CA LEU A 68 5.69 -3.03 -1.34
C LEU A 68 6.78 -3.88 -1.99
N LEU A 69 7.95 -3.31 -2.17
CA LEU A 69 9.07 -4.02 -2.78
C LEU A 69 9.41 -5.29 -2.00
N SER A 70 8.83 -5.40 -0.80
CA SER A 70 9.06 -6.57 0.05
C SER A 70 7.76 -7.28 0.37
N PHE A 71 6.89 -7.38 -0.63
CA PHE A 71 5.60 -8.04 -0.46
C PHE A 71 5.18 -8.75 -1.74
N ARG A 72 4.16 -9.61 -1.62
CA ARG A 72 3.66 -10.36 -2.78
C ARG A 72 2.16 -10.16 -2.93
N VAL A 73 1.77 -9.02 -3.51
CA VAL A 73 0.37 -8.72 -3.73
C VAL A 73 -0.33 -9.86 -4.46
N ALA A 74 -1.60 -10.08 -4.11
CA ALA A 74 -2.40 -11.14 -4.74
C ALA A 74 -3.85 -11.05 -4.33
N ALA A 75 -4.75 -11.26 -5.28
CA ALA A 75 -6.18 -11.19 -5.02
C ALA A 75 -6.55 -12.07 -3.82
N VAL A 76 -7.39 -11.54 -2.94
CA VAL A 76 -7.83 -12.26 -1.76
C VAL A 76 -8.29 -13.67 -2.12
N GLN A 77 -8.08 -14.60 -1.20
CA GLN A 77 -8.47 -15.99 -1.41
C GLN A 77 -9.98 -16.12 -1.50
N PRO A 78 -10.45 -17.21 -2.14
CA PRO A 78 -11.88 -17.47 -2.31
C PRO A 78 -12.56 -17.85 -1.00
N SER A 79 -11.78 -17.86 0.08
CA SER A 79 -12.31 -18.20 1.40
C SER A 79 -11.97 -17.12 2.41
N ASP A 80 -11.58 -15.95 1.92
CA ASP A 80 -11.22 -14.83 2.78
C ASP A 80 -12.41 -14.41 3.65
N ASN A 81 -12.16 -13.47 4.56
CA ASN A 81 -13.21 -12.98 5.45
C ASN A 81 -13.62 -11.56 5.08
N ILE A 82 -13.63 -11.26 3.78
CA ILE A 82 -14.00 -9.94 3.30
C ILE A 82 -15.34 -9.97 2.57
N SER A 83 -16.31 -9.23 3.09
CA SER A 83 -17.63 -9.18 2.49
C SER A 83 -17.57 -8.59 1.08
N ARG A 84 -16.89 -7.46 0.94
CA ARG A 84 -16.75 -6.80 -0.34
C ARG A 84 -15.95 -7.67 -1.31
N LYS A 85 -16.31 -7.60 -2.60
CA LYS A 85 -15.63 -8.37 -3.62
C LYS A 85 -14.51 -7.56 -4.27
N HIS A 86 -13.76 -8.19 -5.16
CA HIS A 86 -12.66 -7.52 -5.85
C HIS A 86 -11.69 -6.92 -4.85
N THR A 87 -11.21 -7.73 -3.92
CA THR A 87 -10.26 -7.28 -2.91
C THR A 87 -8.88 -7.87 -3.14
N PHE A 88 -7.86 -7.19 -2.63
CA PHE A 88 -6.48 -7.64 -2.77
C PHE A 88 -5.66 -7.34 -1.52
N LYS A 89 -4.89 -8.32 -1.08
CA LYS A 89 -4.06 -8.16 0.11
C LYS A 89 -2.60 -8.48 -0.20
N ALA A 90 -1.69 -7.81 0.50
CA ALA A 90 -0.27 -8.02 0.30
C ALA A 90 0.38 -8.60 1.56
N GLU A 91 1.22 -9.62 1.38
CA GLU A 91 1.90 -10.26 2.49
C GLU A 91 3.40 -10.33 2.25
N HIS A 92 4.18 -10.14 3.31
CA HIS A 92 5.64 -10.19 3.21
C HIS A 92 6.18 -11.45 3.87
N ALA A 93 5.29 -12.26 4.44
CA ALA A 93 5.69 -13.49 5.09
C ALA A 93 6.80 -13.24 6.12
N GLY A 94 6.60 -12.22 6.95
CA GLY A 94 7.59 -11.89 7.96
C GLY A 94 7.15 -10.74 8.84
N VAL A 95 6.56 -9.72 8.23
CA VAL A 95 6.10 -8.55 8.96
C VAL A 95 4.60 -8.62 9.22
N ARG A 96 3.82 -8.56 8.15
CA ARG A 96 2.35 -8.62 8.27
C ARG A 96 1.71 -8.73 6.89
N THR A 97 0.37 -8.76 6.88
CA THR A 97 -0.38 -8.87 5.62
C THR A 97 -1.42 -7.77 5.51
N TYR A 98 -1.19 -6.83 4.61
CA TYR A 98 -2.12 -5.72 4.40
C TYR A 98 -3.27 -6.13 3.48
N PHE A 99 -4.34 -5.36 3.51
CA PHE A 99 -5.51 -5.64 2.68
C PHE A 99 -6.04 -4.36 2.03
N PHE A 100 -6.66 -4.51 0.87
CA PHE A 100 -7.21 -3.38 0.15
C PHE A 100 -8.34 -3.82 -0.79
N SER A 101 -9.54 -3.31 -0.53
CA SER A 101 -10.71 -3.66 -1.33
C SER A 101 -10.91 -2.64 -2.45
N ALA A 102 -11.61 -3.07 -3.50
CA ALA A 102 -11.88 -2.20 -4.64
C ALA A 102 -13.35 -2.25 -5.04
N GLU A 103 -13.92 -1.09 -5.35
CA GLU A 103 -15.31 -1.01 -5.75
C GLU A 103 -15.59 -1.86 -6.99
N SER A 104 -14.76 -1.67 -8.02
CA SER A 104 -14.91 -2.41 -9.26
C SER A 104 -13.72 -3.36 -9.47
N PRO A 105 -13.96 -4.44 -10.22
CA PRO A 105 -12.93 -5.44 -10.52
C PRO A 105 -11.85 -4.90 -11.46
N GLU A 106 -12.17 -3.81 -12.14
CA GLU A 106 -11.22 -3.19 -13.07
C GLU A 106 -10.11 -2.46 -12.31
N GLU A 107 -10.47 -1.83 -11.21
CA GLU A 107 -9.50 -1.09 -10.40
C GLU A 107 -8.57 -2.06 -9.67
N GLN A 108 -9.14 -3.09 -9.07
CA GLN A 108 -8.36 -4.08 -8.34
C GLN A 108 -7.25 -4.65 -9.22
N GLU A 109 -7.63 -5.25 -10.34
CA GLU A 109 -6.67 -5.83 -11.26
C GLU A 109 -5.61 -4.83 -11.66
N ALA A 110 -6.05 -3.64 -12.06
CA ALA A 110 -5.14 -2.57 -12.46
C ALA A 110 -4.14 -2.26 -11.36
N TRP A 111 -4.63 -2.16 -10.12
CA TRP A 111 -3.77 -1.87 -8.98
C TRP A 111 -2.69 -2.94 -8.82
N ILE A 112 -3.11 -4.19 -8.91
CA ILE A 112 -2.18 -5.31 -8.76
C ILE A 112 -1.06 -5.23 -9.81
N GLN A 113 -1.40 -4.72 -10.98
CA GLN A 113 -0.43 -4.60 -12.07
C GLN A 113 0.75 -3.73 -11.64
N ALA A 114 0.44 -2.61 -10.98
CA ALA A 114 1.47 -1.69 -10.52
C ALA A 114 2.06 -2.15 -9.19
N MET A 115 1.18 -2.39 -8.21
CA MET A 115 1.61 -2.84 -6.90
C MET A 115 2.30 -4.20 -6.98
N GLY A 116 1.59 -5.19 -7.50
CA GLY A 116 2.15 -6.52 -7.63
C GLY A 116 3.54 -6.51 -8.24
N GLU A 117 3.68 -5.81 -9.37
CA GLU A 117 4.97 -5.73 -10.05
C GLU A 117 5.97 -4.95 -9.22
N ALA A 118 5.62 -3.71 -8.89
CA ALA A 118 6.49 -2.85 -8.10
C ALA A 118 6.99 -3.57 -6.85
N ALA A 119 6.22 -4.57 -6.41
CA ALA A 119 6.59 -5.34 -5.22
C ALA A 119 7.75 -6.28 -5.51
N ARG A 120 7.63 -7.03 -6.60
CA ARG A 120 8.67 -7.98 -6.99
C ARG A 120 10.06 -7.40 -6.74
N VAL A 121 10.99 -8.25 -6.34
CA VAL A 121 12.36 -7.82 -6.06
C VAL A 121 13.30 -8.19 -7.21
N GLN A 122 12.90 -9.19 -7.99
CA GLN A 122 13.71 -9.63 -9.12
C GLN A 122 14.22 -8.44 -9.93
N GLY A 1 36.92 19.06 17.86
CA GLY A 1 35.69 18.69 17.19
C GLY A 1 34.60 19.72 17.38
N SER A 2 34.03 20.19 16.27
CA SER A 2 32.98 21.19 16.32
C SER A 2 31.60 20.52 16.39
N SER A 3 31.34 19.62 15.44
CA SER A 3 30.07 18.92 15.39
C SER A 3 30.21 17.59 14.66
N GLY A 4 29.53 16.57 15.18
CA GLY A 4 29.60 15.25 14.56
C GLY A 4 28.29 14.48 14.69
N SER A 5 27.23 15.05 14.12
CA SER A 5 25.92 14.42 14.17
C SER A 5 25.91 13.10 13.39
N SER A 6 25.33 12.06 14.00
CA SER A 6 25.27 10.75 13.38
C SER A 6 23.93 10.07 13.66
N GLY A 7 23.35 9.46 12.64
CA GLY A 7 22.08 8.80 12.79
C GLY A 7 21.93 7.60 11.86
N GLY A 8 20.97 7.69 10.94
CA GLY A 8 20.74 6.61 10.00
C GLY A 8 21.76 6.59 8.87
N LYS A 9 21.95 5.43 8.27
CA LYS A 9 22.90 5.28 7.16
C LYS A 9 22.41 6.03 5.92
N ARG A 10 21.21 5.69 5.47
CA ARG A 10 20.63 6.33 4.29
C ARG A 10 19.38 7.13 4.67
N SER A 11 18.47 6.49 5.38
CA SER A 11 17.23 7.14 5.80
C SER A 11 16.67 6.48 7.05
N HIS A 12 16.18 7.30 7.97
CA HIS A 12 15.61 6.81 9.22
C HIS A 12 14.14 6.43 9.04
N SER A 13 13.35 7.38 8.54
CA SER A 13 11.93 7.16 8.32
C SER A 13 11.59 7.18 6.83
N MET A 14 10.58 6.43 6.45
CA MET A 14 10.15 6.37 5.06
C MET A 14 9.28 7.56 4.70
N LYS A 15 9.64 8.24 3.61
CA LYS A 15 8.89 9.41 3.16
C LYS A 15 8.84 9.46 1.63
N ARG A 16 7.71 9.91 1.10
CA ARG A 16 7.53 10.01 -0.35
C ARG A 16 8.04 11.35 -0.86
N ASN A 17 8.78 11.31 -1.97
CA ASN A 17 9.34 12.52 -2.56
C ASN A 17 8.37 13.09 -3.60
N PRO A 18 8.29 14.43 -3.66
CA PRO A 18 7.41 15.13 -4.60
C PRO A 18 7.90 15.00 -6.05
N ASN A 19 9.22 15.07 -6.23
CA ASN A 19 9.81 14.98 -7.55
C ASN A 19 9.49 13.63 -8.19
N ALA A 20 9.55 12.57 -7.39
CA ALA A 20 9.26 11.23 -7.88
C ALA A 20 7.89 11.17 -8.56
N PRO A 21 7.86 10.56 -9.75
CA PRO A 21 6.61 10.42 -10.53
C PRO A 21 5.63 9.46 -9.89
N VAL A 22 4.37 9.88 -9.79
CA VAL A 22 3.33 9.06 -9.20
C VAL A 22 3.03 7.84 -10.09
N THR A 23 3.30 6.65 -9.55
CA THR A 23 3.06 5.42 -10.29
C THR A 23 1.57 5.22 -10.55
N LYS A 24 0.77 5.20 -9.50
CA LYS A 24 -0.67 5.03 -9.62
C LYS A 24 -1.40 5.71 -8.45
N ALA A 25 -2.49 6.41 -8.78
CA ALA A 25 -3.28 7.10 -7.77
C ALA A 25 -4.75 6.75 -7.89
N GLY A 26 -5.40 6.52 -6.75
CA GLY A 26 -6.80 6.17 -6.76
C GLY A 26 -7.37 5.99 -5.36
N TRP A 27 -8.64 6.29 -5.19
CA TRP A 27 -9.30 6.15 -3.89
C TRP A 27 -9.52 4.69 -3.55
N LEU A 28 -8.74 4.19 -2.58
CA LEU A 28 -8.86 2.80 -2.15
C LEU A 28 -9.42 2.70 -0.75
N PHE A 29 -9.69 1.48 -0.30
CA PHE A 29 -10.24 1.26 1.04
C PHE A 29 -9.31 0.36 1.85
N LYS A 30 -9.01 0.79 3.08
CA LYS A 30 -8.15 0.02 3.97
C LYS A 30 -8.94 -0.59 5.11
N GLN A 31 -8.93 -1.92 5.18
CA GLN A 31 -9.65 -2.63 6.23
C GLN A 31 -9.33 -2.05 7.60
N ALA A 32 -10.31 -2.12 8.50
CA ALA A 32 -10.15 -1.59 9.85
C ALA A 32 -9.14 -2.42 10.64
N SER A 33 -8.16 -1.74 11.23
CA SER A 33 -7.13 -2.41 12.01
C SER A 33 -7.54 -2.51 13.48
N SER A 34 -7.51 -3.75 14.00
CA SER A 34 -7.88 -3.99 15.39
C SER A 34 -9.12 -3.18 15.77
N GLY A 35 -10.11 -3.16 14.89
CA GLY A 35 -11.33 -2.42 15.15
C GLY A 35 -12.56 -3.12 14.60
N VAL A 36 -13.73 -2.54 14.86
CA VAL A 36 -14.98 -3.11 14.38
C VAL A 36 -14.94 -3.35 12.87
N LYS A 37 -15.64 -4.38 12.43
CA LYS A 37 -15.69 -4.73 11.01
C LYS A 37 -16.14 -3.53 10.18
N GLN A 38 -15.22 -2.99 9.39
CA GLN A 38 -15.52 -1.84 8.54
C GLN A 38 -14.37 -1.56 7.57
N TRP A 39 -14.58 -0.62 6.66
CA TRP A 39 -13.57 -0.26 5.68
C TRP A 39 -13.46 1.24 5.52
N ASN A 40 -12.32 1.80 5.92
CA ASN A 40 -12.09 3.24 5.82
C ASN A 40 -11.56 3.61 4.44
N LYS A 41 -12.22 4.57 3.80
CA LYS A 41 -11.82 5.02 2.47
C LYS A 41 -10.80 6.15 2.57
N ARG A 42 -9.65 5.98 1.92
CA ARG A 42 -8.60 6.98 1.93
C ARG A 42 -7.91 7.07 0.58
N TRP A 43 -7.26 8.20 0.32
CA TRP A 43 -6.56 8.40 -0.94
C TRP A 43 -5.25 7.62 -0.98
N PHE A 44 -5.16 6.67 -1.89
CA PHE A 44 -3.95 5.86 -2.03
C PHE A 44 -3.09 6.34 -3.18
N VAL A 45 -1.77 6.39 -2.95
CA VAL A 45 -0.84 6.84 -3.97
C VAL A 45 0.40 5.95 -4.00
N LEU A 46 0.76 5.49 -5.19
CA LEU A 46 1.92 4.63 -5.37
C LEU A 46 3.10 5.41 -5.95
N VAL A 47 4.15 5.57 -5.15
CA VAL A 47 5.33 6.30 -5.60
C VAL A 47 6.60 5.63 -5.10
N ASP A 48 7.57 5.45 -5.99
CA ASP A 48 8.84 4.82 -5.64
C ASP A 48 8.62 3.41 -5.11
N ARG A 49 7.94 2.59 -5.90
CA ARG A 49 7.66 1.21 -5.52
C ARG A 49 7.15 1.14 -4.08
N CYS A 50 6.56 2.24 -3.62
CA CYS A 50 6.03 2.29 -2.26
C CYS A 50 4.60 2.80 -2.25
N LEU A 51 3.85 2.45 -1.21
CA LEU A 51 2.46 2.87 -1.08
C LEU A 51 2.31 3.97 -0.03
N PHE A 52 1.62 5.04 -0.39
CA PHE A 52 1.41 6.15 0.53
C PHE A 52 -0.06 6.60 0.51
N TYR A 53 -0.71 6.51 1.66
CA TYR A 53 -2.10 6.89 1.78
C TYR A 53 -2.24 8.21 2.55
N TYR A 54 -2.91 9.18 1.93
CA TYR A 54 -3.12 10.48 2.56
C TYR A 54 -4.57 10.65 2.98
N LYS A 55 -4.77 11.31 4.11
CA LYS A 55 -6.11 11.55 4.64
C LYS A 55 -7.05 12.01 3.53
N ASP A 56 -6.51 12.75 2.57
CA ASP A 56 -7.31 13.24 1.44
C ASP A 56 -6.49 13.24 0.16
N GLU A 57 -7.08 13.75 -0.91
CA GLU A 57 -6.41 13.80 -2.20
C GLU A 57 -5.50 15.02 -2.30
N LYS A 58 -4.79 15.31 -1.21
CA LYS A 58 -3.89 16.45 -1.16
C LYS A 58 -2.44 16.00 -1.35
N GLU A 59 -2.14 14.79 -0.89
CA GLU A 59 -0.79 14.25 -1.01
C GLU A 59 0.24 15.20 -0.40
N GLU A 60 -0.02 15.62 0.83
CA GLU A 60 0.89 16.54 1.53
C GLU A 60 1.50 15.87 2.75
N SER A 61 0.65 15.47 3.69
CA SER A 61 1.11 14.82 4.91
C SER A 61 0.82 13.32 4.88
N ILE A 62 1.88 12.53 4.89
CA ILE A 62 1.74 11.07 4.85
C ILE A 62 1.39 10.53 6.24
N LEU A 63 0.26 9.83 6.31
CA LEU A 63 -0.19 9.25 7.58
C LEU A 63 0.52 7.92 7.85
N GLY A 64 0.71 7.14 6.80
CA GLY A 64 1.38 5.86 6.95
C GLY A 64 2.02 5.38 5.66
N SER A 65 3.21 4.81 5.77
CA SER A 65 3.94 4.33 4.60
C SER A 65 4.25 2.84 4.74
N ILE A 66 4.20 2.12 3.62
CA ILE A 66 4.47 0.69 3.62
C ILE A 66 5.28 0.30 2.38
N PRO A 67 6.47 -0.28 2.61
CA PRO A 67 7.35 -0.72 1.53
C PRO A 67 6.82 -1.93 0.79
N LEU A 68 6.15 -1.69 -0.32
CA LEU A 68 5.58 -2.77 -1.13
C LEU A 68 6.68 -3.62 -1.75
N LEU A 69 7.81 -2.99 -2.06
CA LEU A 69 8.93 -3.69 -2.66
C LEU A 69 9.28 -4.95 -1.87
N SER A 70 8.79 -5.01 -0.63
CA SER A 70 9.05 -6.16 0.23
C SER A 70 7.75 -6.89 0.58
N PHE A 71 6.85 -6.97 -0.40
CA PHE A 71 5.56 -7.63 -0.19
C PHE A 71 5.15 -8.40 -1.45
N ARG A 72 4.05 -9.14 -1.33
CA ARG A 72 3.54 -9.92 -2.46
C ARG A 72 2.04 -9.71 -2.63
N VAL A 73 1.68 -8.73 -3.46
CA VAL A 73 0.28 -8.42 -3.72
C VAL A 73 -0.39 -9.54 -4.51
N ALA A 74 -1.63 -9.86 -4.14
CA ALA A 74 -2.37 -10.91 -4.81
C ALA A 74 -3.86 -10.84 -4.46
N ALA A 75 -4.71 -11.05 -5.46
CA ALA A 75 -6.16 -11.01 -5.25
C ALA A 75 -6.58 -12.02 -4.20
N VAL A 76 -7.55 -11.64 -3.38
CA VAL A 76 -8.06 -12.54 -2.33
C VAL A 76 -8.57 -13.84 -2.93
N GLN A 77 -9.12 -14.69 -2.06
CA GLN A 77 -9.66 -15.97 -2.50
C GLN A 77 -11.18 -16.00 -2.39
N PRO A 78 -11.80 -16.96 -3.09
CA PRO A 78 -13.26 -17.11 -3.09
C PRO A 78 -13.79 -17.61 -1.74
N SER A 79 -12.87 -17.92 -0.83
CA SER A 79 -13.24 -18.42 0.49
C SER A 79 -12.46 -17.69 1.58
N ASP A 80 -12.14 -16.43 1.33
CA ASP A 80 -11.40 -15.62 2.29
C ASP A 80 -12.35 -14.90 3.24
N ASN A 81 -11.79 -14.33 4.30
CA ASN A 81 -12.58 -13.61 5.29
C ASN A 81 -12.81 -12.16 4.87
N ILE A 82 -13.30 -11.98 3.64
CA ILE A 82 -13.56 -10.65 3.11
C ILE A 82 -14.94 -10.58 2.47
N SER A 83 -15.88 -9.96 3.17
CA SER A 83 -17.25 -9.81 2.66
C SER A 83 -17.24 -9.38 1.19
N ARG A 84 -16.43 -8.38 0.89
CA ARG A 84 -16.33 -7.86 -0.47
C ARG A 84 -15.82 -8.94 -1.42
N LYS A 85 -15.78 -8.62 -2.70
CA LYS A 85 -15.32 -9.56 -3.73
C LYS A 85 -14.01 -9.09 -4.34
N HIS A 86 -14.06 -7.93 -4.99
CA HIS A 86 -12.87 -7.36 -5.64
C HIS A 86 -11.91 -6.79 -4.59
N THR A 87 -11.26 -7.68 -3.85
CA THR A 87 -10.31 -7.27 -2.83
C THR A 87 -8.97 -7.99 -2.99
N PHE A 88 -7.89 -7.30 -2.64
CA PHE A 88 -6.56 -7.87 -2.76
C PHE A 88 -5.72 -7.51 -1.53
N LYS A 89 -4.94 -8.48 -1.05
CA LYS A 89 -4.09 -8.28 0.11
C LYS A 89 -2.62 -8.57 -0.23
N ALA A 90 -1.71 -7.81 0.39
CA ALA A 90 -0.28 -8.00 0.16
C ALA A 90 0.38 -8.72 1.33
N GLU A 91 1.11 -9.78 1.01
CA GLU A 91 1.79 -10.56 2.03
C GLU A 91 3.30 -10.55 1.82
N HIS A 92 4.04 -10.27 2.88
CA HIS A 92 5.50 -10.23 2.80
C HIS A 92 6.12 -11.51 3.34
N ALA A 93 5.31 -12.29 4.06
CA ALA A 93 5.78 -13.55 4.63
C ALA A 93 6.95 -13.32 5.57
N GLY A 94 6.86 -12.27 6.37
CA GLY A 94 7.92 -11.96 7.32
C GLY A 94 7.48 -10.97 8.39
N VAL A 95 6.60 -10.05 8.01
CA VAL A 95 6.10 -9.04 8.93
C VAL A 95 4.60 -9.17 9.13
N ARG A 96 3.84 -8.93 8.07
CA ARG A 96 2.39 -9.02 8.12
C ARG A 96 1.78 -8.98 6.73
N THR A 97 0.46 -9.05 6.65
CA THR A 97 -0.25 -9.03 5.38
C THR A 97 -1.32 -7.94 5.37
N TYR A 98 -1.11 -6.92 4.54
CA TYR A 98 -2.07 -5.82 4.44
C TYR A 98 -3.18 -6.16 3.45
N PHE A 99 -4.34 -5.55 3.66
CA PHE A 99 -5.49 -5.79 2.78
C PHE A 99 -5.96 -4.49 2.15
N PHE A 100 -6.44 -4.58 0.91
CA PHE A 100 -6.92 -3.40 0.19
C PHE A 100 -8.07 -3.77 -0.75
N SER A 101 -9.23 -3.19 -0.51
CA SER A 101 -10.41 -3.46 -1.32
C SER A 101 -10.52 -2.47 -2.48
N ALA A 102 -11.36 -2.78 -3.45
CA ALA A 102 -11.56 -1.91 -4.61
C ALA A 102 -13.03 -1.85 -5.00
N GLU A 103 -13.52 -0.63 -5.21
CA GLU A 103 -14.91 -0.44 -5.60
C GLU A 103 -15.29 -1.33 -6.77
N SER A 104 -14.50 -1.25 -7.84
CA SER A 104 -14.75 -2.06 -9.03
C SER A 104 -13.61 -3.04 -9.28
N PRO A 105 -13.90 -4.10 -10.05
CA PRO A 105 -12.91 -5.12 -10.39
C PRO A 105 -11.83 -4.59 -11.33
N GLU A 106 -12.17 -3.59 -12.12
CA GLU A 106 -11.23 -3.00 -13.06
C GLU A 106 -10.08 -2.31 -12.34
N GLU A 107 -10.38 -1.74 -11.18
CA GLU A 107 -9.37 -1.05 -10.38
C GLU A 107 -8.50 -2.05 -9.63
N GLN A 108 -9.13 -3.10 -9.11
CA GLN A 108 -8.41 -4.13 -8.37
C GLN A 108 -7.29 -4.73 -9.21
N GLU A 109 -7.63 -5.18 -10.41
CA GLU A 109 -6.65 -5.78 -11.32
C GLU A 109 -5.58 -4.76 -11.69
N ALA A 110 -6.01 -3.57 -12.09
CA ALA A 110 -5.08 -2.51 -12.49
C ALA A 110 -4.10 -2.21 -11.37
N TRP A 111 -4.61 -2.09 -10.14
CA TRP A 111 -3.77 -1.81 -8.99
C TRP A 111 -2.71 -2.88 -8.80
N ILE A 112 -3.11 -4.14 -8.92
CA ILE A 112 -2.19 -5.26 -8.77
C ILE A 112 -1.06 -5.17 -9.78
N GLN A 113 -1.40 -4.86 -11.02
CA GLN A 113 -0.42 -4.75 -12.09
C GLN A 113 0.74 -3.86 -11.66
N ALA A 114 0.42 -2.73 -11.04
CA ALA A 114 1.43 -1.78 -10.58
C ALA A 114 2.03 -2.22 -9.26
N MET A 115 1.17 -2.39 -8.25
CA MET A 115 1.62 -2.82 -6.93
C MET A 115 2.39 -4.14 -7.01
N GLY A 116 1.69 -5.20 -7.42
CA GLY A 116 2.33 -6.50 -7.52
C GLY A 116 3.75 -6.41 -8.05
N GLU A 117 3.92 -5.75 -9.19
CA GLU A 117 5.23 -5.60 -9.80
C GLU A 117 6.14 -4.75 -8.92
N ALA A 118 5.67 -3.56 -8.56
CA ALA A 118 6.44 -2.65 -7.72
C ALA A 118 6.75 -3.29 -6.37
N ALA A 119 6.07 -4.40 -6.07
CA ALA A 119 6.28 -5.10 -4.81
C ALA A 119 7.22 -6.29 -4.99
N ARG A 120 7.07 -6.98 -6.12
CA ARG A 120 7.91 -8.14 -6.42
C ARG A 120 9.31 -7.71 -6.84
N VAL A 121 10.31 -8.50 -6.43
CA VAL A 121 11.69 -8.20 -6.75
C VAL A 121 12.19 -9.10 -7.88
N GLN A 122 11.92 -8.70 -9.12
CA GLN A 122 12.34 -9.46 -10.28
C GLN A 122 13.68 -8.95 -10.81
N GLY A 1 25.05 10.90 -19.87
CA GLY A 1 24.51 9.62 -19.44
C GLY A 1 24.41 9.51 -17.93
N SER A 2 25.00 8.45 -17.38
CA SER A 2 24.97 8.22 -15.94
C SER A 2 26.13 7.33 -15.51
N SER A 3 26.70 7.63 -14.35
CA SER A 3 27.82 6.86 -13.82
C SER A 3 27.93 7.04 -12.31
N GLY A 4 27.75 5.93 -11.58
CA GLY A 4 27.84 5.98 -10.13
C GLY A 4 26.48 6.22 -9.48
N SER A 5 25.93 5.16 -8.88
CA SER A 5 24.64 5.26 -8.23
C SER A 5 24.80 5.56 -6.73
N SER A 6 24.42 6.78 -6.34
CA SER A 6 24.53 7.19 -4.95
C SER A 6 23.31 6.76 -4.15
N GLY A 7 23.39 6.89 -2.83
CA GLY A 7 22.28 6.51 -1.97
C GLY A 7 22.62 6.62 -0.50
N GLY A 8 22.00 5.78 0.31
CA GLY A 8 22.25 5.79 1.74
C GLY A 8 22.29 4.41 2.34
N LYS A 9 23.35 4.11 3.08
CA LYS A 9 23.50 2.81 3.71
C LYS A 9 22.53 2.64 4.86
N ARG A 10 22.45 3.65 5.72
CA ARG A 10 21.55 3.61 6.87
C ARG A 10 20.40 4.59 6.68
N SER A 11 19.25 4.06 6.25
CA SER A 11 18.06 4.88 6.02
C SER A 11 17.34 5.16 7.34
N HIS A 12 16.91 6.40 7.51
CA HIS A 12 16.20 6.81 8.72
C HIS A 12 14.78 6.26 8.72
N SER A 13 14.08 6.43 7.61
CA SER A 13 12.70 5.96 7.48
C SER A 13 12.19 6.15 6.06
N MET A 14 11.20 5.35 5.68
CA MET A 14 10.61 5.42 4.35
C MET A 14 10.04 6.81 4.08
N LYS A 15 10.59 7.49 3.07
CA LYS A 15 10.14 8.82 2.71
C LYS A 15 9.78 8.89 1.23
N ARG A 16 8.95 9.86 0.87
CA ARG A 16 8.53 10.04 -0.51
C ARG A 16 8.99 11.38 -1.05
N ASN A 17 9.34 11.42 -2.34
CA ASN A 17 9.80 12.65 -2.98
C ASN A 17 8.75 13.18 -3.94
N PRO A 18 8.62 14.52 -4.00
CA PRO A 18 7.66 15.19 -4.87
C PRO A 18 8.04 15.07 -6.35
N ASN A 19 9.33 15.15 -6.63
CA ASN A 19 9.83 15.06 -7.99
C ASN A 19 9.48 13.69 -8.59
N ALA A 20 9.61 12.65 -7.79
CA ALA A 20 9.31 11.30 -8.24
C ALA A 20 7.94 11.23 -8.91
N PRO A 21 7.88 10.57 -10.08
CA PRO A 21 6.63 10.42 -10.85
C PRO A 21 5.64 9.50 -10.15
N VAL A 22 4.40 9.94 -10.03
CA VAL A 22 3.35 9.16 -9.39
C VAL A 22 3.02 7.92 -10.21
N THR A 23 3.27 6.75 -9.65
CA THR A 23 3.00 5.49 -10.33
C THR A 23 1.50 5.30 -10.56
N LYS A 24 0.75 5.20 -9.48
CA LYS A 24 -0.70 5.03 -9.57
C LYS A 24 -1.39 5.53 -8.30
N ALA A 25 -2.45 6.30 -8.49
CA ALA A 25 -3.21 6.85 -7.36
C ALA A 25 -4.70 6.60 -7.52
N GLY A 26 -5.37 6.27 -6.43
CA GLY A 26 -6.80 6.02 -6.48
C GLY A 26 -7.39 5.78 -5.10
N TRP A 27 -8.67 6.09 -4.95
CA TRP A 27 -9.36 5.91 -3.67
C TRP A 27 -9.60 4.43 -3.39
N LEU A 28 -8.92 3.90 -2.39
CA LEU A 28 -9.06 2.50 -2.02
C LEU A 28 -9.58 2.37 -0.59
N PHE A 29 -9.90 1.13 -0.19
CA PHE A 29 -10.41 0.88 1.15
C PHE A 29 -9.43 0.01 1.94
N LYS A 30 -8.87 0.58 3.01
CA LYS A 30 -7.92 -0.13 3.85
C LYS A 30 -8.60 -0.67 5.10
N GLN A 31 -8.77 -1.99 5.15
CA GLN A 31 -9.41 -2.62 6.30
C GLN A 31 -8.67 -2.29 7.59
N ALA A 32 -9.43 -1.86 8.60
CA ALA A 32 -8.85 -1.51 9.89
C ALA A 32 -8.46 -2.75 10.68
N SER A 33 -7.43 -2.62 11.51
CA SER A 33 -6.96 -3.74 12.32
C SER A 33 -7.11 -3.43 13.81
N SER A 34 -6.41 -2.40 14.26
CA SER A 34 -6.46 -2.01 15.67
C SER A 34 -7.66 -1.10 15.93
N GLY A 35 -8.81 -1.71 16.16
CA GLY A 35 -10.02 -0.93 16.43
C GLY A 35 -11.27 -1.64 15.96
N VAL A 36 -12.30 -0.86 15.63
CA VAL A 36 -13.56 -1.43 15.17
C VAL A 36 -13.42 -2.04 13.77
N LYS A 37 -14.02 -3.20 13.57
CA LYS A 37 -13.96 -3.89 12.29
C LYS A 37 -14.70 -3.10 11.22
N GLN A 38 -13.95 -2.33 10.43
CA GLN A 38 -14.54 -1.53 9.37
C GLN A 38 -13.47 -1.08 8.36
N TRP A 39 -13.91 -0.62 7.21
CA TRP A 39 -13.00 -0.17 6.16
C TRP A 39 -12.90 1.35 6.14
N ASN A 40 -11.68 1.86 6.06
CA ASN A 40 -11.45 3.30 6.03
C ASN A 40 -11.00 3.75 4.65
N LYS A 41 -11.89 4.42 3.93
CA LYS A 41 -11.58 4.91 2.59
C LYS A 41 -10.62 6.10 2.66
N ARG A 42 -9.46 5.94 2.03
CA ARG A 42 -8.46 6.99 2.01
C ARG A 42 -7.77 7.08 0.65
N TRP A 43 -7.17 8.22 0.37
CA TRP A 43 -6.48 8.43 -0.91
C TRP A 43 -5.15 7.68 -0.94
N PHE A 44 -5.05 6.72 -1.86
CA PHE A 44 -3.84 5.92 -1.98
C PHE A 44 -3.00 6.41 -3.16
N VAL A 45 -1.68 6.46 -2.95
CA VAL A 45 -0.76 6.92 -4.00
C VAL A 45 0.50 6.07 -4.01
N LEU A 46 0.86 5.57 -5.19
CA LEU A 46 2.06 4.75 -5.33
C LEU A 46 3.19 5.54 -5.98
N VAL A 47 4.25 5.77 -5.21
CA VAL A 47 5.40 6.51 -5.71
C VAL A 47 6.71 5.90 -5.20
N ASP A 48 7.66 5.72 -6.12
CA ASP A 48 8.95 5.14 -5.77
C ASP A 48 8.79 3.71 -5.25
N ARG A 49 8.12 2.87 -6.03
CA ARG A 49 7.89 1.49 -5.65
C ARG A 49 7.42 1.39 -4.21
N CYS A 50 6.73 2.42 -3.75
CA CYS A 50 6.21 2.46 -2.39
C CYS A 50 4.77 2.98 -2.36
N LEU A 51 4.02 2.55 -1.35
CA LEU A 51 2.62 2.97 -1.21
C LEU A 51 2.50 4.10 -0.19
N PHE A 52 1.68 5.09 -0.52
CA PHE A 52 1.47 6.23 0.37
C PHE A 52 0.00 6.63 0.40
N TYR A 53 -0.60 6.56 1.58
CA TYR A 53 -2.01 6.91 1.74
C TYR A 53 -2.16 8.25 2.47
N TYR A 54 -2.86 9.18 1.83
CA TYR A 54 -3.07 10.50 2.42
C TYR A 54 -4.50 10.63 2.97
N LYS A 55 -4.70 11.60 3.86
CA LYS A 55 -6.00 11.84 4.46
C LYS A 55 -7.05 12.11 3.38
N ASP A 56 -6.66 12.86 2.36
CA ASP A 56 -7.56 13.18 1.26
C ASP A 56 -6.80 13.37 -0.05
N GLU A 57 -7.54 13.64 -1.11
CA GLU A 57 -6.92 13.84 -2.43
C GLU A 57 -5.96 15.02 -2.41
N LYS A 58 -6.05 15.83 -1.36
CA LYS A 58 -5.18 17.00 -1.21
C LYS A 58 -3.73 16.57 -1.06
N GLU A 59 -3.51 15.40 -0.47
CA GLU A 59 -2.16 14.88 -0.26
C GLU A 59 -1.30 15.91 0.46
N GLU A 60 -1.85 16.49 1.52
CA GLU A 60 -1.11 17.49 2.30
C GLU A 60 0.15 16.89 2.92
N SER A 61 -0.03 15.79 3.65
CA SER A 61 1.08 15.12 4.30
C SER A 61 0.82 13.62 4.43
N ILE A 62 1.85 12.82 4.15
CA ILE A 62 1.72 11.37 4.24
C ILE A 62 1.48 10.93 5.68
N LEU A 63 0.31 10.33 5.90
CA LEU A 63 -0.06 9.86 7.24
C LEU A 63 0.73 8.60 7.61
N GLY A 64 0.92 7.73 6.63
CA GLY A 64 1.67 6.49 6.87
C GLY A 64 2.18 5.86 5.59
N SER A 65 3.37 5.30 5.64
CA SER A 65 3.97 4.66 4.48
C SER A 65 4.13 3.16 4.70
N ILE A 66 4.10 2.40 3.61
CA ILE A 66 4.25 0.96 3.68
C ILE A 66 4.99 0.41 2.46
N PRO A 67 6.17 -0.18 2.72
CA PRO A 67 7.00 -0.76 1.65
C PRO A 67 6.38 -2.01 1.04
N LEU A 68 6.19 -1.98 -0.28
CA LEU A 68 5.61 -3.10 -0.99
C LEU A 68 6.69 -3.99 -1.58
N LEU A 69 7.87 -3.42 -1.81
CA LEU A 69 8.99 -4.15 -2.37
C LEU A 69 9.28 -5.41 -1.56
N SER A 70 8.71 -5.48 -0.36
CA SER A 70 8.91 -6.63 0.51
C SER A 70 7.67 -7.52 0.53
N PHE A 71 6.52 -6.93 0.24
CA PHE A 71 5.26 -7.67 0.23
C PHE A 71 5.03 -8.31 -1.14
N ARG A 72 4.05 -9.20 -1.22
CA ARG A 72 3.72 -9.87 -2.47
C ARG A 72 2.22 -9.79 -2.75
N VAL A 73 1.75 -8.59 -3.08
CA VAL A 73 0.35 -8.38 -3.39
C VAL A 73 -0.24 -9.58 -4.13
N ALA A 74 -1.54 -9.82 -3.92
CA ALA A 74 -2.22 -10.93 -4.57
C ALA A 74 -3.71 -10.92 -4.25
N ALA A 75 -4.53 -10.97 -5.29
CA ALA A 75 -5.98 -10.96 -5.12
C ALA A 75 -6.41 -11.93 -4.03
N VAL A 76 -7.46 -11.56 -3.31
CA VAL A 76 -7.98 -12.39 -2.22
C VAL A 76 -8.35 -13.78 -2.72
N GLN A 77 -8.58 -14.70 -1.79
CA GLN A 77 -8.94 -16.07 -2.14
C GLN A 77 -10.44 -16.30 -1.97
N PRO A 78 -10.97 -17.31 -2.68
CA PRO A 78 -12.39 -17.65 -2.62
C PRO A 78 -12.79 -18.24 -1.27
N SER A 79 -11.84 -18.30 -0.35
CA SER A 79 -12.09 -18.85 0.98
C SER A 79 -11.66 -17.87 2.06
N ASP A 80 -11.63 -16.58 1.72
CA ASP A 80 -11.23 -15.54 2.65
C ASP A 80 -12.46 -14.88 3.28
N ASN A 81 -12.24 -14.21 4.41
CA ASN A 81 -13.33 -13.53 5.11
C ASN A 81 -13.54 -12.13 4.56
N ILE A 82 -13.42 -12.00 3.24
CA ILE A 82 -13.60 -10.71 2.58
C ILE A 82 -14.85 -10.70 1.72
N SER A 83 -16.00 -10.41 2.34
CA SER A 83 -17.27 -10.38 1.62
C SER A 83 -17.17 -9.52 0.36
N ARG A 84 -16.53 -8.36 0.50
CA ARG A 84 -16.37 -7.45 -0.62
C ARG A 84 -15.78 -8.18 -1.84
N LYS A 85 -16.05 -7.65 -3.02
CA LYS A 85 -15.55 -8.25 -4.25
C LYS A 85 -14.38 -7.44 -4.81
N HIS A 86 -13.63 -8.06 -5.73
CA HIS A 86 -12.48 -7.40 -6.34
C HIS A 86 -11.54 -6.85 -5.27
N THR A 87 -11.17 -7.70 -4.32
CA THR A 87 -10.27 -7.31 -3.24
C THR A 87 -8.96 -8.06 -3.31
N PHE A 88 -7.88 -7.41 -2.87
CA PHE A 88 -6.56 -8.02 -2.89
C PHE A 88 -5.79 -7.69 -1.62
N LYS A 89 -5.08 -8.68 -1.08
CA LYS A 89 -4.30 -8.49 0.14
C LYS A 89 -2.82 -8.76 -0.12
N ALA A 90 -1.96 -8.02 0.59
CA ALA A 90 -0.53 -8.18 0.43
C ALA A 90 0.09 -8.84 1.68
N GLU A 91 0.73 -9.98 1.49
CA GLU A 91 1.36 -10.70 2.59
C GLU A 91 2.88 -10.58 2.51
N HIS A 92 3.51 -10.38 3.66
CA HIS A 92 4.96 -10.25 3.72
C HIS A 92 5.53 -11.07 4.88
N ALA A 93 5.63 -12.39 4.66
CA ALA A 93 6.17 -13.28 5.69
C ALA A 93 7.24 -12.59 6.52
N GLY A 94 6.82 -12.00 7.64
CA GLY A 94 7.76 -11.32 8.51
C GLY A 94 7.11 -10.21 9.30
N VAL A 95 6.09 -9.58 8.72
CA VAL A 95 5.38 -8.49 9.38
C VAL A 95 3.89 -8.82 9.53
N ARG A 96 3.16 -8.72 8.43
CA ARG A 96 1.73 -9.01 8.44
C ARG A 96 1.18 -9.02 7.02
N THR A 97 -0.14 -9.16 6.91
CA THR A 97 -0.80 -9.20 5.60
C THR A 97 -1.85 -8.10 5.50
N TYR A 98 -1.56 -7.08 4.70
CA TYR A 98 -2.47 -5.96 4.51
C TYR A 98 -3.57 -6.33 3.51
N PHE A 99 -4.71 -5.66 3.63
CA PHE A 99 -5.84 -5.90 2.74
C PHE A 99 -6.28 -4.62 2.04
N PHE A 100 -6.72 -4.75 0.79
CA PHE A 100 -7.17 -3.59 0.02
C PHE A 100 -8.29 -3.99 -0.94
N SER A 101 -9.46 -3.39 -0.75
CA SER A 101 -10.61 -3.68 -1.59
C SER A 101 -10.75 -2.64 -2.70
N ALA A 102 -11.53 -2.98 -3.73
CA ALA A 102 -11.74 -2.08 -4.84
C ALA A 102 -13.21 -2.05 -5.25
N GLU A 103 -13.74 -0.84 -5.44
CA GLU A 103 -15.14 -0.68 -5.84
C GLU A 103 -15.46 -1.51 -7.07
N SER A 104 -14.63 -1.38 -8.10
CA SER A 104 -14.83 -2.12 -9.34
C SER A 104 -13.65 -3.05 -9.62
N PRO A 105 -13.88 -4.08 -10.43
CA PRO A 105 -12.85 -5.06 -10.80
C PRO A 105 -11.78 -4.45 -11.71
N GLU A 106 -12.11 -3.31 -12.32
CA GLU A 106 -11.18 -2.64 -13.22
C GLU A 106 -10.03 -2.01 -12.44
N GLU A 107 -10.34 -1.50 -11.25
CA GLU A 107 -9.34 -0.86 -10.40
C GLU A 107 -8.47 -1.91 -9.71
N GLN A 108 -9.11 -2.92 -9.14
CA GLN A 108 -8.39 -3.99 -8.45
C GLN A 108 -7.29 -4.57 -9.33
N GLU A 109 -7.69 -5.16 -10.45
CA GLU A 109 -6.73 -5.75 -11.38
C GLU A 109 -5.66 -4.74 -11.78
N ALA A 110 -6.10 -3.55 -12.18
CA ALA A 110 -5.18 -2.49 -12.59
C ALA A 110 -4.19 -2.16 -11.47
N TRP A 111 -4.68 -2.22 -10.23
CA TRP A 111 -3.83 -1.92 -9.08
C TRP A 111 -2.76 -2.99 -8.89
N ILE A 112 -3.17 -4.24 -8.95
CA ILE A 112 -2.24 -5.36 -8.79
C ILE A 112 -1.10 -5.27 -9.81
N GLN A 113 -1.44 -4.86 -11.02
CA GLN A 113 -0.44 -4.73 -12.09
C GLN A 113 0.73 -3.86 -11.63
N ALA A 114 0.42 -2.72 -11.02
CA ALA A 114 1.44 -1.80 -10.54
C ALA A 114 1.99 -2.26 -9.19
N MET A 115 1.10 -2.45 -8.22
CA MET A 115 1.49 -2.89 -6.89
C MET A 115 2.23 -4.22 -6.95
N GLY A 116 1.54 -5.25 -7.42
CA GLY A 116 2.14 -6.57 -7.51
C GLY A 116 3.58 -6.51 -7.99
N GLU A 117 3.81 -5.80 -9.10
CA GLU A 117 5.15 -5.67 -9.65
C GLU A 117 6.05 -4.84 -8.73
N ALA A 118 5.61 -3.62 -8.44
CA ALA A 118 6.38 -2.73 -7.57
C ALA A 118 6.73 -3.41 -6.26
N ALA A 119 5.92 -4.41 -5.88
CA ALA A 119 6.16 -5.14 -4.64
C ALA A 119 7.19 -6.24 -4.83
N ARG A 120 7.10 -6.93 -5.97
CA ARG A 120 8.04 -8.02 -6.27
C ARG A 120 9.44 -7.65 -5.83
N VAL A 121 10.28 -8.67 -5.65
CA VAL A 121 11.66 -8.46 -5.23
C VAL A 121 12.61 -8.49 -6.42
N GLN A 122 12.13 -9.03 -7.53
CA GLN A 122 12.94 -9.11 -8.74
C GLN A 122 13.69 -7.81 -8.99
N GLY A 1 18.76 20.73 -15.81
CA GLY A 1 19.15 20.60 -14.42
C GLY A 1 19.36 19.16 -14.00
N SER A 2 20.30 18.94 -13.08
CA SER A 2 20.59 17.61 -12.59
C SER A 2 21.19 17.65 -11.19
N SER A 3 21.30 16.48 -10.55
CA SER A 3 21.86 16.40 -9.22
C SER A 3 23.04 15.43 -9.18
N GLY A 4 24.06 15.79 -8.41
CA GLY A 4 25.24 14.94 -8.31
C GLY A 4 25.75 14.84 -6.87
N SER A 5 24.93 14.26 -6.00
CA SER A 5 25.31 14.11 -4.59
C SER A 5 24.50 13.00 -3.93
N SER A 6 25.18 11.94 -3.53
CA SER A 6 24.54 10.81 -2.88
C SER A 6 25.50 10.09 -1.95
N GLY A 7 24.95 9.48 -0.89
CA GLY A 7 25.77 8.76 0.07
C GLY A 7 25.01 7.66 0.78
N GLY A 8 24.47 7.99 1.94
CA GLY A 8 23.71 7.00 2.70
C GLY A 8 23.20 7.56 4.02
N LYS A 9 22.14 6.95 4.54
CA LYS A 9 21.55 7.40 5.80
C LYS A 9 20.68 6.30 6.41
N ARG A 10 20.75 6.16 7.73
CA ARG A 10 19.97 5.14 8.42
C ARG A 10 18.48 5.31 8.15
N SER A 11 17.85 4.27 7.63
CA SER A 11 16.43 4.31 7.31
C SER A 11 15.59 4.49 8.57
N HIS A 12 15.12 5.71 8.80
CA HIS A 12 14.31 6.01 9.97
C HIS A 12 12.95 6.55 9.56
N SER A 13 12.95 7.63 8.77
CA SER A 13 11.70 8.25 8.31
C SER A 13 11.51 8.01 6.81
N MET A 14 10.30 7.57 6.44
CA MET A 14 9.98 7.31 5.04
C MET A 14 9.02 8.36 4.51
N LYS A 15 9.47 9.13 3.52
CA LYS A 15 8.65 10.16 2.92
C LYS A 15 8.61 10.02 1.40
N ARG A 16 7.60 10.62 0.77
CA ARG A 16 7.44 10.56 -0.67
C ARG A 16 7.93 11.85 -1.33
N ASN A 17 8.98 11.74 -2.14
CA ASN A 17 9.54 12.89 -2.83
C ASN A 17 8.55 13.44 -3.86
N PRO A 18 8.51 14.77 -3.99
CA PRO A 18 7.62 15.44 -4.94
C PRO A 18 8.05 15.23 -6.38
N ASN A 19 9.36 15.29 -6.61
CA ASN A 19 9.90 15.11 -7.95
C ASN A 19 9.54 13.73 -8.50
N ALA A 20 9.62 12.72 -7.65
CA ALA A 20 9.30 11.35 -8.04
C ALA A 20 7.94 11.28 -8.71
N PRO A 21 7.88 10.66 -9.89
CA PRO A 21 6.65 10.49 -10.66
C PRO A 21 5.67 9.53 -10.00
N VAL A 22 4.42 9.95 -9.87
CA VAL A 22 3.38 9.12 -9.26
C VAL A 22 3.04 7.93 -10.14
N THR A 23 3.35 6.74 -9.65
CA THR A 23 3.08 5.51 -10.40
C THR A 23 1.59 5.37 -10.68
N LYS A 24 0.80 5.23 -9.62
CA LYS A 24 -0.64 5.09 -9.76
C LYS A 24 -1.37 5.75 -8.59
N ALA A 25 -2.53 6.32 -8.87
CA ALA A 25 -3.33 6.98 -7.84
C ALA A 25 -4.79 6.56 -7.93
N GLY A 26 -5.41 6.33 -6.77
CA GLY A 26 -6.80 5.93 -6.73
C GLY A 26 -7.32 5.75 -5.32
N TRP A 27 -8.57 6.15 -5.09
CA TRP A 27 -9.17 6.04 -3.77
C TRP A 27 -9.47 4.58 -3.43
N LEU A 28 -8.69 4.02 -2.52
CA LEU A 28 -8.88 2.62 -2.11
C LEU A 28 -9.32 2.54 -0.65
N PHE A 29 -9.54 1.33 -0.18
CA PHE A 29 -9.98 1.10 1.20
C PHE A 29 -8.98 0.24 1.95
N LYS A 30 -8.67 0.62 3.18
CA LYS A 30 -7.73 -0.12 4.02
C LYS A 30 -8.44 -0.75 5.21
N GLN A 31 -8.34 -2.07 5.33
CA GLN A 31 -8.97 -2.79 6.43
C GLN A 31 -8.29 -2.46 7.75
N ALA A 32 -9.10 -2.29 8.79
CA ALA A 32 -8.57 -1.96 10.12
C ALA A 32 -7.85 -3.16 10.73
N SER A 33 -8.61 -4.15 11.18
CA SER A 33 -8.03 -5.34 11.79
C SER A 33 -9.10 -6.42 11.97
N SER A 34 -8.70 -7.53 12.59
CA SER A 34 -9.61 -8.64 12.83
C SER A 34 -10.87 -8.16 13.56
N GLY A 35 -10.68 -7.21 14.46
CA GLY A 35 -11.81 -6.67 15.21
C GLY A 35 -13.09 -6.65 14.41
N VAL A 36 -13.35 -5.54 13.73
CA VAL A 36 -14.55 -5.39 12.92
C VAL A 36 -14.21 -5.34 11.44
N LYS A 37 -12.94 -5.62 11.11
CA LYS A 37 -12.48 -5.60 9.74
C LYS A 37 -13.23 -4.55 8.92
N GLN A 38 -13.22 -3.31 9.41
CA GLN A 38 -13.89 -2.20 8.73
C GLN A 38 -13.11 -1.77 7.49
N TRP A 39 -13.57 -0.70 6.86
CA TRP A 39 -12.92 -0.19 5.66
C TRP A 39 -12.99 1.34 5.62
N ASN A 40 -11.86 1.97 5.91
CA ASN A 40 -11.79 3.43 5.91
C ASN A 40 -11.28 3.95 4.56
N LYS A 41 -12.18 4.52 3.77
CA LYS A 41 -11.82 5.05 2.47
C LYS A 41 -10.78 6.15 2.60
N ARG A 42 -9.65 5.98 1.90
CA ARG A 42 -8.56 6.95 1.94
C ARG A 42 -7.87 7.04 0.60
N TRP A 43 -7.27 8.20 0.32
CA TRP A 43 -6.57 8.42 -0.94
C TRP A 43 -5.25 7.64 -0.97
N PHE A 44 -5.12 6.76 -1.95
CA PHE A 44 -3.91 5.95 -2.10
C PHE A 44 -3.03 6.48 -3.22
N VAL A 45 -1.72 6.36 -3.05
CA VAL A 45 -0.77 6.83 -4.06
C VAL A 45 0.48 5.96 -4.07
N LEU A 46 0.85 5.49 -5.25
CA LEU A 46 2.04 4.64 -5.41
C LEU A 46 3.19 5.43 -6.00
N VAL A 47 4.24 5.63 -5.19
CA VAL A 47 5.41 6.37 -5.64
C VAL A 47 6.69 5.73 -5.09
N ASP A 48 7.68 5.57 -5.98
CA ASP A 48 8.96 4.98 -5.59
C ASP A 48 8.76 3.59 -5.00
N ARG A 49 8.09 2.72 -5.77
CA ARG A 49 7.83 1.36 -5.33
C ARG A 49 7.33 1.34 -3.89
N CYS A 50 6.67 2.42 -3.48
CA CYS A 50 6.15 2.53 -2.12
C CYS A 50 4.71 3.04 -2.14
N LEU A 51 3.92 2.61 -1.16
CA LEU A 51 2.53 3.01 -1.07
C LEU A 51 2.35 4.10 -0.02
N PHE A 52 1.68 5.18 -0.40
CA PHE A 52 1.44 6.30 0.50
C PHE A 52 -0.03 6.71 0.48
N TYR A 53 -0.68 6.62 1.64
CA TYR A 53 -2.09 6.98 1.75
C TYR A 53 -2.25 8.31 2.49
N TYR A 54 -2.95 9.24 1.86
CA TYR A 54 -3.19 10.56 2.45
C TYR A 54 -4.65 10.73 2.84
N LYS A 55 -4.88 11.47 3.91
CA LYS A 55 -6.25 11.72 4.38
C LYS A 55 -7.11 12.30 3.27
N ASP A 56 -6.48 13.02 2.35
CA ASP A 56 -7.20 13.63 1.24
C ASP A 56 -6.32 13.67 -0.02
N GLU A 57 -6.94 13.95 -1.16
CA GLU A 57 -6.22 14.01 -2.42
C GLU A 57 -5.19 15.14 -2.41
N LYS A 58 -5.30 16.02 -1.42
CA LYS A 58 -4.39 17.15 -1.30
C LYS A 58 -2.96 16.67 -1.16
N GLU A 59 -2.76 15.57 -0.46
CA GLU A 59 -1.44 15.00 -0.25
C GLU A 59 -0.54 15.99 0.48
N GLU A 60 -1.02 16.50 1.62
CA GLU A 60 -0.26 17.45 2.41
C GLU A 60 0.83 16.74 3.22
N SER A 61 0.43 15.68 3.93
CA SER A 61 1.36 14.92 4.76
C SER A 61 0.99 13.44 4.77
N ILE A 62 2.00 12.58 4.67
CA ILE A 62 1.77 11.14 4.67
C ILE A 62 1.38 10.65 6.06
N LEU A 63 0.19 10.07 6.16
CA LEU A 63 -0.30 9.55 7.44
C LEU A 63 0.43 8.27 7.81
N GLY A 64 0.61 7.38 6.84
CA GLY A 64 1.28 6.13 7.09
C GLY A 64 1.91 5.54 5.85
N SER A 65 3.21 5.27 5.90
CA SER A 65 3.93 4.71 4.76
C SER A 65 4.09 3.21 4.92
N ILE A 66 3.95 2.49 3.81
CA ILE A 66 4.08 1.04 3.82
C ILE A 66 4.84 0.54 2.59
N PRO A 67 6.00 -0.09 2.83
CA PRO A 67 6.85 -0.62 1.76
C PRO A 67 6.22 -1.82 1.06
N LEU A 68 6.11 -1.74 -0.26
CA LEU A 68 5.52 -2.82 -1.05
C LEU A 68 6.61 -3.65 -1.72
N LEU A 69 7.78 -3.05 -1.91
CA LEU A 69 8.90 -3.73 -2.55
C LEU A 69 9.26 -5.00 -1.79
N SER A 70 8.70 -5.15 -0.59
CA SER A 70 8.96 -6.31 0.24
C SER A 70 7.68 -7.07 0.54
N PHE A 71 6.76 -7.08 -0.42
CA PHE A 71 5.48 -7.76 -0.26
C PHE A 71 5.10 -8.51 -1.54
N ARG A 72 4.00 -9.25 -1.48
CA ARG A 72 3.53 -10.01 -2.63
C ARG A 72 2.02 -9.84 -2.82
N VAL A 73 1.63 -8.78 -3.52
CA VAL A 73 0.22 -8.50 -3.76
C VAL A 73 -0.45 -9.67 -4.46
N ALA A 74 -1.70 -9.92 -4.11
CA ALA A 74 -2.47 -11.01 -4.71
C ALA A 74 -3.95 -10.91 -4.36
N ALA A 75 -4.80 -11.11 -5.35
CA ALA A 75 -6.24 -11.04 -5.15
C ALA A 75 -6.69 -12.05 -4.09
N VAL A 76 -7.59 -11.61 -3.22
CA VAL A 76 -8.10 -12.48 -2.16
C VAL A 76 -8.50 -13.84 -2.71
N GLN A 77 -8.46 -14.85 -1.84
CA GLN A 77 -8.81 -16.21 -2.24
C GLN A 77 -10.31 -16.44 -2.10
N PRO A 78 -10.83 -17.44 -2.84
CA PRO A 78 -12.25 -17.79 -2.82
C PRO A 78 -12.67 -18.42 -1.49
N SER A 79 -11.72 -18.51 -0.57
CA SER A 79 -12.00 -19.09 0.74
C SER A 79 -12.00 -18.03 1.83
N ASP A 80 -11.43 -16.88 1.51
CA ASP A 80 -11.36 -15.76 2.45
C ASP A 80 -12.75 -15.44 3.01
N ASN A 81 -12.78 -14.60 4.03
CA ASN A 81 -14.04 -14.20 4.65
C ASN A 81 -14.32 -12.72 4.44
N ILE A 82 -13.89 -12.21 3.29
CA ILE A 82 -14.08 -10.80 2.96
C ILE A 82 -15.41 -10.58 2.25
N SER A 83 -16.39 -10.06 2.98
CA SER A 83 -17.71 -9.80 2.43
C SER A 83 -17.61 -9.24 1.01
N ARG A 84 -16.64 -8.36 0.81
CA ARG A 84 -16.44 -7.75 -0.50
C ARG A 84 -16.08 -8.81 -1.54
N LYS A 85 -15.90 -8.36 -2.79
CA LYS A 85 -15.56 -9.27 -3.88
C LYS A 85 -14.22 -8.89 -4.49
N HIS A 86 -14.16 -7.71 -5.11
CA HIS A 86 -12.93 -7.23 -5.73
C HIS A 86 -11.95 -6.72 -4.68
N THR A 87 -11.23 -7.64 -4.06
CA THR A 87 -10.25 -7.29 -3.04
C THR A 87 -8.91 -7.96 -3.29
N PHE A 88 -7.84 -7.38 -2.74
CA PHE A 88 -6.51 -7.93 -2.90
C PHE A 88 -5.67 -7.73 -1.64
N LYS A 89 -5.03 -8.80 -1.20
CA LYS A 89 -4.20 -8.75 0.00
C LYS A 89 -2.73 -8.95 -0.35
N ALA A 90 -1.86 -8.14 0.27
CA ALA A 90 -0.42 -8.23 0.02
C ALA A 90 0.29 -8.90 1.19
N GLU A 91 0.98 -9.99 0.91
CA GLU A 91 1.72 -10.72 1.94
C GLU A 91 3.22 -10.74 1.64
N HIS A 92 4.03 -10.82 2.69
CA HIS A 92 5.47 -10.84 2.54
C HIS A 92 6.06 -12.11 3.14
N ALA A 93 5.19 -12.97 3.66
CA ALA A 93 5.62 -14.23 4.27
C ALA A 93 6.81 -14.00 5.19
N GLY A 94 6.71 -13.00 6.05
CA GLY A 94 7.79 -12.70 6.97
C GLY A 94 7.50 -11.48 7.82
N VAL A 95 6.75 -10.53 7.26
CA VAL A 95 6.40 -9.30 7.97
C VAL A 95 4.93 -9.29 8.36
N ARG A 96 4.06 -9.15 7.37
CA ARG A 96 2.62 -9.13 7.61
C ARG A 96 1.85 -9.14 6.29
N THR A 97 0.56 -9.43 6.38
CA THR A 97 -0.30 -9.48 5.20
C THR A 97 -1.38 -8.41 5.25
N TYR A 98 -1.20 -7.37 4.43
CA TYR A 98 -2.16 -6.27 4.39
C TYR A 98 -3.29 -6.58 3.40
N PHE A 99 -4.38 -5.83 3.51
CA PHE A 99 -5.52 -6.01 2.63
C PHE A 99 -5.93 -4.69 1.98
N PHE A 100 -6.55 -4.79 0.81
CA PHE A 100 -6.99 -3.61 0.07
C PHE A 100 -8.15 -3.94 -0.86
N SER A 101 -9.26 -3.25 -0.69
CA SER A 101 -10.45 -3.48 -1.52
C SER A 101 -10.54 -2.45 -2.63
N ALA A 102 -11.30 -2.77 -3.67
CA ALA A 102 -11.46 -1.88 -4.81
C ALA A 102 -12.93 -1.77 -5.21
N GLU A 103 -13.47 -0.54 -5.17
CA GLU A 103 -14.85 -0.31 -5.52
C GLU A 103 -15.26 -1.15 -6.73
N SER A 104 -14.46 -1.10 -7.78
CA SER A 104 -14.73 -1.85 -9.00
C SER A 104 -13.64 -2.89 -9.25
N PRO A 105 -14.00 -3.94 -10.02
CA PRO A 105 -13.06 -5.01 -10.35
C PRO A 105 -11.96 -4.56 -11.30
N GLU A 106 -12.21 -3.45 -12.00
CA GLU A 106 -11.24 -2.92 -12.95
C GLU A 106 -10.10 -2.23 -12.22
N GLU A 107 -10.40 -1.62 -11.07
CA GLU A 107 -9.39 -0.93 -10.28
C GLU A 107 -8.46 -1.94 -9.59
N GLN A 108 -9.05 -2.93 -8.94
CA GLN A 108 -8.27 -3.95 -8.24
C GLN A 108 -7.21 -4.55 -9.16
N GLU A 109 -7.66 -5.12 -10.28
CA GLU A 109 -6.75 -5.73 -11.24
C GLU A 109 -5.69 -4.73 -11.70
N ALA A 110 -6.14 -3.55 -12.10
CA ALA A 110 -5.23 -2.50 -12.57
C ALA A 110 -4.16 -2.20 -11.52
N TRP A 111 -4.58 -2.10 -10.26
CA TRP A 111 -3.67 -1.82 -9.17
C TRP A 111 -2.61 -2.90 -9.04
N ILE A 112 -3.07 -4.14 -8.84
CA ILE A 112 -2.15 -5.27 -8.71
C ILE A 112 -1.01 -5.19 -9.71
N GLN A 113 -1.34 -4.74 -10.92
CA GLN A 113 -0.33 -4.61 -11.98
C GLN A 113 0.81 -3.73 -11.53
N ALA A 114 0.49 -2.60 -10.90
CA ALA A 114 1.51 -1.67 -10.42
C ALA A 114 2.08 -2.13 -9.09
N MET A 115 1.20 -2.51 -8.17
CA MET A 115 1.62 -2.97 -6.85
C MET A 115 2.32 -4.32 -6.94
N GLY A 116 1.59 -5.33 -7.39
CA GLY A 116 2.16 -6.66 -7.53
C GLY A 116 3.56 -6.63 -8.13
N GLU A 117 3.72 -5.85 -9.18
CA GLU A 117 5.02 -5.73 -9.86
C GLU A 117 6.00 -4.93 -9.01
N ALA A 118 5.67 -3.67 -8.76
CA ALA A 118 6.52 -2.80 -7.96
C ALA A 118 6.99 -3.49 -6.69
N ALA A 119 6.15 -4.40 -6.18
CA ALA A 119 6.47 -5.14 -4.97
C ALA A 119 7.67 -6.06 -5.19
N ARG A 120 7.67 -6.77 -6.30
CA ARG A 120 8.75 -7.69 -6.62
C ARG A 120 10.08 -7.15 -6.13
N VAL A 121 10.83 -7.99 -5.41
CA VAL A 121 12.13 -7.59 -4.88
C VAL A 121 13.26 -8.03 -5.80
N GLN A 122 12.93 -8.91 -6.75
CA GLN A 122 13.92 -9.40 -7.70
C GLN A 122 13.87 -8.62 -9.00
N GLY A 1 27.02 16.02 33.43
CA GLY A 1 25.73 15.41 33.16
C GLY A 1 24.70 16.43 32.70
N SER A 2 23.58 15.93 32.20
CA SER A 2 22.51 16.80 31.71
C SER A 2 21.15 16.13 31.86
N SER A 3 20.09 16.88 31.58
CA SER A 3 18.73 16.37 31.69
C SER A 3 18.38 15.50 30.48
N GLY A 4 17.98 14.26 30.74
CA GLY A 4 17.62 13.37 29.66
C GLY A 4 18.51 12.14 29.61
N SER A 5 17.94 11.00 29.23
CA SER A 5 18.70 9.75 29.15
C SER A 5 19.44 9.66 27.82
N SER A 6 20.39 8.73 27.74
CA SER A 6 21.17 8.52 26.52
C SER A 6 20.63 7.36 25.71
N GLY A 7 20.45 7.59 24.41
CA GLY A 7 19.94 6.55 23.54
C GLY A 7 20.31 6.77 22.08
N GLY A 8 19.38 7.33 21.32
CA GLY A 8 19.64 7.59 19.91
C GLY A 8 18.41 8.07 19.17
N LYS A 9 18.62 8.88 18.14
CA LYS A 9 17.52 9.41 17.35
C LYS A 9 16.80 8.30 16.59
N ARG A 10 15.67 8.64 15.98
CA ARG A 10 14.89 7.66 15.22
C ARG A 10 15.81 6.66 14.52
N SER A 11 15.34 5.42 14.41
CA SER A 11 16.11 4.37 13.77
C SER A 11 15.94 4.41 12.26
N HIS A 12 14.68 4.28 11.81
CA HIS A 12 14.37 4.30 10.39
C HIS A 12 13.07 5.05 10.13
N SER A 13 13.10 5.96 9.17
CA SER A 13 11.92 6.75 8.82
C SER A 13 11.86 7.01 7.32
N MET A 14 10.92 6.36 6.65
CA MET A 14 10.75 6.51 5.21
C MET A 14 9.93 7.75 4.90
N LYS A 15 9.89 8.13 3.62
CA LYS A 15 9.14 9.30 3.19
C LYS A 15 9.14 9.42 1.66
N ARG A 16 8.19 10.16 1.13
CA ARG A 16 8.09 10.36 -0.32
C ARG A 16 8.90 11.57 -0.77
N ASN A 17 9.56 11.44 -1.90
CA ASN A 17 10.38 12.52 -2.44
C ASN A 17 9.51 13.57 -3.13
N PRO A 18 9.99 14.82 -3.13
CA PRO A 18 9.27 15.94 -3.76
C PRO A 18 9.26 15.83 -5.28
N ASN A 19 10.38 15.42 -5.85
CA ASN A 19 10.50 15.29 -7.30
C ASN A 19 10.27 13.84 -7.73
N ALA A 20 9.28 13.19 -7.11
CA ALA A 20 8.96 11.81 -7.43
C ALA A 20 7.63 11.71 -8.18
N PRO A 21 7.66 11.12 -9.37
CA PRO A 21 6.47 10.95 -10.21
C PRO A 21 5.49 9.94 -9.63
N VAL A 22 4.22 10.33 -9.56
CA VAL A 22 3.18 9.46 -9.02
C VAL A 22 2.94 8.26 -9.93
N THR A 23 3.26 7.07 -9.42
CA THR A 23 3.08 5.84 -10.19
C THR A 23 1.60 5.59 -10.49
N LYS A 24 0.80 5.53 -9.44
CA LYS A 24 -0.64 5.30 -9.59
C LYS A 24 -1.41 5.86 -8.39
N ALA A 25 -2.47 6.60 -8.68
CA ALA A 25 -3.30 7.19 -7.63
C ALA A 25 -4.75 6.76 -7.77
N GLY A 26 -5.42 6.57 -6.64
CA GLY A 26 -6.81 6.16 -6.66
C GLY A 26 -7.37 5.89 -5.27
N TRP A 27 -8.60 6.30 -5.04
CA TRP A 27 -9.24 6.10 -3.74
C TRP A 27 -9.57 4.63 -3.51
N LEU A 28 -8.88 4.02 -2.55
CA LEU A 28 -9.09 2.61 -2.23
C LEU A 28 -9.59 2.45 -0.80
N PHE A 29 -9.93 1.22 -0.43
CA PHE A 29 -10.42 0.93 0.91
C PHE A 29 -9.39 0.12 1.70
N LYS A 30 -9.05 0.60 2.89
CA LYS A 30 -8.08 -0.07 3.75
C LYS A 30 -8.78 -0.81 4.87
N GLN A 31 -8.78 -2.14 4.79
CA GLN A 31 -9.40 -2.97 5.81
C GLN A 31 -8.86 -2.64 7.20
N ALA A 32 -9.75 -2.62 8.19
CA ALA A 32 -9.36 -2.31 9.56
C ALA A 32 -8.49 -3.43 10.14
N SER A 33 -7.97 -3.19 11.34
CA SER A 33 -7.12 -4.18 12.01
C SER A 33 -7.96 -5.26 12.67
N SER A 34 -7.30 -6.31 13.13
CA SER A 34 -7.97 -7.43 13.79
C SER A 34 -8.95 -6.91 14.84
N GLY A 35 -10.09 -7.57 14.96
CA GLY A 35 -11.09 -7.17 15.94
C GLY A 35 -12.35 -6.63 15.29
N VAL A 36 -12.26 -5.44 14.72
CA VAL A 36 -13.40 -4.81 14.06
C VAL A 36 -13.39 -5.08 12.57
N LYS A 37 -14.58 -5.26 11.99
CA LYS A 37 -14.71 -5.52 10.56
C LYS A 37 -15.27 -4.30 9.83
N GLN A 38 -14.36 -3.44 9.36
CA GLN A 38 -14.76 -2.23 8.65
C GLN A 38 -13.70 -1.82 7.65
N TRP A 39 -14.09 -1.04 6.64
CA TRP A 39 -13.17 -0.57 5.62
C TRP A 39 -13.06 0.95 5.63
N ASN A 40 -11.84 1.45 5.73
CA ASN A 40 -11.60 2.89 5.75
C ASN A 40 -11.17 3.39 4.38
N LYS A 41 -11.99 4.24 3.77
CA LYS A 41 -11.70 4.79 2.46
C LYS A 41 -10.72 5.97 2.57
N ARG A 42 -9.55 5.81 1.98
CA ARG A 42 -8.53 6.86 2.01
C ARG A 42 -7.85 7.00 0.65
N TRP A 43 -7.18 8.13 0.44
CA TRP A 43 -6.49 8.38 -0.82
C TRP A 43 -5.19 7.59 -0.90
N PHE A 44 -5.13 6.67 -1.85
CA PHE A 44 -3.94 5.83 -2.03
C PHE A 44 -3.10 6.33 -3.19
N VAL A 45 -1.79 6.42 -2.97
CA VAL A 45 -0.88 6.87 -4.01
C VAL A 45 0.40 6.03 -4.03
N LEU A 46 0.79 5.58 -5.21
CA LEU A 46 1.99 4.76 -5.37
C LEU A 46 3.13 5.59 -5.95
N VAL A 47 4.17 5.80 -5.14
CA VAL A 47 5.33 6.57 -5.57
C VAL A 47 6.63 5.95 -5.06
N ASP A 48 7.62 5.87 -5.93
CA ASP A 48 8.91 5.30 -5.57
C ASP A 48 8.76 3.85 -5.12
N ARG A 49 8.13 3.04 -5.96
CA ARG A 49 7.91 1.63 -5.67
C ARG A 49 7.42 1.45 -4.23
N CYS A 50 6.67 2.44 -3.74
CA CYS A 50 6.14 2.40 -2.38
C CYS A 50 4.70 2.90 -2.34
N LEU A 51 3.95 2.45 -1.34
CA LEU A 51 2.56 2.85 -1.19
C LEU A 51 2.41 3.95 -0.14
N PHE A 52 1.69 5.01 -0.48
CA PHE A 52 1.48 6.12 0.43
C PHE A 52 0.00 6.50 0.48
N TYR A 53 -0.58 6.40 1.67
CA TYR A 53 -1.98 6.74 1.87
C TYR A 53 -2.14 8.06 2.60
N TYR A 54 -2.85 8.99 1.98
CA TYR A 54 -3.07 10.32 2.57
C TYR A 54 -4.53 10.48 3.00
N LYS A 55 -4.78 11.49 3.82
CA LYS A 55 -6.12 11.76 4.31
C LYS A 55 -7.05 12.14 3.16
N ASP A 56 -6.51 12.84 2.17
CA ASP A 56 -7.29 13.25 1.01
C ASP A 56 -6.39 13.44 -0.20
N GLU A 57 -6.99 13.87 -1.32
CA GLU A 57 -6.24 14.09 -2.56
C GLU A 57 -5.23 15.22 -2.38
N LYS A 58 -5.41 16.03 -1.34
CA LYS A 58 -4.51 17.13 -1.06
C LYS A 58 -3.09 16.65 -0.85
N GLU A 59 -2.94 15.50 -0.20
CA GLU A 59 -1.63 14.93 0.05
C GLU A 59 -0.75 15.91 0.82
N GLU A 60 -1.28 16.46 1.90
CA GLU A 60 -0.54 17.41 2.72
C GLU A 60 0.65 16.75 3.39
N SER A 61 0.42 15.57 3.94
CA SER A 61 1.49 14.82 4.63
C SER A 61 1.18 13.33 4.64
N ILE A 62 2.23 12.51 4.55
CA ILE A 62 2.07 11.07 4.56
C ILE A 62 1.69 10.55 5.94
N LEU A 63 0.49 9.99 6.05
CA LEU A 63 0.01 9.46 7.32
C LEU A 63 0.74 8.16 7.68
N GLY A 64 1.05 7.37 6.66
CA GLY A 64 1.75 6.11 6.88
C GLY A 64 2.30 5.51 5.60
N SER A 65 3.57 5.15 5.63
CA SER A 65 4.23 4.57 4.46
C SER A 65 4.38 3.06 4.62
N ILE A 66 4.37 2.35 3.50
CA ILE A 66 4.51 0.90 3.50
C ILE A 66 5.24 0.41 2.26
N PRO A 67 6.44 -0.17 2.47
CA PRO A 67 7.25 -0.70 1.37
C PRO A 67 6.64 -1.94 0.74
N LEU A 68 6.30 -1.84 -0.55
CA LEU A 68 5.71 -2.96 -1.27
C LEU A 68 6.79 -3.86 -1.85
N LEU A 69 7.95 -3.29 -2.12
CA LEU A 69 9.07 -4.05 -2.68
C LEU A 69 9.33 -5.31 -1.86
N SER A 70 8.80 -5.34 -0.64
CA SER A 70 8.98 -6.48 0.23
C SER A 70 7.71 -7.32 0.30
N PHE A 71 6.58 -6.69 0.01
CA PHE A 71 5.29 -7.38 0.03
C PHE A 71 5.01 -8.05 -1.31
N ARG A 72 4.06 -8.98 -1.31
CA ARG A 72 3.68 -9.69 -2.52
C ARG A 72 2.18 -9.63 -2.76
N VAL A 73 1.68 -8.45 -3.10
CA VAL A 73 0.26 -8.25 -3.36
C VAL A 73 -0.33 -9.44 -4.11
N ALA A 74 -1.58 -9.77 -3.79
CA ALA A 74 -2.27 -10.89 -4.44
C ALA A 74 -3.74 -10.91 -4.07
N ALA A 75 -4.60 -11.03 -5.08
CA ALA A 75 -6.04 -11.08 -4.85
C ALA A 75 -6.39 -11.98 -3.68
N VAL A 76 -7.63 -11.90 -3.22
CA VAL A 76 -8.10 -12.71 -2.10
C VAL A 76 -8.63 -14.06 -2.59
N GLN A 77 -9.17 -14.84 -1.66
CA GLN A 77 -9.71 -16.15 -1.98
C GLN A 77 -11.17 -16.26 -1.52
N PRO A 78 -11.93 -17.15 -2.18
CA PRO A 78 -13.34 -17.38 -1.85
C PRO A 78 -13.51 -18.08 -0.51
N SER A 79 -12.40 -18.37 0.16
CA SER A 79 -12.43 -19.05 1.44
C SER A 79 -12.10 -18.08 2.57
N ASP A 80 -11.80 -16.83 2.21
CA ASP A 80 -11.47 -15.81 3.20
C ASP A 80 -12.72 -15.09 3.67
N ASN A 81 -12.60 -14.35 4.77
CA ASN A 81 -13.73 -13.62 5.33
C ASN A 81 -13.84 -12.23 4.70
N ILE A 82 -13.78 -12.17 3.38
CA ILE A 82 -13.87 -10.91 2.65
C ILE A 82 -15.30 -10.63 2.22
N SER A 83 -15.79 -9.44 2.52
CA SER A 83 -17.14 -9.04 2.17
C SER A 83 -17.22 -8.60 0.71
N ARG A 84 -16.17 -7.92 0.25
CA ARG A 84 -16.12 -7.45 -1.13
C ARG A 84 -15.60 -8.53 -2.07
N LYS A 85 -15.99 -8.46 -3.32
CA LYS A 85 -15.57 -9.44 -4.32
C LYS A 85 -14.17 -9.13 -4.84
N HIS A 86 -14.03 -7.98 -5.49
CA HIS A 86 -12.75 -7.56 -6.05
C HIS A 86 -11.86 -6.98 -4.95
N THR A 87 -11.15 -7.85 -4.24
CA THR A 87 -10.26 -7.42 -3.17
C THR A 87 -8.88 -8.05 -3.31
N PHE A 88 -7.89 -7.42 -2.68
CA PHE A 88 -6.52 -7.92 -2.74
C PHE A 88 -5.74 -7.50 -1.49
N LYS A 89 -5.03 -8.46 -0.90
CA LYS A 89 -4.23 -8.20 0.29
C LYS A 89 -2.75 -8.43 0.02
N ALA A 90 -1.90 -7.64 0.67
CA ALA A 90 -0.45 -7.77 0.50
C ALA A 90 0.20 -8.31 1.77
N GLU A 91 1.16 -9.19 1.60
CA GLU A 91 1.87 -9.79 2.74
C GLU A 91 3.38 -9.73 2.52
N HIS A 92 4.13 -9.78 3.62
CA HIS A 92 5.58 -9.74 3.56
C HIS A 92 6.19 -11.04 4.10
N ALA A 93 5.32 -11.95 4.54
CA ALA A 93 5.77 -13.23 5.07
C ALA A 93 6.77 -13.02 6.21
N GLY A 94 6.40 -12.16 7.16
CA GLY A 94 7.28 -11.89 8.28
C GLY A 94 6.79 -10.72 9.12
N VAL A 95 6.33 -9.67 8.46
CA VAL A 95 5.84 -8.48 9.16
C VAL A 95 4.33 -8.57 9.40
N ARG A 96 3.56 -8.39 8.34
CA ARG A 96 2.10 -8.45 8.43
C ARG A 96 1.47 -8.57 7.05
N THR A 97 0.14 -8.58 7.02
CA THR A 97 -0.59 -8.68 5.76
C THR A 97 -1.67 -7.61 5.66
N TYR A 98 -1.43 -6.63 4.78
CA TYR A 98 -2.39 -5.54 4.59
C TYR A 98 -3.48 -5.94 3.59
N PHE A 99 -4.65 -5.31 3.72
CA PHE A 99 -5.77 -5.60 2.84
C PHE A 99 -6.20 -4.35 2.09
N PHE A 100 -6.73 -4.53 0.88
CA PHE A 100 -7.19 -3.42 0.06
C PHE A 100 -8.28 -3.86 -0.91
N SER A 101 -9.47 -3.31 -0.74
CA SER A 101 -10.60 -3.66 -1.60
C SER A 101 -10.88 -2.54 -2.61
N ALA A 102 -11.54 -2.90 -3.70
CA ALA A 102 -11.86 -1.93 -4.75
C ALA A 102 -13.34 -2.00 -5.11
N GLU A 103 -13.90 -0.85 -5.48
CA GLU A 103 -15.31 -0.77 -5.85
C GLU A 103 -15.58 -1.53 -7.14
N SER A 104 -14.68 -1.37 -8.11
CA SER A 104 -14.82 -2.04 -9.40
C SER A 104 -13.65 -2.97 -9.66
N PRO A 105 -13.89 -4.02 -10.46
CA PRO A 105 -12.86 -5.00 -10.81
C PRO A 105 -11.78 -4.43 -11.72
N GLU A 106 -12.12 -3.34 -12.41
CA GLU A 106 -11.17 -2.70 -13.32
C GLU A 106 -10.09 -1.96 -12.54
N GLU A 107 -10.34 -1.73 -11.25
CA GLU A 107 -9.38 -1.04 -10.40
C GLU A 107 -8.47 -2.03 -9.70
N GLN A 108 -9.07 -3.03 -9.06
CA GLN A 108 -8.30 -4.06 -8.34
C GLN A 108 -7.21 -4.63 -9.22
N GLU A 109 -7.60 -5.12 -10.40
CA GLU A 109 -6.64 -5.69 -11.33
C GLU A 109 -5.57 -4.68 -11.72
N ALA A 110 -5.99 -3.49 -12.11
CA ALA A 110 -5.06 -2.44 -12.50
C ALA A 110 -4.11 -2.11 -11.37
N TRP A 111 -4.61 -2.18 -10.14
CA TRP A 111 -3.78 -1.89 -8.98
C TRP A 111 -2.75 -2.98 -8.74
N ILE A 112 -3.17 -4.23 -8.90
CA ILE A 112 -2.27 -5.36 -8.71
C ILE A 112 -1.12 -5.32 -9.70
N GLN A 113 -1.41 -4.95 -10.93
CA GLN A 113 -0.39 -4.85 -11.97
C GLN A 113 0.78 -3.98 -11.51
N ALA A 114 0.46 -2.83 -10.95
CA ALA A 114 1.48 -1.90 -10.48
C ALA A 114 2.03 -2.35 -9.13
N MET A 115 1.14 -2.58 -8.18
CA MET A 115 1.55 -3.02 -6.84
C MET A 115 2.24 -4.38 -6.90
N GLY A 116 1.51 -5.39 -7.36
CA GLY A 116 2.07 -6.72 -7.45
C GLY A 116 3.46 -6.73 -8.06
N GLU A 117 3.61 -6.07 -9.21
CA GLU A 117 4.90 -6.00 -9.88
C GLU A 117 5.91 -5.19 -9.06
N ALA A 118 5.51 -3.98 -8.68
CA ALA A 118 6.37 -3.11 -7.89
C ALA A 118 6.81 -3.79 -6.60
N ALA A 119 6.02 -4.76 -6.16
CA ALA A 119 6.32 -5.49 -4.93
C ALA A 119 7.37 -6.57 -5.19
N ARG A 120 7.33 -7.15 -6.38
CA ARG A 120 8.27 -8.20 -6.74
C ARG A 120 9.68 -7.85 -6.30
N VAL A 121 10.38 -8.83 -5.71
CA VAL A 121 11.73 -8.62 -5.23
C VAL A 121 12.72 -9.55 -5.93
N GLN A 122 12.17 -10.55 -6.63
CA GLN A 122 13.01 -11.50 -7.36
C GLN A 122 13.24 -11.04 -8.80
N GLY A 1 21.34 -27.42 16.32
CA GLY A 1 21.36 -26.01 16.00
C GLY A 1 21.47 -25.13 17.22
N SER A 2 22.71 -24.83 17.62
CA SER A 2 22.95 -23.99 18.80
C SER A 2 23.83 -22.81 18.44
N SER A 3 23.20 -21.73 17.98
CA SER A 3 23.93 -20.53 17.61
C SER A 3 23.00 -19.32 17.56
N GLY A 4 23.57 -18.13 17.77
CA GLY A 4 22.77 -16.92 17.75
C GLY A 4 22.68 -16.30 16.36
N SER A 5 22.05 -15.13 16.28
CA SER A 5 21.90 -14.45 15.00
C SER A 5 21.99 -12.94 15.19
N SER A 6 22.87 -12.30 14.40
CA SER A 6 23.05 -10.85 14.49
C SER A 6 21.82 -10.12 13.97
N GLY A 7 21.22 -9.32 14.86
CA GLY A 7 20.04 -8.57 14.48
C GLY A 7 20.36 -7.41 13.56
N GLY A 8 19.44 -7.11 12.65
CA GLY A 8 19.65 -6.01 11.72
C GLY A 8 18.88 -4.76 12.10
N LYS A 9 17.55 -4.88 12.15
CA LYS A 9 16.70 -3.75 12.52
C LYS A 9 15.27 -4.21 12.76
N ARG A 10 14.54 -3.45 13.56
CA ARG A 10 13.16 -3.78 13.87
C ARG A 10 12.21 -3.20 12.82
N SER A 11 12.21 -1.88 12.69
CA SER A 11 11.35 -1.22 11.72
C SER A 11 11.76 0.25 11.55
N HIS A 12 12.18 0.60 10.34
CA HIS A 12 12.61 1.96 10.04
C HIS A 12 11.55 2.70 9.22
N SER A 13 11.44 4.00 9.44
CA SER A 13 10.47 4.82 8.73
C SER A 13 10.97 5.17 7.33
N MET A 14 10.04 5.38 6.40
CA MET A 14 10.39 5.72 5.03
C MET A 14 9.96 7.14 4.70
N LYS A 15 10.35 7.62 3.53
CA LYS A 15 10.00 8.97 3.08
C LYS A 15 9.72 9.00 1.59
N ARG A 16 8.83 9.89 1.17
CA ARG A 16 8.48 10.03 -0.23
C ARG A 16 9.02 11.34 -0.81
N ASN A 17 9.41 11.30 -2.07
CA ASN A 17 9.95 12.49 -2.74
C ASN A 17 8.93 13.08 -3.70
N PRO A 18 8.87 14.41 -3.76
CA PRO A 18 7.93 15.13 -4.63
C PRO A 18 8.30 14.98 -6.11
N ASN A 19 9.60 15.08 -6.40
CA ASN A 19 10.07 14.95 -7.77
C ASN A 19 9.67 13.61 -8.38
N ALA A 20 9.76 12.55 -7.57
CA ALA A 20 9.41 11.22 -8.02
C ALA A 20 8.05 11.21 -8.70
N PRO A 21 7.97 10.59 -9.89
CA PRO A 21 6.74 10.50 -10.66
C PRO A 21 5.71 9.58 -10.01
N VAL A 22 4.46 10.03 -9.95
CA VAL A 22 3.39 9.24 -9.35
C VAL A 22 3.06 8.03 -10.22
N THR A 23 3.30 6.83 -9.67
CA THR A 23 3.03 5.60 -10.40
C THR A 23 1.54 5.41 -10.62
N LYS A 24 0.78 5.34 -9.53
CA LYS A 24 -0.67 5.16 -9.61
C LYS A 24 -1.37 5.87 -8.46
N ALA A 25 -2.56 6.40 -8.73
CA ALA A 25 -3.33 7.10 -7.71
C ALA A 25 -4.81 6.77 -7.82
N GLY A 26 -5.40 6.36 -6.71
CA GLY A 26 -6.81 6.01 -6.69
C GLY A 26 -7.35 5.78 -5.30
N TRP A 27 -8.62 6.10 -5.09
CA TRP A 27 -9.25 5.91 -3.78
C TRP A 27 -9.48 4.44 -3.50
N LEU A 28 -8.77 3.92 -2.49
CA LEU A 28 -8.91 2.51 -2.12
C LEU A 28 -9.47 2.38 -0.70
N PHE A 29 -9.78 1.15 -0.31
CA PHE A 29 -10.32 0.89 1.03
C PHE A 29 -9.38 0.00 1.82
N LYS A 30 -8.93 0.49 2.98
CA LYS A 30 -8.03 -0.27 3.83
C LYS A 30 -8.75 -0.75 5.08
N GLN A 31 -8.89 -2.07 5.20
CA GLN A 31 -9.56 -2.66 6.35
C GLN A 31 -8.90 -2.22 7.66
N ALA A 32 -9.70 -2.12 8.71
CA ALA A 32 -9.19 -1.70 10.02
C ALA A 32 -8.91 -2.92 10.90
N SER A 33 -7.64 -3.26 11.02
CA SER A 33 -7.23 -4.40 11.84
C SER A 33 -7.39 -4.09 13.33
N SER A 34 -6.83 -2.97 13.75
CA SER A 34 -6.91 -2.57 15.15
C SER A 34 -8.21 -1.82 15.42
N GLY A 35 -8.56 -1.71 16.70
CA GLY A 35 -9.80 -1.02 17.08
C GLY A 35 -11.00 -1.55 16.34
N VAL A 36 -11.90 -0.64 15.94
CA VAL A 36 -13.10 -1.02 15.23
C VAL A 36 -12.76 -1.75 13.93
N LYS A 37 -13.74 -2.48 13.40
CA LYS A 37 -13.55 -3.23 12.16
C LYS A 37 -14.44 -2.67 11.05
N GLN A 38 -13.87 -1.82 10.21
CA GLN A 38 -14.61 -1.22 9.10
C GLN A 38 -13.67 -0.67 8.04
N TRP A 39 -13.94 -0.99 6.78
CA TRP A 39 -13.11 -0.52 5.68
C TRP A 39 -13.06 1.00 5.64
N ASN A 40 -11.87 1.56 5.85
CA ASN A 40 -11.69 3.00 5.83
C ASN A 40 -11.24 3.49 4.45
N LYS A 41 -12.08 4.31 3.82
CA LYS A 41 -11.77 4.84 2.50
C LYS A 41 -10.78 5.99 2.60
N ARG A 42 -9.58 5.78 2.05
CA ARG A 42 -8.54 6.79 2.08
C ARG A 42 -7.88 6.93 0.71
N TRP A 43 -7.22 8.06 0.48
CA TRP A 43 -6.54 8.31 -0.78
C TRP A 43 -5.22 7.57 -0.85
N PHE A 44 -5.11 6.63 -1.79
CA PHE A 44 -3.88 5.85 -1.95
C PHE A 44 -3.05 6.39 -3.11
N VAL A 45 -1.73 6.28 -2.98
CA VAL A 45 -0.82 6.74 -4.01
C VAL A 45 0.44 5.89 -4.06
N LEU A 46 0.90 5.58 -5.27
CA LEU A 46 2.10 4.76 -5.46
C LEU A 46 3.23 5.60 -6.04
N VAL A 47 4.27 5.81 -5.25
CA VAL A 47 5.43 6.58 -5.69
C VAL A 47 6.73 5.98 -5.16
N ASP A 48 7.73 5.90 -6.03
CA ASP A 48 9.03 5.36 -5.65
C ASP A 48 8.88 3.93 -5.14
N ARG A 49 8.25 3.08 -5.94
CA ARG A 49 8.04 1.69 -5.57
C ARG A 49 7.55 1.58 -4.13
N CYS A 50 6.87 2.62 -3.66
CA CYS A 50 6.34 2.63 -2.30
C CYS A 50 4.90 3.13 -2.28
N LEU A 51 4.14 2.64 -1.32
CA LEU A 51 2.73 3.03 -1.18
C LEU A 51 2.56 4.11 -0.12
N PHE A 52 1.75 5.11 -0.43
CA PHE A 52 1.50 6.20 0.50
C PHE A 52 0.02 6.58 0.53
N TYR A 53 -0.59 6.47 1.69
CA TYR A 53 -2.01 6.78 1.85
C TYR A 53 -2.19 8.12 2.56
N TYR A 54 -2.87 9.05 1.90
CA TYR A 54 -3.11 10.37 2.47
C TYR A 54 -4.55 10.50 2.97
N LYS A 55 -4.80 11.51 3.80
CA LYS A 55 -6.12 11.74 4.35
C LYS A 55 -7.13 12.01 3.24
N ASP A 56 -6.66 12.63 2.16
CA ASP A 56 -7.53 12.96 1.02
C ASP A 56 -6.70 13.25 -0.22
N GLU A 57 -7.37 13.63 -1.30
CA GLU A 57 -6.69 13.95 -2.55
C GLU A 57 -5.69 15.08 -2.36
N LYS A 58 -6.00 15.98 -1.42
CA LYS A 58 -5.13 17.11 -1.15
C LYS A 58 -3.67 16.66 -1.01
N GLU A 59 -3.47 15.46 -0.48
CA GLU A 59 -2.13 14.92 -0.29
C GLU A 59 -1.25 15.89 0.49
N GLU A 60 -1.79 16.43 1.57
CA GLU A 60 -1.06 17.38 2.40
C GLU A 60 0.21 16.74 2.96
N SER A 61 0.04 15.66 3.73
CA SER A 61 1.17 14.96 4.33
C SER A 61 0.87 13.47 4.47
N ILE A 62 1.88 12.65 4.24
CA ILE A 62 1.73 11.21 4.33
C ILE A 62 1.47 10.78 5.77
N LEU A 63 0.40 10.02 5.98
CA LEU A 63 0.04 9.55 7.31
C LEU A 63 0.82 8.30 7.67
N GLY A 64 1.02 7.42 6.68
CA GLY A 64 1.76 6.19 6.92
C GLY A 64 2.33 5.61 5.64
N SER A 65 3.56 5.11 5.72
CA SER A 65 4.22 4.52 4.56
C SER A 65 4.44 3.03 4.75
N ILE A 66 4.27 2.26 3.68
CA ILE A 66 4.46 0.81 3.74
C ILE A 66 5.16 0.31 2.48
N PRO A 67 6.31 -0.37 2.69
CA PRO A 67 7.10 -0.93 1.59
C PRO A 67 6.41 -2.11 0.92
N LEU A 68 6.23 -2.02 -0.40
CA LEU A 68 5.58 -3.08 -1.15
C LEU A 68 6.62 -4.02 -1.75
N LEU A 69 7.82 -3.51 -1.97
CA LEU A 69 8.91 -4.30 -2.55
C LEU A 69 9.21 -5.52 -1.67
N SER A 70 8.61 -5.55 -0.48
CA SER A 70 8.82 -6.64 0.45
C SER A 70 7.51 -7.38 0.74
N PHE A 71 6.58 -7.30 -0.22
CA PHE A 71 5.28 -7.95 -0.07
C PHE A 71 4.87 -8.62 -1.38
N ARG A 72 3.95 -9.58 -1.27
CA ARG A 72 3.47 -10.31 -2.44
C ARG A 72 1.98 -10.05 -2.66
N VAL A 73 1.67 -8.87 -3.19
CA VAL A 73 0.28 -8.50 -3.45
C VAL A 73 -0.45 -9.61 -4.21
N ALA A 74 -1.74 -9.76 -3.93
CA ALA A 74 -2.55 -10.78 -4.58
C ALA A 74 -4.01 -10.65 -4.19
N ALA A 75 -4.90 -11.16 -5.03
CA ALA A 75 -6.33 -11.11 -4.77
C ALA A 75 -6.71 -11.98 -3.58
N VAL A 76 -7.90 -11.75 -3.04
CA VAL A 76 -8.38 -12.51 -1.89
C VAL A 76 -8.87 -13.89 -2.31
N GLN A 77 -9.09 -14.76 -1.33
CA GLN A 77 -9.57 -16.11 -1.61
C GLN A 77 -10.98 -16.32 -1.05
N PRO A 78 -11.68 -17.32 -1.59
CA PRO A 78 -13.04 -17.65 -1.16
C PRO A 78 -13.09 -18.23 0.24
N SER A 79 -11.92 -18.44 0.83
CA SER A 79 -11.82 -19.00 2.18
C SER A 79 -11.46 -17.93 3.19
N ASP A 80 -10.97 -16.79 2.69
CA ASP A 80 -10.58 -15.68 3.54
C ASP A 80 -11.81 -15.00 4.15
N ASN A 81 -11.59 -14.20 5.19
CA ASN A 81 -12.68 -13.50 5.86
C ASN A 81 -13.02 -12.21 5.13
N ILE A 82 -13.17 -12.30 3.81
CA ILE A 82 -13.51 -11.14 2.99
C ILE A 82 -14.80 -11.37 2.22
N SER A 83 -15.84 -10.64 2.59
CA SER A 83 -17.14 -10.76 1.93
C SER A 83 -17.09 -10.19 0.52
N ARG A 84 -16.41 -9.06 0.37
CA ARG A 84 -16.28 -8.40 -0.92
C ARG A 84 -15.84 -9.40 -1.99
N LYS A 85 -15.71 -8.92 -3.22
CA LYS A 85 -15.28 -9.76 -4.34
C LYS A 85 -13.95 -9.29 -4.90
N HIS A 86 -13.97 -8.12 -5.55
CA HIS A 86 -12.77 -7.55 -6.13
C HIS A 86 -11.86 -6.96 -5.05
N THR A 87 -11.23 -7.83 -4.27
CA THR A 87 -10.34 -7.39 -3.21
C THR A 87 -8.96 -8.05 -3.33
N PHE A 88 -7.96 -7.42 -2.73
CA PHE A 88 -6.59 -7.93 -2.78
C PHE A 88 -5.81 -7.52 -1.53
N LYS A 89 -5.14 -8.49 -0.92
CA LYS A 89 -4.35 -8.24 0.29
C LYS A 89 -2.88 -8.52 0.04
N ALA A 90 -2.01 -7.76 0.68
CA ALA A 90 -0.57 -7.94 0.54
C ALA A 90 0.03 -8.56 1.79
N GLU A 91 1.09 -9.35 1.61
CA GLU A 91 1.75 -10.01 2.73
C GLU A 91 3.27 -10.05 2.52
N HIS A 92 4.01 -10.03 3.62
CA HIS A 92 5.47 -10.06 3.56
C HIS A 92 6.01 -11.34 4.18
N ALA A 93 5.22 -11.95 5.05
CA ALA A 93 5.62 -13.19 5.73
C ALA A 93 6.65 -12.89 6.82
N GLY A 94 6.35 -11.93 7.67
CA GLY A 94 7.26 -11.58 8.74
C GLY A 94 6.77 -10.38 9.55
N VAL A 95 5.99 -9.52 8.91
CA VAL A 95 5.47 -8.33 9.57
C VAL A 95 3.95 -8.42 9.73
N ARG A 96 3.24 -8.40 8.60
CA ARG A 96 1.78 -8.46 8.62
C ARG A 96 1.23 -8.55 7.19
N THR A 97 -0.09 -8.63 7.09
CA THR A 97 -0.74 -8.73 5.79
C THR A 97 -1.81 -7.65 5.63
N TYR A 98 -1.51 -6.65 4.82
CA TYR A 98 -2.45 -5.55 4.57
C TYR A 98 -3.54 -5.97 3.59
N PHE A 99 -4.68 -5.31 3.68
CA PHE A 99 -5.81 -5.60 2.80
C PHE A 99 -6.24 -4.36 2.03
N PHE A 100 -6.81 -4.57 0.84
CA PHE A 100 -7.26 -3.46 0.01
C PHE A 100 -8.39 -3.90 -0.91
N SER A 101 -9.56 -3.27 -0.75
CA SER A 101 -10.72 -3.60 -1.55
C SER A 101 -10.98 -2.54 -2.62
N ALA A 102 -11.39 -2.98 -3.80
CA ALA A 102 -11.66 -2.07 -4.90
C ALA A 102 -13.13 -2.11 -5.30
N GLU A 103 -13.72 -0.93 -5.48
CA GLU A 103 -15.13 -0.85 -5.87
C GLU A 103 -15.42 -1.71 -7.10
N SER A 104 -14.65 -1.47 -8.15
CA SER A 104 -14.82 -2.22 -9.39
C SER A 104 -13.63 -3.15 -9.64
N PRO A 105 -13.87 -4.20 -10.45
CA PRO A 105 -12.84 -5.19 -10.77
C PRO A 105 -11.74 -4.62 -11.67
N GLU A 106 -12.05 -3.49 -12.31
CA GLU A 106 -11.09 -2.84 -13.21
C GLU A 106 -9.98 -2.17 -12.40
N GLU A 107 -10.34 -1.60 -11.26
CA GLU A 107 -9.36 -0.93 -10.41
C GLU A 107 -8.52 -1.94 -9.63
N GLN A 108 -9.17 -3.02 -9.19
CA GLN A 108 -8.49 -4.07 -8.44
C GLN A 108 -7.36 -4.68 -9.25
N GLU A 109 -7.70 -5.20 -10.42
CA GLU A 109 -6.71 -5.82 -11.31
C GLU A 109 -5.60 -4.83 -11.65
N ALA A 110 -5.98 -3.62 -12.04
CA ALA A 110 -5.03 -2.60 -12.40
C ALA A 110 -4.06 -2.33 -11.25
N TRP A 111 -4.61 -2.07 -10.07
CA TRP A 111 -3.79 -1.79 -8.89
C TRP A 111 -2.73 -2.87 -8.69
N ILE A 112 -3.14 -4.12 -8.85
CA ILE A 112 -2.23 -5.25 -8.69
C ILE A 112 -1.10 -5.19 -9.73
N GLN A 113 -1.44 -4.78 -10.95
CA GLN A 113 -0.46 -4.68 -12.01
C GLN A 113 0.70 -3.78 -11.61
N ALA A 114 0.37 -2.60 -11.07
CA ALA A 114 1.39 -1.65 -10.63
C ALA A 114 2.00 -2.07 -9.31
N MET A 115 1.16 -2.35 -8.32
CA MET A 115 1.62 -2.76 -7.00
C MET A 115 2.36 -4.10 -7.08
N GLY A 116 1.63 -5.14 -7.50
CA GLY A 116 2.23 -6.46 -7.62
C GLY A 116 3.65 -6.41 -8.15
N GLU A 117 3.83 -5.72 -9.27
CA GLU A 117 5.15 -5.60 -9.89
C GLU A 117 6.12 -4.88 -8.96
N ALA A 118 5.80 -3.63 -8.63
CA ALA A 118 6.64 -2.83 -7.75
C ALA A 118 6.98 -3.59 -6.47
N ALA A 119 6.11 -4.53 -6.10
CA ALA A 119 6.31 -5.34 -4.90
C ALA A 119 7.33 -6.44 -5.15
N ARG A 120 7.17 -7.15 -6.26
CA ARG A 120 8.08 -8.24 -6.61
C ARG A 120 9.53 -7.86 -6.31
N VAL A 121 10.38 -8.87 -6.17
CA VAL A 121 11.79 -8.65 -5.88
C VAL A 121 12.68 -9.50 -6.78
N GLN A 122 12.36 -9.51 -8.07
CA GLN A 122 13.13 -10.27 -9.04
C GLN A 122 14.56 -9.77 -9.13
N GLY A 1 25.84 26.60 -7.74
CA GLY A 1 25.79 25.89 -6.48
C GLY A 1 24.47 25.16 -6.27
N SER A 2 24.52 24.07 -5.51
CA SER A 2 23.34 23.27 -5.24
C SER A 2 23.52 22.41 -3.99
N SER A 3 22.45 21.76 -3.56
CA SER A 3 22.48 20.91 -2.38
C SER A 3 22.89 19.49 -2.75
N GLY A 4 24.18 19.20 -2.67
CA GLY A 4 24.67 17.88 -3.00
C GLY A 4 25.29 17.16 -1.80
N SER A 5 26.55 16.79 -1.92
CA SER A 5 27.25 16.09 -0.84
C SER A 5 26.92 16.72 0.51
N SER A 6 26.29 15.94 1.38
CA SER A 6 25.93 16.42 2.70
C SER A 6 25.89 15.28 3.71
N GLY A 7 26.38 15.54 4.91
CA GLY A 7 26.39 14.52 5.95
C GLY A 7 25.21 14.63 6.89
N GLY A 8 24.74 13.48 7.39
CA GLY A 8 23.61 13.48 8.30
C GLY A 8 22.39 12.80 7.69
N LYS A 9 21.95 11.71 8.33
CA LYS A 9 20.80 10.97 7.87
C LYS A 9 19.68 11.91 7.43
N ARG A 10 19.27 11.81 6.17
CA ARG A 10 18.21 12.65 5.63
C ARG A 10 16.93 12.51 6.45
N SER A 11 16.39 11.30 6.46
CA SER A 11 15.16 11.02 7.21
C SER A 11 15.25 9.69 7.95
N HIS A 12 14.66 9.63 9.13
CA HIS A 12 14.67 8.41 9.93
C HIS A 12 13.66 7.40 9.41
N SER A 13 12.43 7.85 9.20
CA SER A 13 11.36 6.99 8.71
C SER A 13 11.19 7.15 7.20
N MET A 14 10.50 6.19 6.59
CA MET A 14 10.26 6.23 5.15
C MET A 14 9.52 7.50 4.75
N LYS A 15 9.98 8.14 3.69
CA LYS A 15 9.36 9.36 3.19
C LYS A 15 9.21 9.33 1.67
N ARG A 16 8.46 10.29 1.14
CA ARG A 16 8.24 10.37 -0.30
C ARG A 16 8.64 11.73 -0.84
N ASN A 17 9.16 11.75 -2.05
CA ASN A 17 9.59 13.00 -2.68
C ASN A 17 8.49 13.57 -3.58
N PRO A 18 8.35 14.90 -3.58
CA PRO A 18 7.35 15.60 -4.38
C PRO A 18 7.65 15.53 -5.88
N ASN A 19 8.93 15.68 -6.22
CA ASN A 19 9.35 15.64 -7.61
C ASN A 19 9.00 14.29 -8.25
N ALA A 20 9.21 13.22 -7.50
CA ALA A 20 8.92 11.88 -7.99
C ALA A 20 7.51 11.81 -8.58
N PRO A 21 7.41 11.34 -9.84
CA PRO A 21 6.13 11.21 -10.54
C PRO A 21 5.25 10.11 -9.95
N VAL A 22 3.99 10.44 -9.70
CA VAL A 22 3.04 9.48 -9.14
C VAL A 22 2.76 8.35 -10.12
N THR A 23 3.12 7.13 -9.72
CA THR A 23 2.90 5.96 -10.57
C THR A 23 1.41 5.71 -10.80
N LYS A 24 0.68 5.52 -9.70
CA LYS A 24 -0.75 5.26 -9.76
C LYS A 24 -1.46 5.81 -8.54
N ALA A 25 -2.57 6.51 -8.76
CA ALA A 25 -3.35 7.08 -7.66
C ALA A 25 -4.81 6.66 -7.75
N GLY A 26 -5.46 6.55 -6.59
CA GLY A 26 -6.86 6.16 -6.55
C GLY A 26 -7.35 5.90 -5.15
N TRP A 27 -8.58 6.30 -4.87
CA TRP A 27 -9.17 6.11 -3.54
C TRP A 27 -9.45 4.63 -3.29
N LEU A 28 -8.63 4.02 -2.43
CA LEU A 28 -8.79 2.61 -2.09
C LEU A 28 -9.36 2.45 -0.69
N PHE A 29 -9.65 1.21 -0.30
CA PHE A 29 -10.19 0.92 1.00
C PHE A 29 -9.34 -0.11 1.74
N LYS A 30 -8.62 0.35 2.76
CA LYS A 30 -7.75 -0.55 3.54
C LYS A 30 -8.49 -1.07 4.77
N GLN A 31 -8.72 -2.38 4.79
CA GLN A 31 -9.41 -3.01 5.91
C GLN A 31 -8.88 -2.49 7.25
N ALA A 32 -9.78 -2.31 8.20
CA ALA A 32 -9.39 -1.82 9.52
C ALA A 32 -8.15 -2.55 10.04
N SER A 33 -7.13 -1.78 10.40
CA SER A 33 -5.89 -2.36 10.90
C SER A 33 -5.88 -2.37 12.42
N SER A 34 -6.17 -1.22 13.02
CA SER A 34 -6.19 -1.09 14.48
C SER A 34 -7.41 -0.32 14.94
N GLY A 35 -8.40 -1.04 15.46
CA GLY A 35 -9.61 -0.41 15.93
C GLY A 35 -10.85 -1.27 15.71
N VAL A 36 -11.95 -0.64 15.34
CA VAL A 36 -13.20 -1.35 15.09
C VAL A 36 -13.11 -2.20 13.82
N LYS A 37 -14.18 -2.93 13.53
CA LYS A 37 -14.23 -3.77 12.34
C LYS A 37 -15.00 -3.08 11.22
N GLN A 38 -14.28 -2.39 10.35
CA GLN A 38 -14.90 -1.70 9.23
C GLN A 38 -13.84 -1.09 8.30
N TRP A 39 -14.01 -1.31 7.01
CA TRP A 39 -13.07 -0.79 6.02
C TRP A 39 -13.03 0.73 6.05
N ASN A 40 -11.84 1.29 5.77
CA ASN A 40 -11.67 2.74 5.78
C ASN A 40 -11.11 3.22 4.44
N LYS A 41 -11.95 3.92 3.68
CA LYS A 41 -11.53 4.44 2.38
C LYS A 41 -10.58 5.63 2.54
N ARG A 42 -9.41 5.52 1.93
CA ARG A 42 -8.41 6.58 2.01
C ARG A 42 -7.73 6.77 0.65
N TRP A 43 -7.16 7.96 0.46
CA TRP A 43 -6.46 8.27 -0.79
C TRP A 43 -5.14 7.51 -0.89
N PHE A 44 -5.07 6.59 -1.83
CA PHE A 44 -3.86 5.79 -2.03
C PHE A 44 -3.04 6.32 -3.20
N VAL A 45 -1.73 6.39 -3.02
CA VAL A 45 -0.85 6.87 -4.07
C VAL A 45 0.43 6.03 -4.15
N LEU A 46 0.79 5.62 -5.36
CA LEU A 46 1.98 4.80 -5.56
C LEU A 46 3.11 5.65 -6.14
N VAL A 47 4.16 5.83 -5.36
CA VAL A 47 5.32 6.62 -5.79
C VAL A 47 6.62 5.98 -5.33
N ASP A 48 7.59 5.92 -6.23
CA ASP A 48 8.89 5.33 -5.92
C ASP A 48 8.74 3.90 -5.41
N ARG A 49 8.06 3.07 -6.19
CA ARG A 49 7.84 1.68 -5.83
C ARG A 49 7.40 1.56 -4.38
N CYS A 50 6.65 2.55 -3.90
CA CYS A 50 6.17 2.56 -2.53
C CYS A 50 4.72 3.04 -2.46
N LEU A 51 3.99 2.54 -1.47
CA LEU A 51 2.59 2.92 -1.29
C LEU A 51 2.44 4.00 -0.23
N PHE A 52 1.76 5.08 -0.57
CA PHE A 52 1.54 6.19 0.36
C PHE A 52 0.07 6.59 0.39
N TYR A 53 -0.54 6.47 1.57
CA TYR A 53 -1.95 6.83 1.73
C TYR A 53 -2.09 8.16 2.48
N TYR A 54 -2.85 9.07 1.89
CA TYR A 54 -3.07 10.38 2.49
C TYR A 54 -4.53 10.56 2.90
N LYS A 55 -4.74 11.18 4.05
CA LYS A 55 -6.09 11.41 4.56
C LYS A 55 -7.03 11.82 3.42
N ASP A 56 -6.54 12.66 2.52
CA ASP A 56 -7.34 13.12 1.39
C ASP A 56 -6.46 13.30 0.15
N GLU A 57 -7.07 13.78 -0.93
CA GLU A 57 -6.36 13.99 -2.18
C GLU A 57 -5.30 15.10 -2.02
N LYS A 58 -5.48 15.93 -1.01
CA LYS A 58 -4.55 17.03 -0.74
C LYS A 58 -3.13 16.50 -0.58
N GLU A 59 -2.99 15.40 0.15
CA GLU A 59 -1.68 14.80 0.37
C GLU A 59 -0.78 15.75 1.15
N GLU A 60 -1.30 16.30 2.24
CA GLU A 60 -0.53 17.23 3.07
C GLU A 60 0.73 16.57 3.60
N SER A 61 0.56 15.48 4.35
CA SER A 61 1.67 14.75 4.92
C SER A 61 1.37 13.26 5.01
N ILE A 62 2.26 12.45 4.45
CA ILE A 62 2.09 11.00 4.46
C ILE A 62 1.74 10.50 5.85
N LEU A 63 0.51 10.02 6.02
CA LEU A 63 0.04 9.51 7.30
C LEU A 63 0.81 8.25 7.69
N GLY A 64 0.89 7.30 6.76
CA GLY A 64 1.59 6.06 7.02
C GLY A 64 2.10 5.40 5.75
N SER A 65 3.42 5.30 5.63
CA SER A 65 4.03 4.69 4.46
C SER A 65 4.15 3.18 4.62
N ILE A 66 3.86 2.45 3.56
CA ILE A 66 3.93 0.99 3.59
C ILE A 66 4.73 0.45 2.41
N PRO A 67 5.90 -0.13 2.70
CA PRO A 67 6.78 -0.69 1.67
C PRO A 67 6.20 -1.95 1.04
N LEU A 68 6.00 -1.92 -0.28
CA LEU A 68 5.46 -3.05 -1.02
C LEU A 68 6.57 -3.93 -1.57
N LEU A 69 7.73 -3.32 -1.82
CA LEU A 69 8.87 -4.05 -2.35
C LEU A 69 9.17 -5.29 -1.53
N SER A 70 8.60 -5.34 -0.32
CA SER A 70 8.81 -6.47 0.57
C SER A 70 7.48 -7.14 0.91
N PHE A 71 6.64 -7.31 -0.10
CA PHE A 71 5.33 -7.94 0.08
C PHE A 71 4.95 -8.74 -1.16
N ARG A 72 3.87 -9.52 -1.03
CA ARG A 72 3.39 -10.34 -2.15
C ARG A 72 1.90 -10.12 -2.37
N VAL A 73 1.56 -9.05 -3.07
CA VAL A 73 0.17 -8.71 -3.35
C VAL A 73 -0.52 -9.87 -4.08
N ALA A 74 -1.81 -10.04 -3.80
CA ALA A 74 -2.59 -11.09 -4.42
C ALA A 74 -4.07 -11.00 -4.03
N ALA A 75 -4.94 -11.10 -5.03
CA ALA A 75 -6.38 -11.02 -4.79
C ALA A 75 -6.77 -11.81 -3.54
N VAL A 76 -7.97 -11.55 -3.04
CA VAL A 76 -8.47 -12.23 -1.84
C VAL A 76 -9.13 -13.56 -2.21
N GLN A 77 -9.34 -14.40 -1.20
CA GLN A 77 -9.97 -15.70 -1.42
C GLN A 77 -11.32 -15.77 -0.73
N PRO A 78 -12.18 -16.69 -1.18
CA PRO A 78 -13.52 -16.89 -0.62
C PRO A 78 -13.48 -17.49 0.79
N SER A 79 -12.27 -17.71 1.29
CA SER A 79 -12.09 -18.28 2.63
C SER A 79 -11.43 -17.27 3.56
N ASP A 80 -11.04 -16.13 3.01
CA ASP A 80 -10.40 -15.08 3.80
C ASP A 80 -11.44 -14.21 4.49
N ASN A 81 -12.65 -14.73 4.61
CA ASN A 81 -13.73 -14.00 5.26
C ASN A 81 -13.88 -12.60 4.66
N ILE A 82 -13.61 -12.48 3.38
CA ILE A 82 -13.71 -11.19 2.68
C ILE A 82 -15.04 -11.08 1.95
N SER A 83 -16.02 -10.47 2.61
CA SER A 83 -17.34 -10.28 2.02
C SER A 83 -17.24 -9.67 0.62
N ARG A 84 -16.31 -8.73 0.46
CA ARG A 84 -16.10 -8.07 -0.82
C ARG A 84 -15.64 -9.07 -1.88
N LYS A 85 -15.38 -8.57 -3.09
CA LYS A 85 -14.93 -9.42 -4.19
C LYS A 85 -13.65 -8.87 -4.80
N HIS A 86 -13.72 -7.64 -5.33
CA HIS A 86 -12.56 -7.02 -5.94
C HIS A 86 -11.61 -6.48 -4.88
N THR A 87 -10.95 -7.38 -4.17
CA THR A 87 -10.01 -6.99 -3.12
C THR A 87 -8.69 -7.75 -3.26
N PHE A 88 -7.63 -7.17 -2.72
CA PHE A 88 -6.31 -7.79 -2.77
C PHE A 88 -5.60 -7.69 -1.43
N LYS A 89 -5.06 -8.81 -0.97
CA LYS A 89 -4.34 -8.84 0.31
C LYS A 89 -2.83 -8.92 0.08
N ALA A 90 -2.09 -8.08 0.78
CA ALA A 90 -0.63 -8.05 0.66
C ALA A 90 0.03 -8.55 1.94
N GLU A 91 1.07 -9.37 1.79
CA GLU A 91 1.78 -9.92 2.94
C GLU A 91 3.28 -9.88 2.70
N HIS A 92 4.05 -9.82 3.78
CA HIS A 92 5.50 -9.77 3.70
C HIS A 92 6.13 -11.01 4.35
N ALA A 93 5.27 -11.91 4.83
CA ALA A 93 5.73 -13.13 5.47
C ALA A 93 6.82 -12.83 6.50
N GLY A 94 6.72 -11.67 7.13
CA GLY A 94 7.69 -11.29 8.14
C GLY A 94 7.16 -10.22 9.08
N VAL A 95 6.48 -9.22 8.52
CA VAL A 95 5.92 -8.13 9.32
C VAL A 95 4.43 -8.34 9.56
N ARG A 96 3.65 -8.33 8.49
CA ARG A 96 2.21 -8.51 8.60
C ARG A 96 1.58 -8.59 7.21
N THR A 97 0.25 -8.68 7.18
CA THR A 97 -0.48 -8.77 5.92
C THR A 97 -1.56 -7.70 5.84
N TYR A 98 -1.42 -6.78 4.91
CA TYR A 98 -2.38 -5.70 4.72
C TYR A 98 -3.48 -6.10 3.74
N PHE A 99 -4.50 -5.26 3.63
CA PHE A 99 -5.61 -5.54 2.72
C PHE A 99 -6.10 -4.25 2.06
N PHE A 100 -6.57 -4.37 0.82
CA PHE A 100 -7.06 -3.22 0.07
C PHE A 100 -8.14 -3.64 -0.92
N SER A 101 -9.31 -3.03 -0.81
CA SER A 101 -10.42 -3.34 -1.70
C SER A 101 -10.59 -2.26 -2.78
N ALA A 102 -11.26 -2.61 -3.86
CA ALA A 102 -11.48 -1.68 -4.96
C ALA A 102 -12.97 -1.58 -5.30
N GLU A 103 -13.49 -0.35 -5.26
CA GLU A 103 -14.90 -0.12 -5.56
C GLU A 103 -15.30 -0.80 -6.87
N SER A 104 -14.32 -1.00 -7.74
CA SER A 104 -14.57 -1.63 -9.04
C SER A 104 -13.51 -2.68 -9.34
N PRO A 105 -13.86 -3.65 -10.20
CA PRO A 105 -12.96 -4.74 -10.58
C PRO A 105 -11.82 -4.24 -11.46
N GLU A 106 -12.11 -3.26 -12.31
CA GLU A 106 -11.10 -2.70 -13.22
C GLU A 106 -9.95 -2.08 -12.42
N GLU A 107 -10.28 -1.44 -11.31
CA GLU A 107 -9.28 -0.80 -10.47
C GLU A 107 -8.41 -1.85 -9.77
N GLN A 108 -9.05 -2.87 -9.21
CA GLN A 108 -8.34 -3.93 -8.52
C GLN A 108 -7.24 -4.51 -9.41
N GLU A 109 -7.64 -5.10 -10.52
CA GLU A 109 -6.68 -5.69 -11.46
C GLU A 109 -5.58 -4.69 -11.82
N ALA A 110 -5.98 -3.50 -12.22
CA ALA A 110 -5.03 -2.45 -12.59
C ALA A 110 -4.04 -2.19 -11.46
N TRP A 111 -4.54 -2.15 -10.24
CA TRP A 111 -3.70 -1.90 -9.07
C TRP A 111 -2.65 -2.99 -8.93
N ILE A 112 -3.10 -4.24 -8.81
CA ILE A 112 -2.19 -5.36 -8.67
C ILE A 112 -1.03 -5.27 -9.64
N GLN A 113 -1.34 -4.87 -10.88
CA GLN A 113 -0.31 -4.73 -11.91
C GLN A 113 0.85 -3.89 -11.42
N ALA A 114 0.55 -2.73 -10.85
CA ALA A 114 1.56 -1.83 -10.33
C ALA A 114 2.09 -2.31 -8.99
N MET A 115 1.16 -2.57 -8.06
CA MET A 115 1.53 -3.03 -6.73
C MET A 115 2.21 -4.39 -6.79
N GLY A 116 1.49 -5.39 -7.28
CA GLY A 116 2.04 -6.72 -7.38
C GLY A 116 3.45 -6.73 -7.93
N GLU A 117 3.66 -5.98 -9.01
CA GLU A 117 4.98 -5.89 -9.64
C GLU A 117 5.96 -5.11 -8.77
N ALA A 118 5.57 -3.89 -8.41
CA ALA A 118 6.41 -3.04 -7.58
C ALA A 118 6.92 -3.80 -6.36
N ALA A 119 6.12 -4.75 -5.88
CA ALA A 119 6.49 -5.54 -4.72
C ALA A 119 7.67 -6.46 -5.04
N ARG A 120 7.59 -7.16 -6.17
CA ARG A 120 8.64 -8.07 -6.59
C ARG A 120 10.02 -7.47 -6.31
N VAL A 121 10.93 -8.30 -5.81
CA VAL A 121 12.28 -7.85 -5.50
C VAL A 121 13.23 -8.15 -6.66
N GLN A 122 12.88 -9.15 -7.47
CA GLN A 122 13.70 -9.53 -8.60
C GLN A 122 13.78 -8.39 -9.63
N GLY A 1 37.33 24.12 2.04
CA GLY A 1 36.64 22.88 1.75
C GLY A 1 36.89 21.80 2.79
N SER A 2 35.85 21.04 3.11
CA SER A 2 35.96 19.98 4.10
C SER A 2 35.26 18.71 3.64
N SER A 3 35.57 17.59 4.28
CA SER A 3 34.97 16.32 3.92
C SER A 3 34.68 15.49 5.17
N GLY A 4 33.54 14.78 5.15
CA GLY A 4 33.17 13.96 6.29
C GLY A 4 33.10 12.49 5.94
N SER A 5 32.34 11.73 6.71
CA SER A 5 32.20 10.29 6.49
C SER A 5 30.89 9.77 7.06
N SER A 6 30.16 9.00 6.25
CA SER A 6 28.88 8.44 6.68
C SER A 6 29.05 7.64 7.97
N GLY A 7 27.96 7.53 8.72
CA GLY A 7 27.99 6.79 9.97
C GLY A 7 26.83 7.13 10.88
N GLY A 8 25.62 6.76 10.46
CA GLY A 8 24.44 7.05 11.25
C GLY A 8 23.23 7.36 10.38
N LYS A 9 22.61 6.33 9.83
CA LYS A 9 21.43 6.51 8.99
C LYS A 9 20.36 5.49 9.34
N ARG A 10 19.11 5.80 8.97
CA ARG A 10 17.99 4.90 9.25
C ARG A 10 17.42 4.33 7.96
N SER A 11 16.98 3.08 8.01
CA SER A 11 16.42 2.42 6.85
C SER A 11 14.92 2.19 7.02
N HIS A 12 14.53 1.69 8.18
CA HIS A 12 13.12 1.44 8.47
C HIS A 12 12.26 2.61 8.05
N SER A 13 12.65 3.81 8.46
CA SER A 13 11.90 5.03 8.12
C SER A 13 11.92 5.27 6.62
N MET A 14 10.77 5.69 6.09
CA MET A 14 10.64 5.95 4.65
C MET A 14 9.88 7.24 4.41
N LYS A 15 10.20 7.92 3.31
CA LYS A 15 9.54 9.18 2.96
C LYS A 15 9.41 9.32 1.45
N ARG A 16 8.65 10.31 1.01
CA ARG A 16 8.46 10.56 -0.41
C ARG A 16 9.23 11.80 -0.86
N ASN A 17 9.88 11.70 -2.02
CA ASN A 17 10.65 12.80 -2.56
C ASN A 17 9.74 13.87 -3.16
N PRO A 18 10.23 15.12 -3.20
CA PRO A 18 9.47 16.24 -3.74
C PRO A 18 9.31 16.16 -5.26
N ASN A 19 10.31 15.61 -5.92
CA ASN A 19 10.28 15.47 -7.37
C ASN A 19 10.06 14.01 -7.78
N ALA A 20 9.21 13.32 -7.02
CA ALA A 20 8.91 11.92 -7.30
C ALA A 20 7.60 11.78 -8.07
N PRO A 21 7.65 11.11 -9.23
CA PRO A 21 6.49 10.89 -10.08
C PRO A 21 5.50 9.92 -9.46
N VAL A 22 4.21 10.21 -9.61
CA VAL A 22 3.15 9.36 -9.06
C VAL A 22 2.93 8.13 -9.94
N THR A 23 3.35 6.98 -9.46
CA THR A 23 3.19 5.73 -10.20
C THR A 23 1.72 5.47 -10.53
N LYS A 24 0.89 5.40 -9.49
CA LYS A 24 -0.53 5.16 -9.66
C LYS A 24 -1.33 5.70 -8.48
N ALA A 25 -2.39 6.43 -8.77
CA ALA A 25 -3.24 7.00 -7.73
C ALA A 25 -4.68 6.52 -7.86
N GLY A 26 -5.38 6.43 -6.73
CA GLY A 26 -6.75 5.99 -6.75
C GLY A 26 -7.30 5.74 -5.35
N TRP A 27 -8.56 6.11 -5.14
CA TRP A 27 -9.20 5.92 -3.84
C TRP A 27 -9.47 4.45 -3.57
N LEU A 28 -8.96 3.96 -2.45
CA LEU A 28 -9.15 2.56 -2.08
C LEU A 28 -9.65 2.45 -0.64
N PHE A 29 -9.89 1.21 -0.19
CA PHE A 29 -10.37 0.97 1.17
C PHE A 29 -9.38 0.11 1.95
N LYS A 30 -8.84 0.66 3.03
CA LYS A 30 -7.89 -0.05 3.86
C LYS A 30 -8.57 -0.65 5.08
N GLN A 31 -8.77 -1.97 5.06
CA GLN A 31 -9.41 -2.67 6.16
C GLN A 31 -8.74 -2.31 7.50
N ALA A 32 -9.56 -2.14 8.53
CA ALA A 32 -9.05 -1.79 9.85
C ALA A 32 -8.48 -3.02 10.55
N SER A 33 -7.25 -2.91 11.04
CA SER A 33 -6.60 -4.02 11.74
C SER A 33 -6.51 -3.75 13.24
N SER A 34 -6.11 -2.53 13.59
CA SER A 34 -5.97 -2.14 14.99
C SER A 34 -7.24 -1.46 15.48
N GLY A 35 -8.15 -2.24 16.06
CA GLY A 35 -9.39 -1.69 16.57
C GLY A 35 -10.60 -2.51 16.16
N VAL A 36 -11.65 -1.83 15.73
CA VAL A 36 -12.88 -2.50 15.31
C VAL A 36 -12.75 -3.02 13.88
N LYS A 37 -13.66 -3.91 13.50
CA LYS A 37 -13.66 -4.48 12.15
C LYS A 37 -14.51 -3.63 11.20
N GLN A 38 -13.83 -2.95 10.28
CA GLN A 38 -14.52 -2.10 9.31
C GLN A 38 -13.58 -1.68 8.18
N TRP A 39 -14.09 -0.89 7.26
CA TRP A 39 -13.29 -0.41 6.14
C TRP A 39 -13.15 1.11 6.16
N ASN A 40 -11.95 1.60 5.91
CA ASN A 40 -11.69 3.04 5.90
C ASN A 40 -11.19 3.50 4.53
N LYS A 41 -12.01 4.28 3.84
CA LYS A 41 -11.66 4.78 2.53
C LYS A 41 -10.69 5.96 2.64
N ARG A 42 -9.51 5.81 2.04
CA ARG A 42 -8.49 6.85 2.07
C ARG A 42 -7.83 7.00 0.71
N TRP A 43 -7.18 8.14 0.50
CA TRP A 43 -6.50 8.40 -0.77
C TRP A 43 -5.19 7.63 -0.85
N PHE A 44 -5.13 6.71 -1.80
CA PHE A 44 -3.93 5.88 -1.99
C PHE A 44 -3.09 6.41 -3.16
N VAL A 45 -1.79 6.48 -2.94
CA VAL A 45 -0.87 6.97 -3.97
C VAL A 45 0.40 6.13 -4.03
N LEU A 46 0.76 5.70 -5.23
CA LEU A 46 1.95 4.87 -5.42
C LEU A 46 3.10 5.71 -6.00
N VAL A 47 4.14 5.88 -5.21
CA VAL A 47 5.31 6.65 -5.64
C VAL A 47 6.61 6.00 -5.16
N ASP A 48 7.59 5.95 -6.06
CA ASP A 48 8.89 5.36 -5.73
C ASP A 48 8.72 3.91 -5.29
N ARG A 49 8.07 3.11 -6.13
CA ARG A 49 7.84 1.70 -5.83
C ARG A 49 7.34 1.53 -4.40
N CYS A 50 6.70 2.56 -3.86
CA CYS A 50 6.18 2.53 -2.50
C CYS A 50 4.73 3.02 -2.46
N LEU A 51 4.00 2.60 -1.44
CA LEU A 51 2.61 3.00 -1.27
C LEU A 51 2.47 4.08 -0.21
N PHE A 52 1.67 5.10 -0.51
CA PHE A 52 1.45 6.20 0.42
C PHE A 52 -0.03 6.59 0.47
N TYR A 53 -0.61 6.51 1.65
CA TYR A 53 -2.02 6.85 1.83
C TYR A 53 -2.17 8.16 2.61
N TYR A 54 -2.87 9.12 2.01
CA TYR A 54 -3.09 10.41 2.64
C TYR A 54 -4.54 10.57 3.09
N LYS A 55 -4.76 11.40 4.10
CA LYS A 55 -6.09 11.64 4.62
C LYS A 55 -7.03 12.14 3.53
N ASP A 56 -6.46 12.82 2.53
CA ASP A 56 -7.24 13.34 1.42
C ASP A 56 -6.40 13.41 0.15
N GLU A 57 -6.98 13.96 -0.91
CA GLU A 57 -6.29 14.08 -2.18
C GLU A 57 -5.39 15.33 -2.20
N LYS A 58 -4.77 15.60 -1.06
CA LYS A 58 -3.88 16.76 -0.95
C LYS A 58 -2.42 16.33 -1.00
N GLU A 59 -2.15 15.09 -0.62
CA GLU A 59 -0.79 14.56 -0.63
C GLU A 59 0.18 15.56 -0.03
N GLU A 60 -0.11 16.02 1.18
CA GLU A 60 0.74 16.98 1.87
C GLU A 60 1.63 16.28 2.89
N SER A 61 1.02 15.53 3.79
CA SER A 61 1.76 14.81 4.82
C SER A 61 1.38 13.33 4.83
N ILE A 62 2.35 12.48 4.50
CA ILE A 62 2.13 11.04 4.48
C ILE A 62 1.82 10.50 5.88
N LEU A 63 0.62 9.98 6.05
CA LEU A 63 0.19 9.44 7.34
C LEU A 63 0.96 8.15 7.66
N GLY A 64 1.20 7.34 6.63
CA GLY A 64 1.92 6.10 6.82
C GLY A 64 2.37 5.49 5.50
N SER A 65 3.67 5.20 5.40
CA SER A 65 4.22 4.61 4.20
C SER A 65 4.49 3.12 4.38
N ILE A 66 3.98 2.32 3.45
CA ILE A 66 4.15 0.87 3.52
C ILE A 66 4.95 0.36 2.32
N PRO A 67 6.14 -0.20 2.60
CA PRO A 67 7.03 -0.74 1.56
C PRO A 67 6.47 -2.01 0.93
N LEU A 68 6.22 -1.96 -0.38
CA LEU A 68 5.69 -3.11 -1.09
C LEU A 68 6.82 -3.93 -1.72
N LEU A 69 7.94 -3.27 -1.98
CA LEU A 69 9.10 -3.93 -2.57
C LEU A 69 9.47 -5.19 -1.80
N SER A 70 8.94 -5.30 -0.58
CA SER A 70 9.22 -6.46 0.27
C SER A 70 7.93 -7.11 0.73
N PHE A 71 6.97 -7.21 -0.19
CA PHE A 71 5.68 -7.83 0.12
C PHE A 71 5.18 -8.67 -1.05
N ARG A 72 4.01 -9.27 -0.88
CA ARG A 72 3.42 -10.11 -1.92
C ARG A 72 1.94 -9.79 -2.11
N VAL A 73 1.64 -9.04 -3.17
CA VAL A 73 0.26 -8.65 -3.46
C VAL A 73 -0.43 -9.71 -4.32
N ALA A 74 -1.68 -10.02 -3.98
CA ALA A 74 -2.45 -11.02 -4.72
C ALA A 74 -3.92 -10.98 -4.33
N ALA A 75 -4.80 -11.20 -5.29
CA ALA A 75 -6.23 -11.19 -5.05
C ALA A 75 -6.57 -12.02 -3.81
N VAL A 76 -7.74 -11.74 -3.23
CA VAL A 76 -8.19 -12.45 -2.04
C VAL A 76 -8.61 -13.87 -2.37
N GLN A 77 -8.93 -14.65 -1.34
CA GLN A 77 -9.35 -16.04 -1.53
C GLN A 77 -10.80 -16.22 -1.10
N PRO A 78 -11.45 -17.26 -1.66
CA PRO A 78 -12.85 -17.58 -1.34
C PRO A 78 -13.02 -18.10 0.09
N SER A 79 -11.90 -18.29 0.77
CA SER A 79 -11.93 -18.79 2.15
C SER A 79 -11.62 -17.67 3.14
N ASP A 80 -11.25 -16.51 2.61
CA ASP A 80 -10.92 -15.36 3.44
C ASP A 80 -12.19 -14.70 3.98
N ASN A 81 -12.04 -13.84 4.98
CA ASN A 81 -13.17 -13.15 5.58
C ASN A 81 -13.43 -11.82 4.88
N ILE A 82 -13.60 -11.87 3.56
CA ILE A 82 -13.85 -10.67 2.78
C ILE A 82 -15.11 -10.83 1.92
N SER A 83 -16.22 -10.28 2.41
CA SER A 83 -17.49 -10.35 1.70
C SER A 83 -17.53 -9.33 0.56
N ARG A 84 -16.44 -8.60 0.39
CA ARG A 84 -16.36 -7.58 -0.66
C ARG A 84 -15.63 -8.13 -1.88
N LYS A 85 -16.24 -7.97 -3.05
CA LYS A 85 -15.64 -8.45 -4.29
C LYS A 85 -14.59 -7.47 -4.80
N HIS A 86 -13.61 -8.00 -5.54
CA HIS A 86 -12.54 -7.17 -6.09
C HIS A 86 -11.62 -6.66 -4.98
N THR A 87 -11.09 -7.59 -4.18
CA THR A 87 -10.20 -7.24 -3.09
C THR A 87 -8.86 -7.95 -3.23
N PHE A 88 -7.82 -7.37 -2.63
CA PHE A 88 -6.48 -7.94 -2.69
C PHE A 88 -5.71 -7.63 -1.42
N LYS A 89 -4.97 -8.62 -0.92
CA LYS A 89 -4.17 -8.45 0.29
C LYS A 89 -2.69 -8.60 -0.01
N ALA A 90 -1.87 -7.86 0.72
CA ALA A 90 -0.42 -7.91 0.54
C ALA A 90 0.29 -8.28 1.84
N GLU A 91 1.06 -9.36 1.80
CA GLU A 91 1.79 -9.82 2.98
C GLU A 91 3.18 -10.32 2.60
N HIS A 92 4.17 -9.95 3.39
CA HIS A 92 5.55 -10.36 3.13
C HIS A 92 5.81 -11.76 3.70
N ALA A 93 4.84 -12.29 4.43
CA ALA A 93 4.96 -13.60 5.04
C ALA A 93 5.98 -13.60 6.16
N GLY A 94 5.79 -12.71 7.13
CA GLY A 94 6.69 -12.61 8.26
C GLY A 94 6.49 -11.36 9.06
N VAL A 95 5.86 -10.35 8.46
CA VAL A 95 5.60 -9.09 9.12
C VAL A 95 4.11 -8.89 9.38
N ARG A 96 3.32 -8.95 8.31
CA ARG A 96 1.88 -8.77 8.42
C ARG A 96 1.21 -8.97 7.06
N THR A 97 -0.12 -8.83 7.04
CA THR A 97 -0.88 -8.99 5.81
C THR A 97 -1.91 -7.88 5.65
N TYR A 98 -1.62 -6.93 4.77
CA TYR A 98 -2.52 -5.81 4.53
C TYR A 98 -3.62 -6.19 3.55
N PHE A 99 -4.70 -5.42 3.55
CA PHE A 99 -5.83 -5.69 2.66
C PHE A 99 -6.31 -4.40 2.00
N PHE A 100 -6.80 -4.52 0.77
CA PHE A 100 -7.29 -3.37 0.03
C PHE A 100 -8.40 -3.78 -0.94
N SER A 101 -9.57 -3.17 -0.79
CA SER A 101 -10.71 -3.47 -1.64
C SER A 101 -10.94 -2.35 -2.66
N ALA A 102 -11.59 -2.70 -3.77
CA ALA A 102 -11.87 -1.73 -4.81
C ALA A 102 -13.35 -1.72 -5.18
N GLU A 103 -13.87 -0.55 -5.50
CA GLU A 103 -15.28 -0.42 -5.86
C GLU A 103 -15.58 -1.18 -7.15
N SER A 104 -14.64 -1.16 -8.08
CA SER A 104 -14.80 -1.84 -9.35
C SER A 104 -13.67 -2.84 -9.59
N PRO A 105 -13.95 -3.88 -10.38
CA PRO A 105 -12.97 -4.92 -10.71
C PRO A 105 -11.86 -4.40 -11.62
N GLU A 106 -12.16 -3.36 -12.38
CA GLU A 106 -11.19 -2.77 -13.30
C GLU A 106 -10.09 -2.04 -12.54
N GLU A 107 -10.36 -1.74 -11.27
CA GLU A 107 -9.40 -1.03 -10.43
C GLU A 107 -8.51 -2.03 -9.69
N GLN A 108 -9.13 -3.04 -9.09
CA GLN A 108 -8.38 -4.04 -8.34
C GLN A 108 -7.27 -4.65 -9.20
N GLU A 109 -7.66 -5.22 -10.34
CA GLU A 109 -6.69 -5.83 -11.25
C GLU A 109 -5.62 -4.82 -11.66
N ALA A 110 -6.06 -3.65 -12.09
CA ALA A 110 -5.14 -2.59 -12.51
C ALA A 110 -4.13 -2.27 -11.42
N TRP A 111 -4.62 -2.17 -10.18
CA TRP A 111 -3.75 -1.86 -9.05
C TRP A 111 -2.68 -2.94 -8.88
N ILE A 112 -3.10 -4.19 -8.81
CA ILE A 112 -2.17 -5.30 -8.65
C ILE A 112 -1.04 -5.21 -9.66
N GLN A 113 -1.38 -4.92 -10.91
CA GLN A 113 -0.39 -4.81 -11.98
C GLN A 113 0.77 -3.92 -11.55
N ALA A 114 0.44 -2.81 -10.90
CA ALA A 114 1.46 -1.87 -10.44
C ALA A 114 2.04 -2.31 -9.10
N MET A 115 1.17 -2.53 -8.12
CA MET A 115 1.61 -2.96 -6.79
C MET A 115 2.38 -4.28 -6.88
N GLY A 116 1.71 -5.32 -7.34
CA GLY A 116 2.34 -6.63 -7.46
C GLY A 116 3.75 -6.53 -8.03
N GLU A 117 3.90 -5.80 -9.12
CA GLU A 117 5.20 -5.64 -9.76
C GLU A 117 6.14 -4.83 -8.87
N ALA A 118 5.70 -3.65 -8.47
CA ALA A 118 6.50 -2.77 -7.62
C ALA A 118 6.95 -3.50 -6.35
N ALA A 119 6.31 -4.64 -6.08
CA ALA A 119 6.63 -5.43 -4.89
C ALA A 119 7.77 -6.40 -5.19
N ARG A 120 7.72 -7.03 -6.36
CA ARG A 120 8.75 -7.98 -6.76
C ARG A 120 10.14 -7.46 -6.43
N VAL A 121 11.12 -8.35 -6.41
CA VAL A 121 12.50 -7.97 -6.12
C VAL A 121 13.43 -8.38 -7.25
N GLN A 122 12.92 -9.21 -8.16
CA GLN A 122 13.72 -9.68 -9.29
C GLN A 122 13.46 -8.81 -10.52
N GLY A 1 3.93 31.61 2.42
CA GLY A 1 5.12 31.73 3.25
C GLY A 1 6.08 30.56 3.06
N SER A 2 6.64 30.06 4.15
CA SER A 2 7.58 28.96 4.10
C SER A 2 6.97 27.69 4.70
N SER A 3 7.56 26.55 4.37
CA SER A 3 7.07 25.27 4.88
C SER A 3 7.84 24.85 6.13
N GLY A 4 9.17 24.97 6.06
CA GLY A 4 10.00 24.60 7.19
C GLY A 4 11.32 23.97 6.77
N SER A 5 12.24 23.82 7.71
CA SER A 5 13.54 23.24 7.42
C SER A 5 13.84 22.08 8.37
N SER A 6 14.64 21.13 7.90
CA SER A 6 15.00 19.96 8.69
C SER A 6 16.49 19.95 8.99
N GLY A 7 16.84 19.97 10.28
CA GLY A 7 18.24 19.97 10.67
C GLY A 7 18.90 18.62 10.43
N GLY A 8 19.43 18.02 11.48
CA GLY A 8 20.09 16.74 11.36
C GLY A 8 19.60 15.73 12.38
N LYS A 9 19.31 14.52 11.91
CA LYS A 9 18.83 13.46 12.79
C LYS A 9 19.55 12.15 12.51
N ARG A 10 19.29 11.14 13.34
CA ARG A 10 19.93 9.83 13.19
C ARG A 10 18.88 8.75 12.92
N SER A 11 17.65 9.01 13.36
CA SER A 11 16.56 8.06 13.18
C SER A 11 16.00 8.14 11.77
N HIS A 12 16.07 7.02 11.04
CA HIS A 12 15.56 6.98 9.67
C HIS A 12 14.10 6.52 9.65
N SER A 13 13.37 6.94 8.63
CA SER A 13 11.96 6.58 8.49
C SER A 13 11.52 6.68 7.03
N MET A 14 10.75 5.69 6.58
CA MET A 14 10.25 5.67 5.21
C MET A 14 9.60 7.01 4.85
N LYS A 15 10.17 7.67 3.84
CA LYS A 15 9.64 8.96 3.39
C LYS A 15 9.40 8.95 1.88
N ARG A 16 8.68 9.97 1.41
CA ARG A 16 8.38 10.08 -0.01
C ARG A 16 8.76 11.46 -0.54
N ASN A 17 9.28 11.50 -1.76
CA ASN A 17 9.69 12.75 -2.38
C ASN A 17 8.61 13.27 -3.32
N PRO A 18 8.42 14.59 -3.34
CA PRO A 18 7.42 15.24 -4.19
C PRO A 18 7.79 15.18 -5.67
N ASN A 19 9.08 15.34 -5.96
CA ASN A 19 9.57 15.31 -7.33
C ASN A 19 9.24 13.97 -7.98
N ALA A 20 9.44 12.89 -7.23
CA ALA A 20 9.17 11.54 -7.74
C ALA A 20 7.80 11.47 -8.39
N PRO A 21 7.75 10.93 -9.61
CA PRO A 21 6.51 10.79 -10.37
C PRO A 21 5.58 9.74 -9.78
N VAL A 22 4.32 10.10 -9.59
CA VAL A 22 3.33 9.17 -9.03
C VAL A 22 3.08 8.01 -9.97
N THR A 23 3.39 6.80 -9.52
CA THR A 23 3.19 5.60 -10.33
C THR A 23 1.71 5.37 -10.61
N LYS A 24 0.90 5.36 -9.55
CA LYS A 24 -0.54 5.16 -9.67
C LYS A 24 -1.28 5.75 -8.48
N ALA A 25 -2.42 6.38 -8.75
CA ALA A 25 -3.23 6.98 -7.70
C ALA A 25 -4.70 6.59 -7.84
N GLY A 26 -5.34 6.33 -6.71
CA GLY A 26 -6.74 5.95 -6.73
C GLY A 26 -7.32 5.77 -5.34
N TRP A 27 -8.58 6.16 -5.16
CA TRP A 27 -9.24 6.04 -3.87
C TRP A 27 -9.56 4.59 -3.56
N LEU A 28 -8.82 4.01 -2.61
CA LEU A 28 -9.03 2.62 -2.22
C LEU A 28 -9.57 2.53 -0.79
N PHE A 29 -9.88 1.32 -0.35
CA PHE A 29 -10.40 1.10 0.99
C PHE A 29 -9.44 0.25 1.81
N LYS A 30 -8.88 0.84 2.86
CA LYS A 30 -7.94 0.13 3.73
C LYS A 30 -8.68 -0.53 4.89
N GLN A 31 -8.46 -1.82 5.06
CA GLN A 31 -9.10 -2.57 6.14
C GLN A 31 -8.47 -2.24 7.49
N ALA A 32 -9.31 -2.10 8.51
CA ALA A 32 -8.83 -1.77 9.85
C ALA A 32 -8.28 -3.02 10.54
N SER A 33 -6.99 -2.98 10.88
CA SER A 33 -6.34 -4.10 11.53
C SER A 33 -6.28 -3.88 13.05
N SER A 34 -5.88 -2.68 13.45
CA SER A 34 -5.77 -2.34 14.86
C SER A 34 -7.10 -1.81 15.40
N GLY A 35 -7.96 -2.73 15.83
CA GLY A 35 -9.26 -2.33 16.36
C GLY A 35 -10.41 -3.05 15.67
N VAL A 36 -11.58 -2.45 15.69
CA VAL A 36 -12.76 -3.04 15.07
C VAL A 36 -12.46 -3.53 13.66
N LYS A 37 -13.41 -4.25 13.07
CA LYS A 37 -13.24 -4.78 11.72
C LYS A 37 -14.09 -4.00 10.73
N GLN A 38 -13.48 -3.03 10.06
CA GLN A 38 -14.18 -2.21 9.08
C GLN A 38 -13.23 -1.67 8.03
N TRP A 39 -13.76 -0.90 7.08
CA TRP A 39 -12.94 -0.33 6.02
C TRP A 39 -12.93 1.19 6.11
N ASN A 40 -11.75 1.78 5.90
CA ASN A 40 -11.60 3.23 5.96
C ASN A 40 -11.12 3.79 4.63
N LYS A 41 -12.05 4.23 3.79
CA LYS A 41 -11.71 4.80 2.49
C LYS A 41 -10.71 5.93 2.63
N ARG A 42 -9.57 5.79 1.94
CA ARG A 42 -8.52 6.81 1.98
C ARG A 42 -7.83 6.93 0.63
N TRP A 43 -7.23 8.08 0.38
CA TRP A 43 -6.53 8.33 -0.87
C TRP A 43 -5.20 7.57 -0.92
N PHE A 44 -5.09 6.62 -1.83
CA PHE A 44 -3.88 5.83 -1.97
C PHE A 44 -3.03 6.33 -3.13
N VAL A 45 -1.71 6.35 -2.92
CA VAL A 45 -0.78 6.82 -3.95
C VAL A 45 0.47 5.95 -3.99
N LEU A 46 0.85 5.51 -5.19
CA LEU A 46 2.04 4.68 -5.35
C LEU A 46 3.19 5.49 -5.91
N VAL A 47 4.24 5.65 -5.11
CA VAL A 47 5.42 6.42 -5.53
C VAL A 47 6.70 5.76 -5.02
N ASP A 48 7.69 5.67 -5.90
CA ASP A 48 8.97 5.06 -5.54
C ASP A 48 8.77 3.65 -5.00
N ARG A 49 8.10 2.81 -5.79
CA ARG A 49 7.84 1.43 -5.39
C ARG A 49 7.35 1.36 -3.95
N CYS A 50 6.72 2.44 -3.49
CA CYS A 50 6.20 2.50 -2.14
C CYS A 50 4.76 3.01 -2.12
N LEU A 51 3.99 2.54 -1.14
CA LEU A 51 2.59 2.94 -1.03
C LEU A 51 2.43 4.05 0.01
N PHE A 52 1.69 5.08 -0.36
CA PHE A 52 1.45 6.22 0.52
C PHE A 52 -0.02 6.63 0.50
N TYR A 53 -0.66 6.56 1.66
CA TYR A 53 -2.06 6.92 1.79
C TYR A 53 -2.22 8.24 2.54
N TYR A 54 -2.96 9.17 1.94
CA TYR A 54 -3.19 10.48 2.55
C TYR A 54 -4.67 10.67 2.88
N LYS A 55 -4.94 11.31 4.00
CA LYS A 55 -6.32 11.57 4.43
C LYS A 55 -7.16 12.06 3.26
N ASP A 56 -6.53 12.78 2.34
CA ASP A 56 -7.22 13.31 1.17
C ASP A 56 -6.29 13.38 -0.03
N GLU A 57 -6.81 13.87 -1.15
CA GLU A 57 -6.02 13.99 -2.38
C GLU A 57 -5.13 15.23 -2.33
N LYS A 58 -4.49 15.45 -1.18
CA LYS A 58 -3.62 16.60 -1.01
C LYS A 58 -2.15 16.17 -1.10
N GLU A 59 -1.86 14.97 -0.62
CA GLU A 59 -0.49 14.44 -0.64
C GLU A 59 0.47 15.42 0.03
N GLU A 60 0.08 15.93 1.19
CA GLU A 60 0.90 16.87 1.93
C GLU A 60 1.62 16.17 3.08
N SER A 61 0.84 15.56 3.97
CA SER A 61 1.40 14.86 5.12
C SER A 61 1.11 13.36 5.04
N ILE A 62 2.17 12.57 5.08
CA ILE A 62 2.03 11.12 5.02
C ILE A 62 1.62 10.53 6.36
N LEU A 63 0.44 9.93 6.40
CA LEU A 63 -0.08 9.34 7.63
C LEU A 63 0.58 7.99 7.90
N GLY A 64 0.67 7.17 6.86
CA GLY A 64 1.29 5.86 7.01
C GLY A 64 1.89 5.35 5.71
N SER A 65 3.10 4.79 5.80
CA SER A 65 3.78 4.27 4.62
C SER A 65 4.08 2.78 4.78
N ILE A 66 4.04 2.06 3.67
CA ILE A 66 4.31 0.62 3.68
C ILE A 66 5.07 0.19 2.44
N PRO A 67 6.24 -0.44 2.64
CA PRO A 67 7.08 -0.91 1.54
C PRO A 67 6.46 -2.10 0.81
N LEU A 68 6.24 -1.94 -0.50
CA LEU A 68 5.66 -3.00 -1.31
C LEU A 68 6.75 -3.85 -1.95
N LEU A 69 7.92 -3.26 -2.15
CA LEU A 69 9.04 -3.97 -2.75
C LEU A 69 9.34 -5.27 -2.00
N SER A 70 8.77 -5.39 -0.81
CA SER A 70 8.98 -6.58 0.02
C SER A 70 7.64 -7.22 0.39
N PHE A 71 6.75 -7.30 -0.59
CA PHE A 71 5.43 -7.89 -0.38
C PHE A 71 4.93 -8.59 -1.65
N ARG A 72 4.05 -9.56 -1.47
CA ARG A 72 3.50 -10.31 -2.59
C ARG A 72 2.01 -10.01 -2.76
N VAL A 73 1.69 -8.88 -3.39
CA VAL A 73 0.32 -8.49 -3.62
C VAL A 73 -0.44 -9.54 -4.40
N ALA A 74 -1.65 -9.85 -3.97
CA ALA A 74 -2.48 -10.85 -4.64
C ALA A 74 -3.94 -10.73 -4.20
N ALA A 75 -4.84 -10.85 -5.16
CA ALA A 75 -6.28 -10.76 -4.89
C ALA A 75 -6.68 -11.74 -3.78
N VAL A 76 -7.63 -11.32 -2.95
CA VAL A 76 -8.10 -12.16 -1.85
C VAL A 76 -8.54 -13.52 -2.37
N GLN A 77 -8.49 -14.52 -1.48
CA GLN A 77 -8.89 -15.88 -1.85
C GLN A 77 -10.39 -16.08 -1.63
N PRO A 78 -10.94 -17.08 -2.33
CA PRO A 78 -12.37 -17.39 -2.24
C PRO A 78 -12.75 -18.00 -0.89
N SER A 79 -11.76 -18.10 0.00
CA SER A 79 -11.98 -18.66 1.33
C SER A 79 -11.50 -17.70 2.41
N ASP A 80 -11.60 -16.41 2.14
CA ASP A 80 -11.18 -15.39 3.09
C ASP A 80 -12.38 -14.67 3.70
N ASN A 81 -12.14 -13.96 4.80
CA ASN A 81 -13.21 -13.24 5.48
C ASN A 81 -13.41 -11.86 4.87
N ILE A 82 -13.46 -11.81 3.54
CA ILE A 82 -13.64 -10.55 2.83
C ILE A 82 -14.84 -10.61 1.89
N SER A 83 -16.01 -10.30 2.43
CA SER A 83 -17.24 -10.33 1.64
C SER A 83 -17.11 -9.45 0.40
N ARG A 84 -16.55 -8.26 0.58
CA ARG A 84 -16.37 -7.33 -0.53
C ARG A 84 -15.54 -7.97 -1.64
N LYS A 85 -16.11 -8.03 -2.84
CA LYS A 85 -15.43 -8.62 -3.99
C LYS A 85 -14.44 -7.62 -4.60
N HIS A 86 -13.53 -8.13 -5.41
CA HIS A 86 -12.53 -7.29 -6.06
C HIS A 86 -11.57 -6.70 -5.04
N THR A 87 -11.08 -7.54 -4.14
CA THR A 87 -10.15 -7.10 -3.10
C THR A 87 -8.81 -7.81 -3.24
N PHE A 88 -7.76 -7.19 -2.70
CA PHE A 88 -6.42 -7.77 -2.75
C PHE A 88 -5.61 -7.38 -1.52
N LYS A 89 -4.98 -8.38 -0.89
CA LYS A 89 -4.17 -8.14 0.30
C LYS A 89 -2.71 -8.43 0.03
N ALA A 90 -1.83 -7.68 0.67
CA ALA A 90 -0.39 -7.85 0.51
C ALA A 90 0.23 -8.54 1.73
N GLU A 91 1.33 -9.25 1.50
CA GLU A 91 2.02 -9.95 2.57
C GLU A 91 3.53 -9.98 2.33
N HIS A 92 4.29 -9.87 3.41
CA HIS A 92 5.75 -9.88 3.32
C HIS A 92 6.32 -11.17 3.91
N ALA A 93 5.54 -11.83 4.75
CA ALA A 93 5.96 -13.07 5.38
C ALA A 93 7.00 -12.82 6.46
N GLY A 94 6.78 -11.77 7.26
CA GLY A 94 7.71 -11.44 8.32
C GLY A 94 7.24 -10.26 9.15
N VAL A 95 6.47 -9.37 8.53
CA VAL A 95 5.95 -8.19 9.22
C VAL A 95 4.45 -8.31 9.44
N ARG A 96 3.70 -8.30 8.35
CA ARG A 96 2.24 -8.40 8.43
C ARG A 96 1.62 -8.50 7.04
N THR A 97 0.30 -8.57 6.99
CA THR A 97 -0.41 -8.67 5.71
C THR A 97 -1.49 -7.61 5.60
N TYR A 98 -1.22 -6.60 4.78
CA TYR A 98 -2.17 -5.50 4.57
C TYR A 98 -3.28 -5.91 3.61
N PHE A 99 -4.42 -5.24 3.71
CA PHE A 99 -5.56 -5.54 2.86
C PHE A 99 -6.03 -4.28 2.14
N PHE A 100 -6.61 -4.47 0.95
CA PHE A 100 -7.11 -3.35 0.15
C PHE A 100 -8.21 -3.81 -0.80
N SER A 101 -9.41 -3.29 -0.60
CA SER A 101 -10.56 -3.65 -1.44
C SER A 101 -10.75 -2.62 -2.56
N ALA A 102 -11.48 -3.03 -3.59
CA ALA A 102 -11.74 -2.16 -4.73
C ALA A 102 -13.21 -2.21 -5.13
N GLU A 103 -13.84 -1.04 -5.24
CA GLU A 103 -15.24 -0.96 -5.61
C GLU A 103 -15.53 -1.83 -6.83
N SER A 104 -14.71 -1.67 -7.87
CA SER A 104 -14.89 -2.43 -9.09
C SER A 104 -13.67 -3.32 -9.35
N PRO A 105 -13.88 -4.40 -10.12
CA PRO A 105 -12.81 -5.36 -10.46
C PRO A 105 -11.79 -4.75 -11.40
N GLU A 106 -12.19 -3.71 -12.13
CA GLU A 106 -11.30 -3.05 -13.08
C GLU A 106 -10.16 -2.34 -12.35
N GLU A 107 -10.44 -1.87 -11.14
CA GLU A 107 -9.43 -1.17 -10.35
C GLU A 107 -8.52 -2.16 -9.63
N GLN A 108 -9.12 -3.20 -9.07
CA GLN A 108 -8.35 -4.23 -8.36
C GLN A 108 -7.27 -4.82 -9.25
N GLU A 109 -7.65 -5.24 -10.45
CA GLU A 109 -6.70 -5.82 -11.39
C GLU A 109 -5.64 -4.80 -11.79
N ALA A 110 -6.08 -3.62 -12.20
CA ALA A 110 -5.16 -2.56 -12.60
C ALA A 110 -4.15 -2.26 -11.51
N TRP A 111 -4.63 -2.08 -10.29
CA TRP A 111 -3.76 -1.78 -9.16
C TRP A 111 -2.70 -2.87 -8.99
N ILE A 112 -3.14 -4.12 -8.97
CA ILE A 112 -2.22 -5.25 -8.82
C ILE A 112 -1.10 -5.17 -9.84
N GLN A 113 -1.44 -4.77 -11.06
CA GLN A 113 -0.45 -4.66 -12.13
C GLN A 113 0.72 -3.80 -11.70
N ALA A 114 0.42 -2.65 -11.09
CA ALA A 114 1.45 -1.74 -10.63
C ALA A 114 2.02 -2.17 -9.27
N MET A 115 1.13 -2.33 -8.29
CA MET A 115 1.54 -2.74 -6.96
C MET A 115 2.25 -4.10 -7.00
N GLY A 116 1.56 -5.11 -7.53
CA GLY A 116 2.15 -6.43 -7.63
C GLY A 116 3.55 -6.41 -8.19
N GLU A 117 3.71 -5.76 -9.34
CA GLU A 117 5.01 -5.67 -9.99
C GLU A 117 6.01 -4.89 -9.13
N ALA A 118 5.70 -3.62 -8.90
CA ALA A 118 6.56 -2.77 -8.08
C ALA A 118 7.06 -3.51 -6.85
N ALA A 119 6.26 -4.46 -6.37
CA ALA A 119 6.62 -5.24 -5.19
C ALA A 119 7.83 -6.13 -5.47
N ARG A 120 7.83 -6.77 -6.63
CA ARG A 120 8.92 -7.65 -7.02
C ARG A 120 10.26 -7.10 -6.53
N VAL A 121 11.20 -8.00 -6.28
CA VAL A 121 12.53 -7.60 -5.80
C VAL A 121 13.55 -7.66 -6.93
N GLN A 122 13.67 -6.55 -7.66
CA GLN A 122 14.61 -6.47 -8.77
C GLN A 122 15.92 -5.82 -8.32
N GLY A 1 35.55 14.43 24.87
CA GLY A 1 34.47 15.36 25.15
C GLY A 1 33.12 14.85 24.67
N SER A 2 32.73 15.23 23.46
CA SER A 2 31.46 14.79 22.90
C SER A 2 31.68 13.95 21.64
N SER A 3 31.70 12.64 21.81
CA SER A 3 31.91 11.72 20.69
C SER A 3 30.74 11.78 19.73
N GLY A 4 29.52 11.63 20.26
CA GLY A 4 28.34 11.67 19.43
C GLY A 4 27.08 11.30 20.19
N SER A 5 25.96 11.93 19.83
CA SER A 5 24.69 11.67 20.49
C SER A 5 23.62 11.30 19.47
N SER A 6 23.28 10.01 19.42
CA SER A 6 22.26 9.53 18.49
C SER A 6 20.91 9.41 19.18
N GLY A 7 20.44 10.50 19.77
CA GLY A 7 19.16 10.49 20.46
C GLY A 7 18.14 11.38 19.78
N GLY A 8 17.64 10.93 18.64
CA GLY A 8 16.64 11.70 17.91
C GLY A 8 15.51 10.84 17.39
N LYS A 9 15.85 9.84 16.58
CA LYS A 9 14.85 8.94 16.02
C LYS A 9 15.45 7.56 15.74
N ARG A 10 15.10 6.60 16.57
CA ARG A 10 15.60 5.23 16.41
C ARG A 10 14.92 4.53 15.24
N SER A 11 13.59 4.61 15.20
CA SER A 11 12.82 3.99 14.14
C SER A 11 13.03 4.72 12.81
N HIS A 12 13.05 3.97 11.72
CA HIS A 12 13.23 4.54 10.39
C HIS A 12 11.97 5.28 9.94
N SER A 13 12.08 5.97 8.81
CA SER A 13 10.95 6.72 8.27
C SER A 13 11.05 6.85 6.76
N MET A 14 9.96 6.52 6.06
CA MET A 14 9.93 6.60 4.61
C MET A 14 9.29 7.91 4.15
N LYS A 15 9.73 8.40 2.99
CA LYS A 15 9.20 9.64 2.44
C LYS A 15 8.79 9.45 0.98
N ARG A 16 8.19 10.49 0.40
CA ARG A 16 7.75 10.44 -0.99
C ARG A 16 8.24 11.66 -1.76
N ASN A 17 9.41 11.54 -2.37
CA ASN A 17 9.99 12.63 -3.14
C ASN A 17 8.97 13.20 -4.14
N PRO A 18 8.98 14.52 -4.30
CA PRO A 18 8.07 15.20 -5.22
C PRO A 18 8.40 14.93 -6.68
N ASN A 19 9.69 14.94 -7.01
CA ASN A 19 10.13 14.68 -8.37
C ASN A 19 9.68 13.30 -8.84
N ALA A 20 9.75 12.33 -7.95
CA ALA A 20 9.34 10.96 -8.27
C ALA A 20 7.98 10.94 -8.94
N PRO A 21 7.90 10.29 -10.12
CA PRO A 21 6.65 10.19 -10.88
C PRO A 21 5.62 9.28 -10.20
N VAL A 22 4.38 9.76 -10.14
CA VAL A 22 3.31 9.00 -9.51
C VAL A 22 3.00 7.73 -10.31
N THR A 23 3.26 6.58 -9.69
CA THR A 23 3.02 5.30 -10.34
C THR A 23 1.52 5.07 -10.57
N LYS A 24 0.76 5.10 -9.49
CA LYS A 24 -0.68 4.91 -9.56
C LYS A 24 -1.37 5.46 -8.32
N ALA A 25 -2.45 6.21 -8.53
CA ALA A 25 -3.20 6.79 -7.42
C ALA A 25 -4.70 6.55 -7.60
N GLY A 26 -5.41 6.39 -6.49
CA GLY A 26 -6.84 6.16 -6.53
C GLY A 26 -7.44 5.96 -5.16
N TRP A 27 -8.72 6.30 -5.02
CA TRP A 27 -9.42 6.14 -3.74
C TRP A 27 -9.68 4.68 -3.43
N LEU A 28 -8.93 4.14 -2.47
CA LEU A 28 -9.08 2.74 -2.08
C LEU A 28 -9.55 2.64 -0.63
N PHE A 29 -9.75 1.41 -0.17
CA PHE A 29 -10.20 1.16 1.19
C PHE A 29 -9.21 0.28 1.95
N LYS A 30 -8.84 0.70 3.15
CA LYS A 30 -7.90 -0.06 3.97
C LYS A 30 -8.61 -0.70 5.16
N GLN A 31 -8.94 -1.97 5.03
CA GLN A 31 -9.63 -2.70 6.09
C GLN A 31 -9.15 -2.23 7.46
N ALA A 32 -10.08 -2.14 8.42
CA ALA A 32 -9.75 -1.71 9.77
C ALA A 32 -9.24 -2.87 10.61
N SER A 33 -8.72 -2.56 11.79
CA SER A 33 -8.20 -3.58 12.70
C SER A 33 -8.86 -3.48 14.06
N SER A 34 -8.76 -2.31 14.69
CA SER A 34 -9.35 -2.09 16.00
C SER A 34 -10.78 -1.58 15.88
N GLY A 35 -11.50 -1.59 17.00
CA GLY A 35 -12.88 -1.13 17.00
C GLY A 35 -13.82 -2.13 16.36
N VAL A 36 -14.53 -1.68 15.31
CA VAL A 36 -15.47 -2.56 14.62
C VAL A 36 -14.97 -2.91 13.23
N LYS A 37 -15.39 -4.06 12.71
CA LYS A 37 -14.99 -4.52 11.40
C LYS A 37 -15.59 -3.64 10.31
N GLN A 38 -14.80 -2.68 9.81
CA GLN A 38 -15.27 -1.78 8.77
C GLN A 38 -14.10 -1.30 7.92
N TRP A 39 -14.41 -0.89 6.69
CA TRP A 39 -13.38 -0.40 5.77
C TRP A 39 -13.27 1.12 5.84
N ASN A 40 -12.06 1.62 5.60
CA ASN A 40 -11.81 3.06 5.63
C ASN A 40 -11.39 3.57 4.26
N LYS A 41 -12.18 4.49 3.71
CA LYS A 41 -11.89 5.07 2.40
C LYS A 41 -10.85 6.19 2.52
N ARG A 42 -9.65 5.94 2.00
CA ARG A 42 -8.59 6.93 2.04
C ARG A 42 -7.91 7.06 0.67
N TRP A 43 -7.22 8.18 0.46
CA TRP A 43 -6.53 8.43 -0.80
C TRP A 43 -5.22 7.66 -0.85
N PHE A 44 -5.11 6.76 -1.82
CA PHE A 44 -3.89 5.95 -1.99
C PHE A 44 -3.05 6.49 -3.13
N VAL A 45 -1.74 6.47 -2.95
CA VAL A 45 -0.80 6.95 -3.97
C VAL A 45 0.46 6.09 -4.00
N LEU A 46 0.82 5.63 -5.20
CA LEU A 46 2.00 4.80 -5.37
C LEU A 46 3.15 5.62 -5.98
N VAL A 47 4.20 5.83 -5.19
CA VAL A 47 5.36 6.58 -5.65
C VAL A 47 6.65 6.00 -5.07
N ASP A 48 7.67 5.89 -5.91
CA ASP A 48 8.96 5.35 -5.48
C ASP A 48 8.81 3.93 -4.94
N ARG A 49 8.23 3.05 -5.76
CA ARG A 49 8.03 1.67 -5.36
C ARG A 49 7.50 1.58 -3.93
N CYS A 50 6.80 2.62 -3.50
CA CYS A 50 6.24 2.67 -2.16
C CYS A 50 4.79 3.14 -2.18
N LEU A 51 4.02 2.72 -1.18
CA LEU A 51 2.61 3.10 -1.10
C LEU A 51 2.41 4.18 -0.03
N PHE A 52 1.67 5.22 -0.38
CA PHE A 52 1.40 6.32 0.54
C PHE A 52 -0.09 6.65 0.56
N TYR A 53 -0.70 6.52 1.73
CA TYR A 53 -2.12 6.81 1.89
C TYR A 53 -2.34 8.13 2.63
N TYR A 54 -2.94 9.09 1.94
CA TYR A 54 -3.19 10.41 2.52
C TYR A 54 -4.66 10.54 2.93
N LYS A 55 -4.89 11.02 4.14
CA LYS A 55 -6.25 11.19 4.66
C LYS A 55 -7.18 11.66 3.55
N ASP A 56 -6.69 12.58 2.72
CA ASP A 56 -7.49 13.10 1.62
C ASP A 56 -6.61 13.37 0.39
N GLU A 57 -7.22 13.90 -0.66
CA GLU A 57 -6.50 14.20 -1.89
C GLU A 57 -5.72 15.50 -1.77
N LYS A 58 -5.63 16.02 -0.55
CA LYS A 58 -4.91 17.26 -0.29
C LYS A 58 -3.41 17.01 -0.19
N GLU A 59 -3.04 15.76 0.06
CA GLU A 59 -1.63 15.40 0.18
C GLU A 59 -0.89 16.36 1.12
N GLU A 60 -1.49 16.61 2.28
CA GLU A 60 -0.90 17.51 3.26
C GLU A 60 0.31 16.86 3.92
N SER A 61 0.10 15.68 4.49
CA SER A 61 1.17 14.95 5.17
C SER A 61 0.92 13.45 5.12
N ILE A 62 1.98 12.68 4.88
CA ILE A 62 1.88 11.23 4.81
C ILE A 62 1.62 10.63 6.19
N LEU A 63 0.47 9.98 6.34
CA LEU A 63 0.11 9.36 7.61
C LEU A 63 0.92 8.09 7.85
N GLY A 64 1.15 7.34 6.78
CA GLY A 64 1.90 6.11 6.89
C GLY A 64 2.33 5.56 5.54
N SER A 65 3.53 4.98 5.49
CA SER A 65 4.05 4.42 4.24
C SER A 65 4.23 2.91 4.36
N ILE A 66 3.85 2.20 3.32
CA ILE A 66 3.97 0.74 3.29
C ILE A 66 4.88 0.28 2.16
N PRO A 67 6.04 -0.31 2.53
CA PRO A 67 7.01 -0.81 1.56
C PRO A 67 6.51 -2.03 0.81
N LEU A 68 5.95 -1.81 -0.39
CA LEU A 68 5.43 -2.90 -1.21
C LEU A 68 6.57 -3.68 -1.87
N LEU A 69 7.74 -3.05 -1.94
CA LEU A 69 8.91 -3.68 -2.54
C LEU A 69 9.27 -4.98 -1.82
N SER A 70 8.62 -5.21 -0.68
CA SER A 70 8.87 -6.41 0.11
C SER A 70 7.56 -7.12 0.46
N PHE A 71 6.64 -7.13 -0.50
CA PHE A 71 5.34 -7.77 -0.29
C PHE A 71 4.90 -8.52 -1.55
N ARG A 72 3.95 -9.43 -1.38
CA ARG A 72 3.44 -10.21 -2.50
C ARG A 72 1.93 -10.01 -2.66
N VAL A 73 1.56 -8.98 -3.43
CA VAL A 73 0.15 -8.69 -3.66
C VAL A 73 -0.53 -9.80 -4.45
N ALA A 74 -1.78 -10.08 -4.12
CA ALA A 74 -2.54 -11.12 -4.80
C ALA A 74 -4.01 -11.10 -4.37
N ALA A 75 -4.90 -11.15 -5.36
CA ALA A 75 -6.33 -11.13 -5.09
C ALA A 75 -6.67 -12.01 -3.87
N VAL A 76 -7.80 -11.73 -3.25
CA VAL A 76 -8.24 -12.48 -2.08
C VAL A 76 -8.68 -13.88 -2.47
N GLN A 77 -8.80 -14.76 -1.48
CA GLN A 77 -9.23 -16.14 -1.72
C GLN A 77 -10.65 -16.36 -1.24
N PRO A 78 -11.29 -17.43 -1.74
CA PRO A 78 -12.66 -17.78 -1.38
C PRO A 78 -12.77 -18.29 0.06
N SER A 79 -11.62 -18.59 0.66
CA SER A 79 -11.59 -19.09 2.03
C SER A 79 -11.30 -17.96 3.01
N ASP A 80 -10.94 -16.80 2.47
CA ASP A 80 -10.64 -15.63 3.31
C ASP A 80 -11.89 -15.15 4.03
N ASN A 81 -11.69 -14.32 5.05
CA ASN A 81 -12.81 -13.79 5.82
C ASN A 81 -13.23 -12.42 5.31
N ILE A 82 -13.13 -12.23 4.00
CA ILE A 82 -13.51 -10.95 3.39
C ILE A 82 -14.91 -11.03 2.78
N SER A 83 -15.73 -10.05 3.12
CA SER A 83 -17.11 -10.00 2.61
C SER A 83 -17.19 -9.11 1.39
N ARG A 84 -16.13 -9.12 0.58
CA ARG A 84 -16.09 -8.31 -0.64
C ARG A 84 -15.75 -9.17 -1.85
N LYS A 85 -15.70 -8.54 -3.01
CA LYS A 85 -15.39 -9.26 -4.25
C LYS A 85 -14.02 -8.85 -4.79
N HIS A 86 -13.93 -7.64 -5.34
CA HIS A 86 -12.68 -7.13 -5.88
C HIS A 86 -11.77 -6.62 -4.77
N THR A 87 -11.05 -7.54 -4.13
CA THR A 87 -10.15 -7.18 -3.04
C THR A 87 -8.78 -7.82 -3.24
N PHE A 88 -7.76 -7.22 -2.64
CA PHE A 88 -6.39 -7.72 -2.75
C PHE A 88 -5.62 -7.47 -1.46
N LYS A 89 -4.97 -8.52 -0.96
CA LYS A 89 -4.19 -8.42 0.27
C LYS A 89 -2.71 -8.70 -0.01
N ALA A 90 -1.84 -7.83 0.51
CA ALA A 90 -0.40 -7.98 0.32
C ALA A 90 0.27 -8.42 1.62
N GLU A 91 0.82 -9.63 1.62
CA GLU A 91 1.50 -10.16 2.79
C GLU A 91 2.93 -10.58 2.46
N HIS A 92 3.81 -10.48 3.45
CA HIS A 92 5.22 -10.85 3.26
C HIS A 92 5.67 -11.82 4.34
N ALA A 93 5.45 -13.11 4.10
CA ALA A 93 5.84 -14.14 5.05
C ALA A 93 7.09 -13.72 5.84
N GLY A 94 6.88 -13.12 6.99
CA GLY A 94 8.00 -12.68 7.81
C GLY A 94 7.87 -11.23 8.23
N VAL A 95 6.80 -10.58 7.81
CA VAL A 95 6.56 -9.18 8.14
C VAL A 95 5.14 -8.97 8.64
N ARG A 96 4.18 -8.94 7.72
CA ARG A 96 2.78 -8.74 8.06
C ARG A 96 1.90 -8.82 6.81
N THR A 97 0.60 -8.97 7.03
CA THR A 97 -0.35 -9.06 5.93
C THR A 97 -1.25 -7.84 5.88
N TYR A 98 -1.54 -7.36 4.67
CA TYR A 98 -2.39 -6.19 4.48
C TYR A 98 -3.59 -6.52 3.59
N PHE A 99 -4.54 -5.60 3.54
CA PHE A 99 -5.74 -5.80 2.72
C PHE A 99 -6.16 -4.50 2.06
N PHE A 100 -6.76 -4.61 0.88
CA PHE A 100 -7.21 -3.44 0.14
C PHE A 100 -8.34 -3.80 -0.82
N SER A 101 -9.47 -3.12 -0.68
CA SER A 101 -10.63 -3.38 -1.53
C SER A 101 -10.72 -2.35 -2.66
N ALA A 102 -11.59 -2.62 -3.63
CA ALA A 102 -11.77 -1.73 -4.76
C ALA A 102 -13.23 -1.64 -5.17
N GLU A 103 -13.69 -0.43 -5.50
CA GLU A 103 -15.06 -0.22 -5.90
C GLU A 103 -15.40 -1.04 -7.14
N SER A 104 -14.50 -1.02 -8.12
CA SER A 104 -14.70 -1.76 -9.36
C SER A 104 -13.61 -2.82 -9.55
N PRO A 105 -13.95 -3.88 -10.28
CA PRO A 105 -13.01 -4.98 -10.55
C PRO A 105 -11.89 -4.56 -11.50
N GLU A 106 -12.14 -3.50 -12.28
CA GLU A 106 -11.15 -3.00 -13.22
C GLU A 106 -10.00 -2.30 -12.49
N GLU A 107 -10.32 -1.70 -11.35
CA GLU A 107 -9.32 -0.99 -10.56
C GLU A 107 -8.47 -1.97 -9.76
N GLN A 108 -9.12 -2.95 -9.14
CA GLN A 108 -8.42 -3.95 -8.34
C GLN A 108 -7.26 -4.55 -9.12
N GLU A 109 -7.58 -5.26 -10.21
CA GLU A 109 -6.57 -5.90 -11.03
C GLU A 109 -5.50 -4.88 -11.45
N ALA A 110 -5.94 -3.73 -11.93
CA ALA A 110 -5.02 -2.68 -12.37
C ALA A 110 -4.04 -2.32 -11.26
N TRP A 111 -4.56 -2.19 -10.04
CA TRP A 111 -3.73 -1.85 -8.89
C TRP A 111 -2.66 -2.90 -8.66
N ILE A 112 -3.03 -4.17 -8.77
CA ILE A 112 -2.10 -5.27 -8.57
C ILE A 112 -0.98 -5.22 -9.61
N GLN A 113 -1.32 -4.81 -10.82
CA GLN A 113 -0.35 -4.73 -11.91
C GLN A 113 0.78 -3.78 -11.54
N ALA A 114 0.44 -2.66 -10.92
CA ALA A 114 1.43 -1.67 -10.52
C ALA A 114 2.07 -2.04 -9.19
N MET A 115 1.26 -2.52 -8.25
CA MET A 115 1.74 -2.92 -6.94
C MET A 115 2.52 -4.23 -7.02
N GLY A 116 1.83 -5.30 -7.43
CA GLY A 116 2.48 -6.60 -7.54
C GLY A 116 3.85 -6.51 -8.18
N GLU A 117 3.97 -5.66 -9.21
CA GLU A 117 5.23 -5.50 -9.92
C GLU A 117 6.21 -4.66 -9.09
N ALA A 118 5.83 -3.41 -8.85
CA ALA A 118 6.67 -2.50 -8.07
C ALA A 118 7.05 -3.11 -6.72
N ALA A 119 6.29 -4.12 -6.31
CA ALA A 119 6.55 -4.80 -5.05
C ALA A 119 7.70 -5.80 -5.18
N ARG A 120 7.79 -6.43 -6.34
CA ARG A 120 8.84 -7.40 -6.61
C ARG A 120 10.20 -6.89 -6.12
N VAL A 121 11.01 -7.79 -5.57
CA VAL A 121 12.32 -7.43 -5.08
C VAL A 121 13.42 -8.23 -5.78
N GLN A 122 13.06 -8.84 -6.90
CA GLN A 122 14.01 -9.64 -7.68
C GLN A 122 15.18 -8.78 -8.15
N GLY A 1 12.36 5.75 -21.97
CA GLY A 1 13.70 5.33 -22.31
C GLY A 1 14.72 5.78 -21.28
N SER A 2 15.28 4.83 -20.55
CA SER A 2 16.28 5.14 -19.54
C SER A 2 17.35 4.04 -19.46
N SER A 3 18.55 4.38 -19.91
CA SER A 3 19.66 3.42 -19.91
C SER A 3 20.65 3.74 -18.78
N GLY A 4 21.00 2.72 -18.01
CA GLY A 4 21.94 2.91 -16.92
C GLY A 4 21.28 3.54 -15.70
N SER A 5 21.91 3.37 -14.54
CA SER A 5 21.38 3.92 -13.30
C SER A 5 22.19 5.13 -12.84
N SER A 6 21.50 6.24 -12.61
CA SER A 6 22.16 7.46 -12.17
C SER A 6 21.33 8.17 -11.11
N GLY A 7 22.00 8.61 -10.05
CA GLY A 7 21.31 9.30 -8.97
C GLY A 7 22.26 10.02 -8.03
N GLY A 8 21.76 10.41 -6.86
CA GLY A 8 22.59 11.10 -5.90
C GLY A 8 22.84 10.28 -4.65
N LYS A 9 21.77 9.97 -3.93
CA LYS A 9 21.87 9.18 -2.71
C LYS A 9 20.57 8.44 -2.42
N ARG A 10 20.61 7.53 -1.46
CA ARG A 10 19.43 6.76 -1.08
C ARG A 10 19.33 6.62 0.43
N SER A 11 18.23 7.13 0.99
CA SER A 11 18.00 7.07 2.43
C SER A 11 17.07 5.92 2.78
N HIS A 12 16.76 5.80 4.07
CA HIS A 12 15.87 4.75 4.54
C HIS A 12 14.49 5.31 4.90
N SER A 13 14.48 6.37 5.70
CA SER A 13 13.24 6.99 6.11
C SER A 13 12.29 7.18 4.92
N MET A 14 11.25 6.36 4.86
CA MET A 14 10.28 6.43 3.77
C MET A 14 9.67 7.83 3.70
N LYS A 15 9.69 8.41 2.50
CA LYS A 15 9.13 9.74 2.29
C LYS A 15 8.63 9.89 0.86
N ARG A 16 7.82 10.92 0.63
CA ARG A 16 7.27 11.17 -0.70
C ARG A 16 8.01 12.33 -1.38
N ASN A 17 8.64 12.03 -2.51
CA ASN A 17 9.38 13.05 -3.26
C ASN A 17 8.54 13.58 -4.42
N PRO A 18 8.58 14.91 -4.61
CA PRO A 18 7.84 15.57 -5.68
C PRO A 18 8.41 15.25 -7.06
N ASN A 19 9.74 15.14 -7.14
CA ASN A 19 10.40 14.84 -8.40
C ASN A 19 9.99 13.47 -8.93
N ALA A 20 9.81 12.52 -8.02
CA ALA A 20 9.40 11.17 -8.39
C ALA A 20 7.99 11.16 -8.97
N PRO A 21 7.85 10.58 -10.17
CA PRO A 21 6.56 10.48 -10.86
C PRO A 21 5.60 9.52 -10.17
N VAL A 22 4.32 9.87 -10.16
CA VAL A 22 3.30 9.04 -9.54
C VAL A 22 3.00 7.81 -10.39
N THR A 23 3.29 6.64 -9.84
CA THR A 23 3.05 5.38 -10.54
C THR A 23 1.56 5.13 -10.72
N LYS A 24 0.81 5.20 -9.63
CA LYS A 24 -0.63 4.99 -9.67
C LYS A 24 -1.31 5.55 -8.42
N ALA A 25 -2.46 6.20 -8.62
CA ALA A 25 -3.19 6.78 -7.51
C ALA A 25 -4.69 6.52 -7.65
N GLY A 26 -5.38 6.43 -6.52
CA GLY A 26 -6.81 6.18 -6.54
C GLY A 26 -7.37 5.91 -5.16
N TRP A 27 -8.62 6.31 -4.94
CA TRP A 27 -9.27 6.10 -3.65
C TRP A 27 -9.60 4.64 -3.44
N LEU A 28 -8.92 4.02 -2.47
CA LEU A 28 -9.13 2.61 -2.16
C LEU A 28 -9.67 2.44 -0.74
N PHE A 29 -9.93 1.20 -0.36
CA PHE A 29 -10.45 0.90 0.98
C PHE A 29 -9.48 0.02 1.75
N LYS A 30 -9.03 0.51 2.90
CA LYS A 30 -8.10 -0.23 3.74
C LYS A 30 -8.82 -0.85 4.94
N GLN A 31 -8.81 -2.18 5.02
CA GLN A 31 -9.44 -2.88 6.12
C GLN A 31 -8.78 -2.54 7.45
N ALA A 32 -9.59 -2.37 8.49
CA ALA A 32 -9.08 -2.05 9.81
C ALA A 32 -8.38 -3.26 10.45
N SER A 33 -7.46 -2.99 11.36
CA SER A 33 -6.73 -4.05 12.04
C SER A 33 -6.70 -3.82 13.54
N SER A 34 -6.68 -4.91 14.31
CA SER A 34 -6.65 -4.82 15.76
C SER A 34 -7.64 -3.77 16.26
N GLY A 35 -8.82 -3.74 15.65
CA GLY A 35 -9.84 -2.79 16.05
C GLY A 35 -11.18 -3.07 15.39
N VAL A 36 -11.99 -2.03 15.23
CA VAL A 36 -13.31 -2.16 14.61
C VAL A 36 -13.18 -2.72 13.20
N LYS A 37 -13.75 -3.90 12.99
CA LYS A 37 -13.72 -4.54 11.68
C LYS A 37 -14.49 -3.73 10.65
N GLN A 38 -13.83 -2.73 10.08
CA GLN A 38 -14.45 -1.87 9.08
C GLN A 38 -13.42 -1.35 8.08
N TRP A 39 -13.86 -1.14 6.84
CA TRP A 39 -12.97 -0.65 5.80
C TRP A 39 -12.89 0.88 5.83
N ASN A 40 -11.67 1.40 5.91
CA ASN A 40 -11.46 2.85 5.95
C ASN A 40 -11.01 3.36 4.58
N LYS A 41 -11.89 4.11 3.92
CA LYS A 41 -11.59 4.66 2.61
C LYS A 41 -10.62 5.83 2.72
N ARG A 42 -9.50 5.75 2.00
CA ARG A 42 -8.49 6.79 2.03
C ARG A 42 -7.84 6.96 0.66
N TRP A 43 -7.12 8.06 0.47
CA TRP A 43 -6.45 8.32 -0.79
C TRP A 43 -5.11 7.60 -0.86
N PHE A 44 -5.00 6.67 -1.82
CA PHE A 44 -3.77 5.90 -1.99
C PHE A 44 -2.95 6.44 -3.15
N VAL A 45 -1.64 6.51 -2.96
CA VAL A 45 -0.73 7.01 -3.99
C VAL A 45 0.55 6.17 -4.05
N LEU A 46 0.90 5.74 -5.26
CA LEU A 46 2.10 4.92 -5.45
C LEU A 46 3.21 5.75 -6.07
N VAL A 47 4.29 5.95 -5.32
CA VAL A 47 5.43 6.72 -5.81
C VAL A 47 6.74 6.13 -5.30
N ASP A 48 7.70 5.98 -6.21
CA ASP A 48 9.00 5.43 -5.86
C ASP A 48 8.86 4.02 -5.31
N ARG A 49 8.21 3.15 -6.07
CA ARG A 49 8.00 1.76 -5.65
C ARG A 49 7.56 1.69 -4.19
N CYS A 50 6.74 2.65 -3.78
CA CYS A 50 6.25 2.69 -2.40
C CYS A 50 4.81 3.16 -2.36
N LEU A 51 4.06 2.69 -1.36
CA LEU A 51 2.66 3.05 -1.20
C LEU A 51 2.50 4.17 -0.17
N PHE A 52 1.72 5.18 -0.51
CA PHE A 52 1.49 6.31 0.37
C PHE A 52 0.00 6.62 0.48
N TYR A 53 -0.54 6.53 1.69
CA TYR A 53 -1.95 6.79 1.93
C TYR A 53 -2.14 8.09 2.71
N TYR A 54 -2.78 9.06 2.08
CA TYR A 54 -3.02 10.35 2.71
C TYR A 54 -4.47 10.48 3.16
N LYS A 55 -4.76 11.51 3.95
CA LYS A 55 -6.11 11.75 4.44
C LYS A 55 -7.06 12.07 3.30
N ASP A 56 -6.55 12.79 2.30
CA ASP A 56 -7.35 13.18 1.15
C ASP A 56 -6.46 13.46 -0.06
N GLU A 57 -7.07 13.87 -1.17
CA GLU A 57 -6.34 14.17 -2.39
C GLU A 57 -5.41 15.37 -2.18
N LYS A 58 -5.55 16.02 -1.02
CA LYS A 58 -4.73 17.18 -0.70
C LYS A 58 -3.25 16.79 -0.60
N GLU A 59 -2.98 15.68 0.07
CA GLU A 59 -1.61 15.20 0.23
C GLU A 59 -0.78 16.19 1.02
N GLU A 60 -1.34 16.68 2.13
CA GLU A 60 -0.65 17.64 2.97
C GLU A 60 0.52 16.98 3.71
N SER A 61 0.26 15.82 4.29
CA SER A 61 1.28 15.08 5.02
C SER A 61 1.01 13.58 4.98
N ILE A 62 2.08 12.79 4.86
CA ILE A 62 1.96 11.34 4.81
C ILE A 62 1.56 10.77 6.17
N LEU A 63 0.39 10.13 6.20
CA LEU A 63 -0.10 9.53 7.44
C LEU A 63 0.64 8.25 7.76
N GLY A 64 1.05 7.52 6.72
CA GLY A 64 1.77 6.28 6.91
C GLY A 64 2.26 5.69 5.61
N SER A 65 3.53 5.31 5.58
CA SER A 65 4.13 4.73 4.38
C SER A 65 4.42 3.25 4.58
N ILE A 66 4.08 2.44 3.57
CA ILE A 66 4.31 1.01 3.64
C ILE A 66 5.06 0.51 2.40
N PRO A 67 6.28 0.00 2.63
CA PRO A 67 7.13 -0.52 1.56
C PRO A 67 6.59 -1.82 0.96
N LEU A 68 6.32 -1.80 -0.34
CA LEU A 68 5.80 -2.99 -1.02
C LEU A 68 6.93 -3.81 -1.64
N LEU A 69 8.03 -3.14 -1.94
CA LEU A 69 9.19 -3.81 -2.53
C LEU A 69 9.54 -5.08 -1.76
N SER A 70 9.04 -5.16 -0.53
CA SER A 70 9.31 -6.32 0.31
C SER A 70 8.00 -6.99 0.74
N PHE A 71 7.07 -7.09 -0.21
CA PHE A 71 5.78 -7.70 0.06
C PHE A 71 5.27 -8.46 -1.17
N ARG A 72 4.12 -9.12 -1.02
CA ARG A 72 3.53 -9.87 -2.11
C ARG A 72 2.04 -9.58 -2.23
N VAL A 73 1.66 -8.86 -3.29
CA VAL A 73 0.27 -8.52 -3.52
C VAL A 73 -0.43 -9.57 -4.38
N ALA A 74 -1.72 -9.76 -4.14
CA ALA A 74 -2.50 -10.73 -4.89
C ALA A 74 -3.98 -10.65 -4.52
N ALA A 75 -4.83 -11.15 -5.42
CA ALA A 75 -6.28 -11.12 -5.18
C ALA A 75 -6.67 -12.09 -4.08
N VAL A 76 -7.71 -11.74 -3.32
CA VAL A 76 -8.18 -12.58 -2.23
C VAL A 76 -8.59 -13.96 -2.74
N GLN A 77 -9.00 -14.82 -1.81
CA GLN A 77 -9.41 -16.17 -2.16
C GLN A 77 -10.85 -16.43 -1.75
N PRO A 78 -11.47 -17.45 -2.36
CA PRO A 78 -12.86 -17.81 -2.06
C PRO A 78 -13.02 -18.42 -0.68
N SER A 79 -11.91 -18.80 -0.06
CA SER A 79 -11.93 -19.39 1.26
C SER A 79 -11.58 -18.35 2.33
N ASP A 80 -11.51 -17.09 1.92
CA ASP A 80 -11.19 -16.01 2.83
C ASP A 80 -12.44 -15.53 3.57
N ASN A 81 -12.24 -14.62 4.52
CA ASN A 81 -13.36 -14.09 5.30
C ASN A 81 -13.79 -12.72 4.76
N ILE A 82 -13.48 -12.47 3.50
CA ILE A 82 -13.84 -11.20 2.87
C ILE A 82 -15.11 -11.34 2.05
N SER A 83 -16.03 -10.39 2.21
CA SER A 83 -17.29 -10.41 1.49
C SER A 83 -17.22 -9.51 0.25
N ARG A 84 -16.62 -8.34 0.43
CA ARG A 84 -16.50 -7.39 -0.68
C ARG A 84 -15.73 -8.00 -1.84
N LYS A 85 -16.30 -7.90 -3.03
CA LYS A 85 -15.67 -8.43 -4.23
C LYS A 85 -14.57 -7.51 -4.75
N HIS A 86 -13.72 -8.03 -5.62
CA HIS A 86 -12.63 -7.25 -6.19
C HIS A 86 -11.70 -6.74 -5.09
N THR A 87 -11.23 -7.65 -4.25
CA THR A 87 -10.34 -7.29 -3.15
C THR A 87 -8.98 -7.96 -3.29
N PHE A 88 -7.96 -7.38 -2.67
CA PHE A 88 -6.61 -7.92 -2.74
C PHE A 88 -5.84 -7.63 -1.45
N LYS A 89 -4.98 -8.56 -1.05
CA LYS A 89 -4.19 -8.39 0.16
C LYS A 89 -2.70 -8.50 -0.16
N ALA A 90 -1.88 -7.89 0.69
CA ALA A 90 -0.43 -7.92 0.51
C ALA A 90 0.28 -8.31 1.80
N GLU A 91 1.02 -9.41 1.75
CA GLU A 91 1.75 -9.89 2.92
C GLU A 91 3.13 -10.39 2.54
N HIS A 92 4.12 -10.06 3.34
CA HIS A 92 5.50 -10.47 3.09
C HIS A 92 5.78 -11.84 3.71
N ALA A 93 4.77 -12.41 4.35
CA ALA A 93 4.91 -13.71 4.99
C ALA A 93 5.96 -13.68 6.09
N GLY A 94 5.78 -12.76 7.03
CA GLY A 94 6.73 -12.65 8.13
C GLY A 94 6.49 -11.40 8.96
N VAL A 95 5.82 -10.41 8.38
CA VAL A 95 5.53 -9.16 9.07
C VAL A 95 4.05 -9.01 9.31
N ARG A 96 3.26 -9.06 8.24
CA ARG A 96 1.81 -8.92 8.34
C ARG A 96 1.16 -9.08 6.97
N THR A 97 -0.17 -8.95 6.94
CA THR A 97 -0.92 -9.08 5.69
C THR A 97 -1.93 -7.96 5.54
N TYR A 98 -1.61 -6.97 4.70
CA TYR A 98 -2.50 -5.84 4.48
C TYR A 98 -3.63 -6.22 3.52
N PHE A 99 -4.74 -5.50 3.60
CA PHE A 99 -5.89 -5.75 2.74
C PHE A 99 -6.34 -4.47 2.03
N PHE A 100 -6.91 -4.64 0.84
CA PHE A 100 -7.38 -3.50 0.06
C PHE A 100 -8.52 -3.91 -0.86
N SER A 101 -9.67 -3.27 -0.69
CA SER A 101 -10.84 -3.56 -1.51
C SER A 101 -11.06 -2.49 -2.56
N ALA A 102 -11.62 -2.88 -3.70
CA ALA A 102 -11.88 -1.95 -4.79
C ALA A 102 -13.37 -1.94 -5.15
N GLU A 103 -13.87 -0.75 -5.50
CA GLU A 103 -15.27 -0.60 -5.85
C GLU A 103 -15.58 -1.34 -7.15
N SER A 104 -14.62 -1.33 -8.08
CA SER A 104 -14.80 -1.99 -9.37
C SER A 104 -13.67 -2.97 -9.63
N PRO A 105 -13.96 -4.02 -10.40
CA PRO A 105 -12.98 -5.05 -10.75
C PRO A 105 -11.89 -4.53 -11.69
N GLU A 106 -12.18 -3.41 -12.35
CA GLU A 106 -11.23 -2.81 -13.28
C GLU A 106 -10.14 -2.05 -12.53
N GLU A 107 -10.40 -1.77 -11.25
CA GLU A 107 -9.43 -1.05 -10.43
C GLU A 107 -8.54 -2.02 -9.66
N GLN A 108 -9.15 -3.08 -9.14
CA GLN A 108 -8.40 -4.09 -8.38
C GLN A 108 -7.26 -4.67 -9.22
N GLU A 109 -7.60 -5.22 -10.37
CA GLU A 109 -6.60 -5.81 -11.26
C GLU A 109 -5.54 -4.78 -11.64
N ALA A 110 -6.00 -3.61 -12.08
CA ALA A 110 -5.09 -2.54 -12.47
C ALA A 110 -4.09 -2.23 -11.37
N TRP A 111 -4.59 -2.06 -10.15
CA TRP A 111 -3.73 -1.76 -9.01
C TRP A 111 -2.67 -2.83 -8.82
N ILE A 112 -3.10 -4.09 -8.82
CA ILE A 112 -2.19 -5.21 -8.66
C ILE A 112 -1.01 -5.12 -9.65
N GLN A 113 -1.34 -4.77 -10.89
CA GLN A 113 -0.31 -4.65 -11.92
C GLN A 113 0.84 -3.78 -11.45
N ALA A 114 0.52 -2.67 -10.80
CA ALA A 114 1.54 -1.75 -10.30
C ALA A 114 2.08 -2.24 -8.94
N MET A 115 1.18 -2.46 -8.00
CA MET A 115 1.57 -2.92 -6.67
C MET A 115 2.32 -4.25 -6.75
N GLY A 116 1.66 -5.26 -7.29
CA GLY A 116 2.28 -6.56 -7.41
C GLY A 116 3.70 -6.48 -7.97
N GLU A 117 3.85 -5.86 -9.13
CA GLU A 117 5.15 -5.73 -9.75
C GLU A 117 6.10 -4.92 -8.87
N ALA A 118 5.60 -3.81 -8.33
CA ALA A 118 6.39 -2.95 -7.46
C ALA A 118 6.73 -3.66 -6.15
N ALA A 119 6.06 -4.77 -5.89
CA ALA A 119 6.29 -5.55 -4.68
C ALA A 119 7.05 -6.84 -4.98
N ARG A 120 7.31 -7.07 -6.26
CA ARG A 120 8.02 -8.27 -6.69
C ARG A 120 9.39 -8.36 -6.02
N VAL A 121 10.17 -9.36 -6.41
CA VAL A 121 11.50 -9.56 -5.85
C VAL A 121 12.54 -9.80 -6.94
N GLN A 122 12.10 -9.73 -8.19
CA GLN A 122 12.98 -9.94 -9.32
C GLN A 122 14.05 -8.84 -9.39
N GLY A 1 26.19 -1.99 -18.62
CA GLY A 1 25.71 -0.82 -17.90
C GLY A 1 25.08 -1.19 -16.56
N SER A 2 25.39 -0.40 -15.54
CA SER A 2 24.85 -0.64 -14.21
C SER A 2 24.54 0.67 -13.49
N SER A 3 23.35 0.77 -12.93
CA SER A 3 22.92 1.97 -12.22
C SER A 3 21.59 1.74 -11.51
N GLY A 4 21.42 2.41 -10.37
CA GLY A 4 20.19 2.27 -9.61
C GLY A 4 20.39 2.55 -8.13
N SER A 5 20.62 3.81 -7.80
CA SER A 5 20.83 4.21 -6.41
C SER A 5 19.75 5.17 -5.95
N SER A 6 19.06 4.82 -4.88
CA SER A 6 17.99 5.65 -4.33
C SER A 6 17.63 5.23 -2.92
N GLY A 7 17.79 6.15 -1.97
CA GLY A 7 17.49 5.86 -0.58
C GLY A 7 18.73 5.59 0.24
N GLY A 8 18.54 5.44 1.55
CA GLY A 8 19.68 5.18 2.43
C GLY A 8 19.26 5.08 3.88
N LYS A 9 19.12 3.86 4.38
CA LYS A 9 18.72 3.63 5.76
C LYS A 9 17.48 4.45 6.12
N ARG A 10 16.52 4.47 5.20
CA ARG A 10 15.27 5.21 5.42
C ARG A 10 14.24 4.34 6.13
N SER A 11 14.71 3.52 7.08
CA SER A 11 13.83 2.64 7.82
C SER A 11 13.00 3.43 8.83
N HIS A 12 13.69 4.20 9.68
CA HIS A 12 13.01 5.00 10.70
C HIS A 12 11.68 5.52 10.18
N SER A 13 11.70 6.09 8.98
CA SER A 13 10.48 6.63 8.38
C SER A 13 10.71 6.94 6.90
N MET A 14 9.77 6.51 6.07
CA MET A 14 9.86 6.74 4.62
C MET A 14 9.18 8.05 4.24
N LYS A 15 9.44 8.51 3.02
CA LYS A 15 8.85 9.75 2.53
C LYS A 15 8.73 9.73 1.01
N ARG A 16 7.67 10.34 0.49
CA ARG A 16 7.43 10.40 -0.94
C ARG A 16 7.93 11.72 -1.54
N ASN A 17 8.87 11.63 -2.47
CA ASN A 17 9.43 12.81 -3.11
C ASN A 17 8.47 13.36 -4.16
N PRO A 18 8.43 14.70 -4.27
CA PRO A 18 7.56 15.38 -5.23
C PRO A 18 8.02 15.19 -6.66
N ASN A 19 9.34 15.17 -6.86
CA ASN A 19 9.91 15.00 -8.19
C ASN A 19 9.54 13.63 -8.76
N ALA A 20 9.55 12.61 -7.91
CA ALA A 20 9.21 11.26 -8.33
C ALA A 20 7.83 11.21 -8.97
N PRO A 21 7.76 10.59 -10.16
CA PRO A 21 6.50 10.47 -10.91
C PRO A 21 5.53 9.51 -10.24
N VAL A 22 4.28 9.94 -10.09
CA VAL A 22 3.25 9.11 -9.47
C VAL A 22 2.94 7.89 -10.33
N THR A 23 3.20 6.71 -9.78
CA THR A 23 2.94 5.47 -10.49
C THR A 23 1.45 5.26 -10.73
N LYS A 24 0.70 5.12 -9.63
CA LYS A 24 -0.74 4.92 -9.72
C LYS A 24 -1.44 5.48 -8.48
N ALA A 25 -2.52 6.23 -8.71
CA ALA A 25 -3.28 6.83 -7.62
C ALA A 25 -4.76 6.53 -7.76
N GLY A 26 -5.45 6.39 -6.63
CA GLY A 26 -6.87 6.10 -6.64
C GLY A 26 -7.44 5.89 -5.25
N TRP A 27 -8.75 6.10 -5.12
CA TRP A 27 -9.41 5.92 -3.84
C TRP A 27 -9.60 4.45 -3.49
N LEU A 28 -8.90 3.99 -2.46
CA LEU A 28 -8.98 2.60 -2.04
C LEU A 28 -9.48 2.49 -0.61
N PHE A 29 -9.78 1.28 -0.18
CA PHE A 29 -10.27 1.03 1.18
C PHE A 29 -9.30 0.15 1.95
N LYS A 30 -8.69 0.70 2.99
CA LYS A 30 -7.74 -0.04 3.81
C LYS A 30 -8.45 -0.69 5.00
N GLN A 31 -8.30 -2.01 5.13
CA GLN A 31 -8.92 -2.75 6.21
C GLN A 31 -8.47 -2.21 7.57
N ALA A 32 -9.30 -2.40 8.59
CA ALA A 32 -8.98 -1.93 9.94
C ALA A 32 -8.16 -2.98 10.69
N SER A 33 -7.15 -3.52 10.03
CA SER A 33 -6.28 -4.52 10.64
C SER A 33 -5.97 -4.17 12.09
N SER A 34 -5.81 -2.88 12.35
CA SER A 34 -5.51 -2.40 13.70
C SER A 34 -6.22 -3.25 14.75
N GLY A 35 -7.56 -3.27 14.67
CA GLY A 35 -8.33 -4.04 15.62
C GLY A 35 -9.74 -4.31 15.12
N VAL A 36 -10.66 -3.39 15.41
CA VAL A 36 -12.04 -3.53 14.98
C VAL A 36 -12.14 -4.04 13.55
N LYS A 37 -13.29 -4.60 13.20
CA LYS A 37 -13.50 -5.12 11.85
C LYS A 37 -14.28 -4.12 11.00
N GLN A 38 -13.55 -3.40 10.13
CA GLN A 38 -14.17 -2.41 9.26
C GLN A 38 -13.22 -2.01 8.14
N TRP A 39 -13.66 -1.08 7.30
CA TRP A 39 -12.85 -0.61 6.19
C TRP A 39 -12.83 0.92 6.13
N ASN A 40 -11.64 1.48 5.92
CA ASN A 40 -11.49 2.93 5.85
C ASN A 40 -11.11 3.37 4.43
N LYS A 41 -11.90 4.27 3.86
CA LYS A 41 -11.64 4.77 2.52
C LYS A 41 -10.70 5.96 2.56
N ARG A 42 -9.46 5.75 2.10
CA ARG A 42 -8.45 6.80 2.09
C ARG A 42 -7.80 6.90 0.70
N TRP A 43 -7.21 8.06 0.42
CA TRP A 43 -6.55 8.29 -0.86
C TRP A 43 -5.23 7.52 -0.93
N PHE A 44 -5.13 6.60 -1.89
CA PHE A 44 -3.92 5.81 -2.06
C PHE A 44 -3.08 6.35 -3.21
N VAL A 45 -1.76 6.32 -3.03
CA VAL A 45 -0.84 6.81 -4.06
C VAL A 45 0.41 5.95 -4.12
N LEU A 46 0.75 5.49 -5.32
CA LEU A 46 1.93 4.66 -5.52
C LEU A 46 3.07 5.47 -6.14
N VAL A 47 4.14 5.66 -5.37
CA VAL A 47 5.29 6.40 -5.84
C VAL A 47 6.59 5.78 -5.35
N ASP A 48 7.57 5.67 -6.24
CA ASP A 48 8.87 5.10 -5.91
C ASP A 48 8.70 3.68 -5.36
N ARG A 49 8.03 2.84 -6.13
CA ARG A 49 7.80 1.45 -5.73
C ARG A 49 7.33 1.38 -4.27
N CYS A 50 6.66 2.43 -3.82
CA CYS A 50 6.17 2.49 -2.45
C CYS A 50 4.71 2.95 -2.41
N LEU A 51 3.99 2.54 -1.38
CA LEU A 51 2.59 2.92 -1.23
C LEU A 51 2.43 4.01 -0.19
N PHE A 52 1.69 5.06 -0.54
CA PHE A 52 1.45 6.17 0.37
C PHE A 52 -0.02 6.56 0.40
N TYR A 53 -0.63 6.46 1.57
CA TYR A 53 -2.04 6.81 1.73
C TYR A 53 -2.21 8.11 2.50
N TYR A 54 -2.89 9.07 1.89
CA TYR A 54 -3.12 10.36 2.50
C TYR A 54 -4.57 10.49 2.98
N LYS A 55 -4.77 11.26 4.05
CA LYS A 55 -6.10 11.47 4.61
C LYS A 55 -7.11 11.74 3.51
N ASP A 56 -6.66 12.39 2.44
CA ASP A 56 -7.52 12.72 1.32
C ASP A 56 -6.72 12.82 0.03
N GLU A 57 -7.39 13.21 -1.06
CA GLU A 57 -6.75 13.36 -2.35
C GLU A 57 -5.77 14.55 -2.35
N LYS A 58 -6.04 15.52 -1.48
CA LYS A 58 -5.20 16.70 -1.38
C LYS A 58 -3.73 16.31 -1.24
N GLU A 59 -3.49 15.13 -0.70
CA GLU A 59 -2.13 14.64 -0.51
C GLU A 59 -1.28 15.67 0.21
N GLU A 60 -1.75 16.12 1.37
CA GLU A 60 -1.02 17.12 2.15
C GLU A 60 0.17 16.49 2.86
N SER A 61 -0.11 15.56 3.78
CA SER A 61 0.94 14.89 4.53
C SER A 61 0.69 13.38 4.58
N ILE A 62 1.77 12.61 4.50
CA ILE A 62 1.67 11.16 4.54
C ILE A 62 1.30 10.67 5.93
N LEU A 63 0.13 10.04 6.04
CA LEU A 63 -0.34 9.52 7.32
C LEU A 63 0.42 8.26 7.70
N GLY A 64 0.59 7.35 6.75
CA GLY A 64 1.30 6.12 7.01
C GLY A 64 1.83 5.48 5.74
N SER A 65 3.16 5.41 5.63
CA SER A 65 3.79 4.81 4.46
C SER A 65 4.02 3.32 4.65
N ILE A 66 3.75 2.54 3.62
CA ILE A 66 3.93 1.10 3.68
C ILE A 66 4.72 0.59 2.48
N PRO A 67 5.92 0.05 2.76
CA PRO A 67 6.81 -0.48 1.72
C PRO A 67 6.27 -1.76 1.09
N LEU A 68 6.02 -1.73 -0.21
CA LEU A 68 5.50 -2.88 -0.93
C LEU A 68 6.63 -3.70 -1.54
N LEU A 69 7.76 -3.04 -1.80
CA LEU A 69 8.91 -3.71 -2.38
C LEU A 69 9.29 -4.95 -1.57
N SER A 70 8.77 -5.04 -0.35
CA SER A 70 9.05 -6.17 0.51
C SER A 70 7.77 -6.93 0.85
N PHE A 71 6.85 -6.98 -0.09
CA PHE A 71 5.57 -7.67 0.10
C PHE A 71 5.20 -8.47 -1.14
N ARG A 72 4.12 -9.24 -1.03
CA ARG A 72 3.65 -10.05 -2.14
C ARG A 72 2.15 -9.89 -2.34
N VAL A 73 1.75 -8.92 -3.15
CA VAL A 73 0.34 -8.67 -3.42
C VAL A 73 -0.28 -9.82 -4.19
N ALA A 74 -1.56 -10.08 -3.91
CA ALA A 74 -2.29 -11.16 -4.58
C ALA A 74 -3.77 -11.08 -4.29
N ALA A 75 -4.59 -11.26 -5.32
CA ALA A 75 -6.04 -11.21 -5.17
C ALA A 75 -6.50 -12.12 -4.05
N VAL A 76 -7.46 -11.65 -3.27
CA VAL A 76 -8.00 -12.43 -2.15
C VAL A 76 -8.47 -13.80 -2.63
N GLN A 77 -8.74 -14.69 -1.67
CA GLN A 77 -9.20 -16.03 -1.99
C GLN A 77 -10.63 -16.25 -1.50
N PRO A 78 -11.32 -17.23 -2.10
CA PRO A 78 -12.71 -17.57 -1.74
C PRO A 78 -12.81 -18.18 -0.35
N SER A 79 -11.67 -18.38 0.30
CA SER A 79 -11.63 -18.96 1.63
C SER A 79 -11.33 -17.90 2.69
N ASP A 80 -10.90 -16.73 2.23
CA ASP A 80 -10.58 -15.64 3.14
C ASP A 80 -11.86 -15.00 3.70
N ASN A 81 -11.73 -14.35 4.85
CA ASN A 81 -12.86 -13.71 5.49
C ASN A 81 -13.08 -12.30 4.93
N ILE A 82 -13.05 -12.19 3.60
CA ILE A 82 -13.25 -10.90 2.94
C ILE A 82 -14.53 -10.91 2.12
N SER A 83 -15.65 -10.54 2.76
CA SER A 83 -16.94 -10.50 2.08
C SER A 83 -16.82 -9.82 0.72
N ARG A 84 -15.92 -8.84 0.63
CA ARG A 84 -15.71 -8.12 -0.62
C ARG A 84 -15.19 -9.05 -1.71
N LYS A 85 -15.30 -8.60 -2.96
CA LYS A 85 -14.83 -9.40 -4.09
C LYS A 85 -13.56 -8.80 -4.69
N HIS A 86 -13.64 -7.55 -5.12
CA HIS A 86 -12.50 -6.86 -5.70
C HIS A 86 -11.52 -6.42 -4.63
N THR A 87 -10.93 -7.39 -3.94
CA THR A 87 -9.98 -7.09 -2.88
C THR A 87 -8.70 -7.92 -3.03
N PHE A 88 -7.56 -7.32 -2.71
CA PHE A 88 -6.27 -8.00 -2.83
C PHE A 88 -5.50 -7.91 -1.52
N LYS A 89 -4.98 -9.05 -1.06
CA LYS A 89 -4.21 -9.10 0.18
C LYS A 89 -2.72 -9.15 -0.11
N ALA A 90 -1.95 -8.32 0.60
CA ALA A 90 -0.51 -8.28 0.43
C ALA A 90 0.21 -8.83 1.65
N GLU A 91 1.08 -9.81 1.42
CA GLU A 91 1.83 -10.42 2.51
C GLU A 91 3.33 -10.36 2.24
N HIS A 92 4.11 -10.15 3.30
CA HIS A 92 5.56 -10.07 3.18
C HIS A 92 6.22 -11.33 3.72
N ALA A 93 5.44 -12.17 4.40
CA ALA A 93 5.95 -13.40 4.97
C ALA A 93 7.05 -13.13 5.99
N GLY A 94 6.90 -12.03 6.73
CA GLY A 94 7.90 -11.67 7.73
C GLY A 94 7.36 -10.68 8.74
N VAL A 95 6.58 -9.70 8.27
CA VAL A 95 6.02 -8.69 9.14
C VAL A 95 4.52 -8.93 9.36
N ARG A 96 3.74 -8.69 8.32
CA ARG A 96 2.29 -8.88 8.40
C ARG A 96 1.66 -8.83 7.00
N THR A 97 0.37 -9.14 6.94
CA THR A 97 -0.34 -9.13 5.67
C THR A 97 -1.42 -8.06 5.65
N TYR A 98 -1.28 -7.11 4.73
CA TYR A 98 -2.24 -6.01 4.61
C TYR A 98 -3.37 -6.39 3.66
N PHE A 99 -4.41 -5.54 3.61
CA PHE A 99 -5.55 -5.78 2.74
C PHE A 99 -6.01 -4.49 2.08
N PHE A 100 -6.42 -4.60 0.82
CA PHE A 100 -6.89 -3.44 0.07
C PHE A 100 -8.02 -3.82 -0.87
N SER A 101 -9.09 -3.03 -0.85
CA SER A 101 -10.25 -3.29 -1.70
C SER A 101 -10.45 -2.14 -2.70
N ALA A 102 -11.21 -2.43 -3.76
CA ALA A 102 -11.48 -1.43 -4.79
C ALA A 102 -12.97 -1.38 -5.12
N GLU A 103 -13.49 -0.17 -5.29
CA GLU A 103 -14.90 0.00 -5.61
C GLU A 103 -15.25 -0.67 -6.93
N SER A 104 -14.39 -0.48 -7.93
CA SER A 104 -14.61 -1.07 -9.25
C SER A 104 -13.62 -2.19 -9.51
N PRO A 105 -14.06 -3.22 -10.25
CA PRO A 105 -13.23 -4.38 -10.60
C PRO A 105 -12.13 -4.02 -11.58
N GLU A 106 -12.28 -2.89 -12.26
CA GLU A 106 -11.30 -2.44 -13.23
C GLU A 106 -10.08 -1.82 -12.53
N GLU A 107 -10.32 -1.22 -11.38
CA GLU A 107 -9.25 -0.59 -10.61
C GLU A 107 -8.44 -1.64 -9.85
N GLN A 108 -9.13 -2.62 -9.28
CA GLN A 108 -8.48 -3.68 -8.53
C GLN A 108 -7.36 -4.31 -9.34
N GLU A 109 -7.72 -4.91 -10.46
CA GLU A 109 -6.74 -5.57 -11.32
C GLU A 109 -5.62 -4.60 -11.71
N ALA A 110 -6.01 -3.41 -12.16
CA ALA A 110 -5.04 -2.39 -12.55
C ALA A 110 -4.06 -2.10 -11.42
N TRP A 111 -4.58 -2.02 -10.20
CA TRP A 111 -3.76 -1.74 -9.04
C TRP A 111 -2.70 -2.83 -8.84
N ILE A 112 -3.16 -4.08 -8.80
CA ILE A 112 -2.26 -5.21 -8.62
C ILE A 112 -1.10 -5.15 -9.60
N GLN A 113 -1.42 -4.97 -10.88
CA GLN A 113 -0.40 -4.89 -11.92
C GLN A 113 0.75 -3.98 -11.49
N ALA A 114 0.41 -2.87 -10.85
CA ALA A 114 1.42 -1.92 -10.38
C ALA A 114 2.02 -2.36 -9.04
N MET A 115 1.15 -2.54 -8.05
CA MET A 115 1.61 -2.96 -6.73
C MET A 115 2.34 -4.29 -6.80
N GLY A 116 1.63 -5.35 -7.18
CA GLY A 116 2.25 -6.66 -7.29
C GLY A 116 3.66 -6.60 -7.83
N GLU A 117 3.85 -5.88 -8.93
CA GLU A 117 5.16 -5.75 -9.55
C GLU A 117 6.10 -4.93 -8.65
N ALA A 118 5.71 -3.68 -8.39
CA ALA A 118 6.51 -2.80 -7.55
C ALA A 118 6.85 -3.46 -6.23
N ALA A 119 6.10 -4.51 -5.87
CA ALA A 119 6.32 -5.22 -4.63
C ALA A 119 7.30 -6.37 -4.83
N ARG A 120 7.13 -7.11 -5.92
CA ARG A 120 8.00 -8.24 -6.23
C ARG A 120 9.41 -7.77 -6.57
N VAL A 121 10.41 -8.56 -6.18
CA VAL A 121 11.80 -8.22 -6.45
C VAL A 121 12.43 -9.21 -7.42
N GLN A 122 12.32 -8.92 -8.71
CA GLN A 122 12.88 -9.78 -9.74
C GLN A 122 14.28 -9.33 -10.14
N GLY A 1 26.03 -26.09 18.77
CA GLY A 1 26.22 -24.65 18.76
C GLY A 1 24.91 -23.90 18.64
N SER A 2 24.98 -22.57 18.67
CA SER A 2 23.80 -21.74 18.56
C SER A 2 24.16 -20.34 18.09
N SER A 3 23.36 -19.80 17.17
CA SER A 3 23.59 -18.47 16.63
C SER A 3 22.58 -17.47 17.18
N GLY A 4 23.01 -16.21 17.32
CA GLY A 4 22.14 -15.18 17.84
C GLY A 4 22.74 -13.79 17.70
N SER A 5 22.01 -12.91 17.03
CA SER A 5 22.47 -11.54 16.82
C SER A 5 22.08 -10.65 17.99
N SER A 6 22.68 -9.47 18.06
CA SER A 6 22.40 -8.52 19.13
C SER A 6 22.32 -7.09 18.59
N GLY A 7 21.68 -6.22 19.36
CA GLY A 7 21.54 -4.83 18.95
C GLY A 7 20.99 -4.70 17.54
N GLY A 8 21.78 -4.11 16.65
CA GLY A 8 21.35 -3.94 15.27
C GLY A 8 20.66 -2.60 15.05
N LYS A 9 21.44 -1.53 15.02
CA LYS A 9 20.89 -0.19 14.81
C LYS A 9 20.70 0.10 13.33
N ARG A 10 19.59 -0.37 12.78
CA ARG A 10 19.29 -0.16 11.36
C ARG A 10 18.90 1.29 11.10
N SER A 11 19.61 1.92 10.16
CA SER A 11 19.34 3.31 9.82
C SER A 11 18.67 3.41 8.45
N HIS A 12 17.34 3.46 8.44
CA HIS A 12 16.59 3.56 7.21
C HIS A 12 15.16 4.00 7.49
N SER A 13 14.66 4.94 6.68
CA SER A 13 13.31 5.45 6.85
C SER A 13 12.65 5.68 5.49
N MET A 14 11.33 5.52 5.44
CA MET A 14 10.58 5.72 4.21
C MET A 14 10.09 7.16 4.09
N LYS A 15 10.34 7.77 2.93
CA LYS A 15 9.93 9.14 2.69
C LYS A 15 9.45 9.33 1.26
N ARG A 16 8.62 10.35 1.04
CA ARG A 16 8.09 10.62 -0.29
C ARG A 16 8.81 11.82 -0.93
N ASN A 17 9.18 11.68 -2.20
CA ASN A 17 9.87 12.74 -2.90
C ASN A 17 9.00 13.29 -4.03
N PRO A 18 9.02 14.62 -4.20
CA PRO A 18 8.24 15.30 -5.24
C PRO A 18 8.78 15.02 -6.65
N ASN A 19 10.06 14.66 -6.72
CA ASN A 19 10.69 14.37 -8.01
C ASN A 19 10.14 13.07 -8.59
N ALA A 20 9.97 12.07 -7.74
CA ALA A 20 9.45 10.78 -8.18
C ALA A 20 8.03 10.91 -8.71
N PRO A 21 7.83 10.47 -9.97
CA PRO A 21 6.52 10.54 -10.63
C PRO A 21 5.52 9.56 -10.03
N VAL A 22 4.30 10.04 -9.78
CA VAL A 22 3.26 9.20 -9.20
C VAL A 22 2.92 8.04 -10.11
N THR A 23 3.22 6.82 -9.65
CA THR A 23 2.95 5.62 -10.42
C THR A 23 1.45 5.43 -10.65
N LYS A 24 0.70 5.41 -9.55
CA LYS A 24 -0.75 5.24 -9.64
C LYS A 24 -1.42 5.74 -8.36
N ALA A 25 -2.50 6.51 -8.53
CA ALA A 25 -3.24 7.05 -7.40
C ALA A 25 -4.74 6.89 -7.60
N GLY A 26 -5.42 6.37 -6.57
CA GLY A 26 -6.85 6.16 -6.64
C GLY A 26 -7.48 5.96 -5.28
N TRP A 27 -8.76 6.28 -5.17
CA TRP A 27 -9.48 6.12 -3.91
C TRP A 27 -9.74 4.65 -3.62
N LEU A 28 -9.04 4.12 -2.62
CA LEU A 28 -9.19 2.73 -2.23
C LEU A 28 -9.63 2.62 -0.77
N PHE A 29 -9.84 1.38 -0.32
CA PHE A 29 -10.27 1.14 1.05
C PHE A 29 -9.21 0.34 1.82
N LYS A 30 -8.76 0.89 2.94
CA LYS A 30 -7.76 0.23 3.75
C LYS A 30 -8.39 -0.48 4.95
N GLN A 31 -8.57 -1.79 4.83
CA GLN A 31 -9.18 -2.57 5.89
C GLN A 31 -8.56 -2.23 7.24
N ALA A 32 -9.36 -2.33 8.30
CA ALA A 32 -8.89 -2.02 9.64
C ALA A 32 -8.54 -3.30 10.41
N SER A 33 -7.46 -3.25 11.18
CA SER A 33 -7.02 -4.41 11.96
C SER A 33 -7.12 -4.13 13.45
N SER A 34 -6.64 -2.96 13.86
CA SER A 34 -6.68 -2.57 15.27
C SER A 34 -8.10 -2.30 15.73
N GLY A 35 -8.48 -2.88 16.87
CA GLY A 35 -9.82 -2.70 17.39
C GLY A 35 -10.89 -3.01 16.37
N VAL A 36 -11.76 -2.03 16.11
CA VAL A 36 -12.84 -2.20 15.15
C VAL A 36 -12.31 -2.74 13.83
N LYS A 37 -13.23 -3.18 12.96
CA LYS A 37 -12.85 -3.71 11.66
C LYS A 37 -13.71 -3.09 10.56
N GLN A 38 -13.56 -1.79 10.36
CA GLN A 38 -14.33 -1.09 9.33
C GLN A 38 -13.39 -0.51 8.27
N TRP A 39 -13.69 -0.78 7.01
CA TRP A 39 -12.88 -0.28 5.90
C TRP A 39 -12.88 1.25 5.87
N ASN A 40 -11.69 1.84 5.95
CA ASN A 40 -11.55 3.29 5.92
C ASN A 40 -11.04 3.77 4.58
N LYS A 41 -11.96 4.24 3.74
CA LYS A 41 -11.60 4.73 2.41
C LYS A 41 -10.63 5.89 2.51
N ARG A 42 -9.45 5.73 1.90
CA ARG A 42 -8.43 6.77 1.92
C ARG A 42 -7.75 6.89 0.56
N TRP A 43 -7.14 8.04 0.31
CA TRP A 43 -6.45 8.27 -0.96
C TRP A 43 -5.13 7.50 -1.02
N PHE A 44 -5.03 6.59 -1.97
CA PHE A 44 -3.83 5.79 -2.14
C PHE A 44 -2.96 6.33 -3.26
N VAL A 45 -1.66 6.36 -3.04
CA VAL A 45 -0.71 6.86 -4.04
C VAL A 45 0.55 6.00 -4.07
N LEU A 46 0.92 5.57 -5.28
CA LEU A 46 2.11 4.74 -5.45
C LEU A 46 3.27 5.56 -6.02
N VAL A 47 4.31 5.73 -5.21
CA VAL A 47 5.48 6.49 -5.63
C VAL A 47 6.77 5.86 -5.10
N ASP A 48 7.77 5.75 -5.97
CA ASP A 48 9.05 5.16 -5.59
C ASP A 48 8.87 3.73 -5.09
N ARG A 49 8.20 2.91 -5.90
CA ARG A 49 7.96 1.52 -5.53
C ARG A 49 7.45 1.41 -4.10
N CYS A 50 6.77 2.46 -3.63
CA CYS A 50 6.23 2.49 -2.28
C CYS A 50 4.78 2.96 -2.27
N LEU A 51 4.02 2.50 -1.30
CA LEU A 51 2.61 2.88 -1.18
C LEU A 51 2.42 3.95 -0.12
N PHE A 52 1.73 5.02 -0.47
CA PHE A 52 1.48 6.12 0.46
C PHE A 52 0.00 6.50 0.46
N TYR A 53 -0.65 6.38 1.61
CA TYR A 53 -2.06 6.71 1.74
C TYR A 53 -2.24 7.99 2.55
N TYR A 54 -2.87 8.99 1.93
CA TYR A 54 -3.10 10.26 2.60
C TYR A 54 -4.56 10.40 3.01
N LYS A 55 -4.82 11.23 4.02
CA LYS A 55 -6.17 11.44 4.52
C LYS A 55 -7.13 11.76 3.38
N ASP A 56 -6.65 12.54 2.41
CA ASP A 56 -7.46 12.92 1.26
C ASP A 56 -6.58 13.27 0.06
N GLU A 57 -7.22 13.65 -1.04
CA GLU A 57 -6.49 14.01 -2.25
C GLU A 57 -5.55 15.20 -2.00
N LYS A 58 -5.81 15.92 -0.92
CA LYS A 58 -5.00 17.07 -0.57
C LYS A 58 -3.52 16.68 -0.46
N GLU A 59 -3.27 15.47 0.03
CA GLU A 59 -1.90 14.98 0.18
C GLU A 59 -1.08 15.91 1.09
N GLU A 60 -1.68 16.29 2.22
CA GLU A 60 -1.01 17.15 3.17
C GLU A 60 0.22 16.48 3.77
N SER A 61 -0.01 15.39 4.49
CA SER A 61 1.07 14.64 5.13
C SER A 61 0.80 13.15 5.09
N ILE A 62 1.86 12.36 4.99
CA ILE A 62 1.74 10.91 4.94
C ILE A 62 1.27 10.36 6.28
N LEU A 63 0.15 9.65 6.27
CA LEU A 63 -0.40 9.06 7.48
C LEU A 63 0.32 7.77 7.84
N GLY A 64 0.64 6.97 6.83
CA GLY A 64 1.34 5.72 7.07
C GLY A 64 1.93 5.14 5.80
N SER A 65 3.25 5.07 5.74
CA SER A 65 3.94 4.54 4.57
C SER A 65 4.13 3.04 4.69
N ILE A 66 3.98 2.33 3.58
CA ILE A 66 4.14 0.88 3.55
C ILE A 66 4.90 0.43 2.32
N PRO A 67 6.12 -0.09 2.52
CA PRO A 67 6.97 -0.57 1.43
C PRO A 67 6.44 -1.85 0.80
N LEU A 68 6.07 -1.76 -0.48
CA LEU A 68 5.54 -2.91 -1.19
C LEU A 68 6.67 -3.78 -1.76
N LEU A 69 7.75 -3.12 -2.16
CA LEU A 69 8.91 -3.82 -2.71
C LEU A 69 9.21 -5.09 -1.91
N SER A 70 8.77 -5.11 -0.66
CA SER A 70 9.00 -6.26 0.21
C SER A 70 7.67 -6.91 0.60
N PHE A 71 6.78 -7.05 -0.37
CA PHE A 71 5.47 -7.66 -0.14
C PHE A 71 5.04 -8.51 -1.33
N ARG A 72 3.91 -9.19 -1.18
CA ARG A 72 3.38 -10.03 -2.25
C ARG A 72 1.89 -9.80 -2.44
N VAL A 73 1.56 -8.89 -3.36
CA VAL A 73 0.16 -8.58 -3.65
C VAL A 73 -0.52 -9.72 -4.41
N ALA A 74 -1.78 -9.97 -4.08
CA ALA A 74 -2.55 -11.02 -4.72
C ALA A 74 -4.00 -11.00 -4.28
N ALA A 75 -4.92 -10.99 -5.25
CA ALA A 75 -6.34 -10.98 -4.95
C ALA A 75 -6.67 -11.91 -3.80
N VAL A 76 -7.82 -11.70 -3.17
CA VAL A 76 -8.26 -12.53 -2.06
C VAL A 76 -8.73 -13.89 -2.54
N GLN A 77 -9.02 -14.78 -1.59
CA GLN A 77 -9.49 -16.13 -1.92
C GLN A 77 -10.93 -16.32 -1.49
N PRO A 78 -11.60 -17.32 -2.09
CA PRO A 78 -13.00 -17.63 -1.78
C PRO A 78 -13.17 -18.22 -0.37
N SER A 79 -12.05 -18.53 0.27
CA SER A 79 -12.07 -19.10 1.61
C SER A 79 -12.01 -18.01 2.67
N ASP A 80 -11.54 -16.83 2.26
CA ASP A 80 -11.43 -15.69 3.18
C ASP A 80 -12.80 -15.19 3.59
N ASN A 81 -12.86 -14.51 4.73
CA ASN A 81 -14.12 -13.98 5.24
C ASN A 81 -14.31 -12.52 4.80
N ILE A 82 -14.07 -12.26 3.52
CA ILE A 82 -14.21 -10.91 2.98
C ILE A 82 -15.43 -10.81 2.07
N SER A 83 -16.50 -10.22 2.58
CA SER A 83 -17.73 -10.07 1.81
C SER A 83 -17.47 -9.25 0.55
N ARG A 84 -16.79 -8.12 0.71
CA ARG A 84 -16.49 -7.24 -0.42
C ARG A 84 -15.73 -7.99 -1.50
N LYS A 85 -16.11 -7.75 -2.75
CA LYS A 85 -15.48 -8.41 -3.89
C LYS A 85 -14.36 -7.54 -4.45
N HIS A 86 -13.63 -8.08 -5.44
CA HIS A 86 -12.54 -7.35 -6.06
C HIS A 86 -11.57 -6.82 -5.02
N THR A 87 -11.14 -7.69 -4.11
CA THR A 87 -10.22 -7.31 -3.05
C THR A 87 -8.85 -7.95 -3.26
N PHE A 88 -7.82 -7.37 -2.64
CA PHE A 88 -6.47 -7.89 -2.76
C PHE A 88 -5.64 -7.51 -1.53
N LYS A 89 -4.93 -8.49 -0.99
CA LYS A 89 -4.09 -8.26 0.19
C LYS A 89 -2.64 -8.56 -0.12
N ALA A 90 -1.73 -7.80 0.51
CA ALA A 90 -0.30 -7.98 0.30
C ALA A 90 0.36 -8.62 1.52
N GLU A 91 1.17 -9.64 1.28
CA GLU A 91 1.86 -10.34 2.36
C GLU A 91 3.37 -10.35 2.13
N HIS A 92 4.12 -10.12 3.20
CA HIS A 92 5.58 -10.10 3.10
C HIS A 92 6.18 -11.35 3.74
N ALA A 93 5.33 -12.15 4.37
CA ALA A 93 5.77 -13.38 5.02
C ALA A 93 6.90 -13.10 6.00
N GLY A 94 6.67 -12.15 6.90
CA GLY A 94 7.68 -11.80 7.89
C GLY A 94 7.22 -10.70 8.83
N VAL A 95 6.45 -9.76 8.29
CA VAL A 95 5.94 -8.64 9.09
C VAL A 95 4.43 -8.76 9.30
N ARG A 96 3.67 -8.55 8.23
CA ARG A 96 2.22 -8.64 8.30
C ARG A 96 1.61 -8.73 6.90
N THR A 97 0.29 -8.75 6.84
CA THR A 97 -0.42 -8.84 5.57
C THR A 97 -1.49 -7.77 5.45
N TYR A 98 -1.20 -6.74 4.65
CA TYR A 98 -2.14 -5.65 4.46
C TYR A 98 -3.24 -6.03 3.48
N PHE A 99 -4.40 -5.39 3.61
CA PHE A 99 -5.53 -5.67 2.73
C PHE A 99 -5.99 -4.40 2.03
N PHE A 100 -6.64 -4.58 0.87
CA PHE A 100 -7.13 -3.44 0.09
C PHE A 100 -8.28 -3.87 -0.80
N SER A 101 -9.45 -3.27 -0.60
CA SER A 101 -10.63 -3.59 -1.39
C SER A 101 -10.84 -2.55 -2.49
N ALA A 102 -11.56 -2.95 -3.53
CA ALA A 102 -11.83 -2.05 -4.65
C ALA A 102 -13.31 -2.08 -5.04
N GLU A 103 -13.85 -0.93 -5.41
CA GLU A 103 -15.25 -0.84 -5.79
C GLU A 103 -15.53 -1.65 -7.06
N SER A 104 -14.66 -1.51 -8.05
CA SER A 104 -14.82 -2.23 -9.31
C SER A 104 -13.64 -3.16 -9.54
N PRO A 105 -13.87 -4.23 -10.33
CA PRO A 105 -12.85 -5.22 -10.64
C PRO A 105 -11.78 -4.66 -11.57
N GLU A 106 -12.10 -3.58 -12.26
CA GLU A 106 -11.15 -2.96 -13.19
C GLU A 106 -10.06 -2.21 -12.42
N GLU A 107 -10.39 -1.80 -11.19
CA GLU A 107 -9.43 -1.08 -10.35
C GLU A 107 -8.51 -2.04 -9.62
N GLN A 108 -9.09 -3.12 -9.10
CA GLN A 108 -8.31 -4.12 -8.37
C GLN A 108 -7.23 -4.72 -9.26
N GLU A 109 -7.62 -5.21 -10.42
CA GLU A 109 -6.69 -5.81 -11.36
C GLU A 109 -5.60 -4.82 -11.76
N ALA A 110 -6.02 -3.60 -12.09
CA ALA A 110 -5.08 -2.55 -12.48
C ALA A 110 -4.11 -2.24 -11.36
N TRP A 111 -4.64 -2.06 -10.16
CA TRP A 111 -3.81 -1.74 -8.99
C TRP A 111 -2.75 -2.81 -8.79
N ILE A 112 -3.15 -4.07 -8.90
CA ILE A 112 -2.23 -5.19 -8.72
C ILE A 112 -1.07 -5.11 -9.71
N GLN A 113 -1.37 -4.70 -10.94
CA GLN A 113 -0.37 -4.58 -11.98
C GLN A 113 0.80 -3.72 -11.50
N ALA A 114 0.48 -2.58 -10.91
CA ALA A 114 1.50 -1.66 -10.41
C ALA A 114 2.06 -2.13 -9.06
N MET A 115 1.16 -2.37 -8.11
CA MET A 115 1.56 -2.84 -6.79
C MET A 115 2.29 -4.18 -6.86
N GLY A 116 1.58 -5.19 -7.38
CA GLY A 116 2.18 -6.51 -7.50
C GLY A 116 3.59 -6.46 -8.07
N GLU A 117 3.75 -5.74 -9.16
CA GLU A 117 5.06 -5.61 -9.81
C GLU A 117 6.04 -4.88 -8.91
N ALA A 118 5.58 -3.77 -8.33
CA ALA A 118 6.42 -2.96 -7.45
C ALA A 118 6.93 -3.79 -6.28
N ALA A 119 6.14 -4.78 -5.87
CA ALA A 119 6.51 -5.65 -4.76
C ALA A 119 7.52 -6.69 -5.19
N ARG A 120 7.27 -7.32 -6.34
CA ARG A 120 8.16 -8.35 -6.87
C ARG A 120 9.62 -7.95 -6.66
N VAL A 121 10.42 -8.90 -6.18
CA VAL A 121 11.84 -8.65 -5.94
C VAL A 121 12.61 -8.53 -7.26
N GLN A 122 11.97 -8.93 -8.34
CA GLN A 122 12.59 -8.88 -9.66
C GLN A 122 13.26 -7.52 -9.89
N GLY A 1 34.81 14.01 8.19
CA GLY A 1 35.77 14.59 9.10
C GLY A 1 37.18 14.11 8.84
N SER A 2 37.34 12.81 8.62
CA SER A 2 38.65 12.22 8.36
C SER A 2 39.04 12.41 6.89
N SER A 3 40.33 12.29 6.60
CA SER A 3 40.84 12.45 5.25
C SER A 3 40.20 11.42 4.31
N GLY A 4 39.68 11.90 3.19
CA GLY A 4 39.06 11.01 2.23
C GLY A 4 37.92 10.21 2.83
N SER A 5 36.69 10.67 2.61
CA SER A 5 35.51 9.99 3.15
C SER A 5 35.55 8.51 2.83
N SER A 6 35.45 7.68 3.86
CA SER A 6 35.47 6.23 3.69
C SER A 6 34.13 5.71 3.18
N GLY A 7 33.07 6.03 3.91
CA GLY A 7 31.74 5.60 3.52
C GLY A 7 30.65 6.19 4.39
N GLY A 8 30.23 5.44 5.40
CA GLY A 8 29.18 5.91 6.29
C GLY A 8 27.80 5.46 5.86
N LYS A 9 26.98 5.07 6.83
CA LYS A 9 25.63 4.62 6.56
C LYS A 9 24.68 5.80 6.37
N ARG A 10 24.59 6.29 5.14
CA ARG A 10 23.71 7.42 4.83
C ARG A 10 22.35 7.25 5.50
N SER A 11 21.59 8.35 5.56
CA SER A 11 20.27 8.32 6.18
C SER A 11 19.37 7.30 5.49
N HIS A 12 18.85 6.36 6.27
CA HIS A 12 17.97 5.33 5.73
C HIS A 12 16.53 5.56 6.18
N SER A 13 15.70 6.04 5.25
CA SER A 13 14.30 6.30 5.54
C SER A 13 13.48 6.38 4.26
N MET A 14 12.15 6.41 4.41
CA MET A 14 11.25 6.48 3.26
C MET A 14 10.45 7.78 3.28
N LYS A 15 10.28 8.37 2.10
CA LYS A 15 9.53 9.61 1.98
C LYS A 15 8.97 9.77 0.56
N ARG A 16 8.13 10.79 0.38
CA ARG A 16 7.54 11.05 -0.92
C ARG A 16 8.37 12.07 -1.72
N ASN A 17 8.63 11.75 -2.98
CA ASN A 17 9.42 12.63 -3.84
C ASN A 17 8.51 13.39 -4.80
N PRO A 18 8.58 14.74 -4.73
CA PRO A 18 7.78 15.60 -5.60
C PRO A 18 8.23 15.55 -7.05
N ASN A 19 9.41 15.00 -7.28
CA ASN A 19 9.96 14.89 -8.64
C ASN A 19 9.54 13.57 -9.28
N ALA A 20 9.43 12.52 -8.47
CA ALA A 20 9.03 11.21 -8.96
C ALA A 20 7.58 11.21 -9.42
N PRO A 21 7.33 10.68 -10.63
CA PRO A 21 5.99 10.61 -11.20
C PRO A 21 5.10 9.60 -10.47
N VAL A 22 3.84 9.98 -10.24
CA VAL A 22 2.89 9.11 -9.56
C VAL A 22 2.66 7.83 -10.35
N THR A 23 3.15 6.71 -9.81
CA THR A 23 2.99 5.42 -10.47
C THR A 23 1.51 5.08 -10.66
N LYS A 24 0.72 5.33 -9.63
CA LYS A 24 -0.71 5.04 -9.68
C LYS A 24 -1.42 5.57 -8.43
N ALA A 25 -2.53 6.27 -8.63
CA ALA A 25 -3.29 6.82 -7.52
C ALA A 25 -4.77 6.48 -7.66
N GLY A 26 -5.41 6.22 -6.52
CA GLY A 26 -6.83 5.88 -6.54
C GLY A 26 -7.39 5.68 -5.14
N TRP A 27 -8.66 6.04 -4.95
CA TRP A 27 -9.31 5.89 -3.66
C TRP A 27 -9.61 4.43 -3.35
N LEU A 28 -8.81 3.84 -2.47
CA LEU A 28 -9.00 2.45 -2.09
C LEU A 28 -9.50 2.33 -0.65
N PHE A 29 -9.83 1.11 -0.24
CA PHE A 29 -10.31 0.86 1.10
C PHE A 29 -9.35 -0.02 1.89
N LYS A 30 -8.79 0.54 2.95
CA LYS A 30 -7.84 -0.19 3.80
C LYS A 30 -8.53 -0.78 5.02
N GLN A 31 -8.69 -2.10 5.02
CA GLN A 31 -9.34 -2.79 6.14
C GLN A 31 -8.77 -2.31 7.47
N ALA A 32 -9.62 -2.27 8.49
CA ALA A 32 -9.20 -1.84 9.82
C ALA A 32 -8.11 -2.76 10.37
N SER A 33 -6.93 -2.20 10.59
CA SER A 33 -5.80 -2.97 11.11
C SER A 33 -6.06 -3.40 12.55
N SER A 34 -6.66 -2.50 13.33
CA SER A 34 -6.96 -2.79 14.73
C SER A 34 -8.15 -1.95 15.21
N GLY A 35 -9.05 -2.59 15.94
CA GLY A 35 -10.21 -1.89 16.45
C GLY A 35 -11.48 -2.28 15.72
N VAL A 36 -12.46 -1.37 15.71
CA VAL A 36 -13.72 -1.62 15.03
C VAL A 36 -13.51 -2.24 13.66
N LYS A 37 -14.29 -3.27 13.35
CA LYS A 37 -14.18 -3.96 12.06
C LYS A 37 -14.93 -3.19 10.98
N GLN A 38 -14.20 -2.42 10.19
CA GLN A 38 -14.79 -1.64 9.10
C GLN A 38 -13.72 -1.04 8.21
N TRP A 39 -13.93 -1.14 6.90
CA TRP A 39 -12.98 -0.61 5.93
C TRP A 39 -13.01 0.91 5.92
N ASN A 40 -11.82 1.52 5.93
CA ASN A 40 -11.71 2.97 5.93
C ASN A 40 -11.21 3.47 4.57
N LYS A 41 -12.01 4.31 3.93
CA LYS A 41 -11.65 4.87 2.62
C LYS A 41 -10.57 5.95 2.77
N ARG A 42 -9.48 5.79 2.04
CA ARG A 42 -8.38 6.75 2.08
C ARG A 42 -7.73 6.88 0.72
N TRP A 43 -7.10 8.03 0.48
CA TRP A 43 -6.43 8.28 -0.78
C TRP A 43 -5.10 7.53 -0.86
N PHE A 44 -4.97 6.69 -1.88
CA PHE A 44 -3.75 5.90 -2.08
C PHE A 44 -2.93 6.46 -3.24
N VAL A 45 -1.62 6.57 -3.02
CA VAL A 45 -0.72 7.08 -4.04
C VAL A 45 0.58 6.29 -4.08
N LEU A 46 0.95 5.81 -5.26
CA LEU A 46 2.17 5.03 -5.43
C LEU A 46 3.27 5.87 -6.09
N VAL A 47 4.32 6.16 -5.32
CA VAL A 47 5.43 6.95 -5.83
C VAL A 47 6.76 6.45 -5.27
N ASP A 48 7.79 6.48 -6.10
CA ASP A 48 9.12 6.03 -5.69
C ASP A 48 9.08 4.58 -5.21
N ARG A 49 8.47 3.72 -6.02
CA ARG A 49 8.36 2.30 -5.69
C ARG A 49 7.91 2.11 -4.25
N CYS A 50 6.85 2.83 -3.86
CA CYS A 50 6.33 2.74 -2.51
C CYS A 50 4.88 3.22 -2.46
N LEU A 51 4.15 2.77 -1.45
CA LEU A 51 2.75 3.14 -1.28
C LEU A 51 2.61 4.24 -0.24
N PHE A 52 1.82 5.27 -0.58
CA PHE A 52 1.60 6.39 0.34
C PHE A 52 0.11 6.71 0.44
N TYR A 53 -0.42 6.59 1.66
CA TYR A 53 -1.84 6.87 1.90
C TYR A 53 -2.02 8.19 2.63
N TYR A 54 -2.78 9.10 2.03
CA TYR A 54 -3.03 10.40 2.62
C TYR A 54 -4.49 10.54 3.03
N LYS A 55 -4.74 11.39 4.02
CA LYS A 55 -6.09 11.63 4.51
C LYS A 55 -7.03 12.01 3.37
N ASP A 56 -6.51 12.80 2.43
CA ASP A 56 -7.30 13.23 1.28
C ASP A 56 -6.41 13.44 0.06
N GLU A 57 -7.03 13.81 -1.06
CA GLU A 57 -6.29 14.05 -2.29
C GLU A 57 -5.25 15.15 -2.10
N LYS A 58 -5.46 15.99 -1.10
CA LYS A 58 -4.54 17.08 -0.81
C LYS A 58 -3.12 16.57 -0.64
N GLU A 59 -2.98 15.40 -0.03
CA GLU A 59 -1.68 14.79 0.18
C GLU A 59 -0.74 15.77 0.89
N GLU A 60 -1.31 16.58 1.78
CA GLU A 60 -0.52 17.56 2.52
C GLU A 60 0.67 16.90 3.20
N SER A 61 0.39 15.94 4.06
CA SER A 61 1.45 15.22 4.79
C SER A 61 1.19 13.72 4.78
N ILE A 62 2.26 12.94 4.63
CA ILE A 62 2.16 11.49 4.61
C ILE A 62 1.75 10.95 5.98
N LEU A 63 0.61 10.27 6.02
CA LEU A 63 0.11 9.70 7.28
C LEU A 63 0.94 8.49 7.69
N GLY A 64 1.28 7.65 6.72
CA GLY A 64 2.07 6.47 7.00
C GLY A 64 2.46 5.71 5.75
N SER A 65 3.76 5.63 5.47
CA SER A 65 4.24 4.94 4.29
C SER A 65 4.34 3.43 4.55
N ILE A 66 3.97 2.64 3.55
CA ILE A 66 4.02 1.19 3.67
C ILE A 66 4.74 0.56 2.48
N PRO A 67 5.88 -0.09 2.75
CA PRO A 67 6.69 -0.74 1.72
C PRO A 67 6.01 -1.98 1.14
N LEU A 68 6.01 -2.10 -0.18
CA LEU A 68 5.40 -3.23 -0.85
C LEU A 68 6.46 -4.14 -1.47
N LEU A 69 7.65 -3.59 -1.70
CA LEU A 69 8.74 -4.36 -2.28
C LEU A 69 8.97 -5.66 -1.51
N SER A 70 8.42 -5.73 -0.30
CA SER A 70 8.56 -6.91 0.54
C SER A 70 7.31 -7.78 0.47
N PHE A 71 6.16 -7.13 0.30
CA PHE A 71 4.88 -7.85 0.23
C PHE A 71 4.69 -8.45 -1.17
N ARG A 72 3.68 -9.30 -1.28
CA ARG A 72 3.36 -9.94 -2.56
C ARG A 72 1.89 -9.82 -2.90
N VAL A 73 1.44 -8.58 -3.12
CA VAL A 73 0.05 -8.32 -3.44
C VAL A 73 -0.54 -9.45 -4.28
N ALA A 74 -1.82 -9.74 -4.05
CA ALA A 74 -2.50 -10.81 -4.78
C ALA A 74 -3.97 -10.86 -4.42
N ALA A 75 -4.83 -10.87 -5.44
CA ALA A 75 -6.27 -10.93 -5.22
C ALA A 75 -6.62 -11.86 -4.07
N VAL A 76 -7.75 -11.59 -3.42
CA VAL A 76 -8.20 -12.41 -2.29
C VAL A 76 -8.56 -13.81 -2.74
N GLN A 77 -9.05 -14.62 -1.81
CA GLN A 77 -9.44 -16.00 -2.11
C GLN A 77 -10.78 -16.34 -1.46
N PRO A 78 -11.41 -17.41 -1.96
CA PRO A 78 -12.71 -17.87 -1.44
C PRO A 78 -12.59 -18.45 -0.04
N SER A 79 -11.38 -18.55 0.46
CA SER A 79 -11.13 -19.10 1.79
C SER A 79 -11.02 -17.99 2.82
N ASP A 80 -10.80 -16.77 2.35
CA ASP A 80 -10.67 -15.61 3.23
C ASP A 80 -12.05 -15.12 3.67
N ASN A 81 -12.09 -14.43 4.81
CA ASN A 81 -13.33 -13.89 5.34
C ASN A 81 -13.67 -12.55 4.70
N ILE A 82 -13.56 -12.49 3.37
CA ILE A 82 -13.85 -11.25 2.65
C ILE A 82 -15.18 -11.35 1.90
N SER A 83 -16.05 -10.38 2.14
CA SER A 83 -17.37 -10.36 1.51
C SER A 83 -17.34 -9.50 0.24
N ARG A 84 -16.69 -8.34 0.33
CA ARG A 84 -16.60 -7.44 -0.80
C ARG A 84 -15.79 -8.05 -1.93
N LYS A 85 -16.29 -7.92 -3.16
CA LYS A 85 -15.61 -8.47 -4.32
C LYS A 85 -14.57 -7.49 -4.87
N HIS A 86 -13.63 -8.00 -5.66
CA HIS A 86 -12.59 -7.17 -6.24
C HIS A 86 -11.64 -6.67 -5.16
N THR A 87 -11.16 -7.58 -4.32
CA THR A 87 -10.23 -7.22 -3.25
C THR A 87 -8.93 -7.98 -3.37
N PHE A 88 -7.84 -7.35 -2.94
CA PHE A 88 -6.52 -7.97 -2.99
C PHE A 88 -5.79 -7.83 -1.66
N LYS A 89 -5.25 -8.94 -1.16
CA LYS A 89 -4.53 -8.93 0.11
C LYS A 89 -3.03 -9.02 -0.13
N ALA A 90 -2.27 -8.21 0.59
CA ALA A 90 -0.82 -8.20 0.47
C ALA A 90 -0.16 -8.84 1.69
N GLU A 91 0.77 -9.75 1.43
CA GLU A 91 1.48 -10.44 2.51
C GLU A 91 2.97 -10.55 2.20
N HIS A 92 3.79 -10.25 3.19
CA HIS A 92 5.24 -10.31 3.03
C HIS A 92 5.79 -11.62 3.59
N ALA A 93 5.00 -12.29 4.42
CA ALA A 93 5.40 -13.55 5.02
C ALA A 93 6.48 -13.32 6.08
N GLY A 94 6.35 -12.23 6.82
CA GLY A 94 7.32 -11.92 7.86
C GLY A 94 6.86 -10.80 8.76
N VAL A 95 6.09 -9.87 8.21
CA VAL A 95 5.58 -8.73 8.97
C VAL A 95 4.09 -8.88 9.25
N ARG A 96 3.30 -8.88 8.19
CA ARG A 96 1.85 -9.01 8.31
C ARG A 96 1.19 -9.11 6.94
N THR A 97 -0.13 -9.26 6.95
CA THR A 97 -0.89 -9.36 5.70
C THR A 97 -1.95 -8.28 5.62
N TYR A 98 -1.71 -7.28 4.78
CA TYR A 98 -2.65 -6.17 4.60
C TYR A 98 -3.78 -6.56 3.64
N PHE A 99 -4.80 -5.72 3.57
CA PHE A 99 -5.95 -5.98 2.71
C PHE A 99 -6.43 -4.69 2.05
N PHE A 100 -6.76 -4.76 0.77
CA PHE A 100 -7.23 -3.62 0.02
C PHE A 100 -8.39 -3.99 -0.90
N SER A 101 -9.55 -3.39 -0.66
CA SER A 101 -10.72 -3.66 -1.47
C SER A 101 -10.90 -2.62 -2.58
N ALA A 102 -11.49 -3.03 -3.69
CA ALA A 102 -11.71 -2.13 -4.82
C ALA A 102 -13.18 -2.12 -5.22
N GLU A 103 -13.78 -0.93 -5.22
CA GLU A 103 -15.19 -0.78 -5.59
C GLU A 103 -15.49 -1.54 -6.87
N SER A 104 -14.59 -1.42 -7.85
CA SER A 104 -14.77 -2.09 -9.13
C SER A 104 -13.60 -3.02 -9.43
N PRO A 105 -13.86 -4.06 -10.24
CA PRO A 105 -12.84 -5.04 -10.61
C PRO A 105 -11.78 -4.45 -11.53
N GLU A 106 -12.14 -3.38 -12.23
CA GLU A 106 -11.22 -2.73 -13.16
C GLU A 106 -10.16 -1.93 -12.39
N GLU A 107 -10.44 -1.64 -11.14
CA GLU A 107 -9.51 -0.89 -10.30
C GLU A 107 -8.43 -1.80 -9.72
N GLN A 108 -8.85 -2.87 -9.07
CA GLN A 108 -7.92 -3.83 -8.47
C GLN A 108 -6.97 -4.38 -9.52
N GLU A 109 -7.52 -5.09 -10.50
CA GLU A 109 -6.70 -5.67 -11.56
C GLU A 109 -5.60 -4.72 -11.99
N ALA A 110 -5.95 -3.45 -12.15
CA ALA A 110 -4.98 -2.43 -12.54
C ALA A 110 -4.01 -2.12 -11.42
N TRP A 111 -4.51 -2.17 -10.18
CA TRP A 111 -3.68 -1.88 -9.01
C TRP A 111 -2.64 -2.98 -8.81
N ILE A 112 -3.06 -4.23 -8.97
CA ILE A 112 -2.15 -5.36 -8.80
C ILE A 112 -0.96 -5.25 -9.75
N GLN A 113 -1.21 -4.81 -10.97
CA GLN A 113 -0.16 -4.66 -11.96
C GLN A 113 0.98 -3.81 -11.42
N ALA A 114 0.64 -2.68 -10.81
CA ALA A 114 1.64 -1.79 -10.24
C ALA A 114 2.12 -2.29 -8.88
N MET A 115 1.18 -2.47 -7.95
CA MET A 115 1.50 -2.93 -6.62
C MET A 115 2.17 -4.30 -6.67
N GLY A 116 1.48 -5.29 -7.24
CA GLY A 116 2.04 -6.62 -7.34
C GLY A 116 3.45 -6.63 -7.87
N GLU A 117 3.65 -5.95 -9.01
CA GLU A 117 4.97 -5.88 -9.62
C GLU A 117 5.96 -5.16 -8.71
N ALA A 118 5.62 -3.95 -8.31
CA ALA A 118 6.47 -3.16 -7.43
C ALA A 118 6.86 -3.95 -6.18
N ALA A 119 6.05 -4.95 -5.85
CA ALA A 119 6.30 -5.77 -4.68
C ALA A 119 7.39 -6.81 -4.97
N ARG A 120 7.30 -7.46 -6.11
CA ARG A 120 8.27 -8.47 -6.50
C ARG A 120 9.68 -8.03 -6.13
N VAL A 121 10.53 -9.00 -5.77
CA VAL A 121 11.90 -8.72 -5.41
C VAL A 121 12.89 -9.39 -6.35
N GLN A 122 12.61 -9.27 -7.65
CA GLN A 122 13.48 -9.87 -8.67
C GLN A 122 14.50 -8.86 -9.18
N GLY A 1 27.68 -21.98 23.48
CA GLY A 1 27.55 -20.56 23.25
C GLY A 1 28.28 -20.12 22.00
N SER A 2 29.26 -19.23 22.17
CA SER A 2 30.03 -18.71 21.04
C SER A 2 29.14 -18.51 19.82
N SER A 3 27.95 -17.96 20.06
CA SER A 3 27.00 -17.71 18.98
C SER A 3 27.20 -16.30 18.41
N GLY A 4 26.60 -16.06 17.25
CA GLY A 4 26.71 -14.76 16.60
C GLY A 4 25.37 -14.20 16.19
N SER A 5 25.39 -13.23 15.27
CA SER A 5 24.17 -12.62 14.78
C SER A 5 24.24 -12.37 13.27
N SER A 6 23.16 -11.88 12.71
CA SER A 6 23.09 -11.60 11.28
C SER A 6 22.10 -10.48 10.97
N GLY A 7 22.44 -9.65 9.99
CA GLY A 7 21.57 -8.56 9.62
C GLY A 7 22.34 -7.25 9.42
N GLY A 8 21.60 -6.15 9.32
CA GLY A 8 22.24 -4.86 9.13
C GLY A 8 21.29 -3.84 8.51
N LYS A 9 20.06 -3.82 8.99
CA LYS A 9 19.05 -2.89 8.49
C LYS A 9 18.80 -1.77 9.49
N ARG A 10 18.15 -0.71 9.04
CA ARG A 10 17.84 0.42 9.90
C ARG A 10 16.60 1.17 9.40
N SER A 11 15.85 1.76 10.34
CA SER A 11 14.64 2.50 9.99
C SER A 11 14.57 3.81 10.76
N HIS A 12 14.72 4.92 10.05
CA HIS A 12 14.66 6.24 10.68
C HIS A 12 13.35 6.94 10.34
N SER A 13 13.05 7.03 9.05
CA SER A 13 11.83 7.69 8.60
C SER A 13 11.64 7.51 7.10
N MET A 14 10.39 7.42 6.66
CA MET A 14 10.07 7.25 5.25
C MET A 14 9.24 8.42 4.73
N LYS A 15 9.55 8.85 3.51
CA LYS A 15 8.83 9.97 2.90
C LYS A 15 8.77 9.81 1.38
N ARG A 16 7.71 10.32 0.78
CA ARG A 16 7.53 10.24 -0.67
C ARG A 16 8.45 11.22 -1.39
N ASN A 17 9.02 10.77 -2.50
CA ASN A 17 9.93 11.61 -3.28
C ASN A 17 9.15 12.46 -4.28
N PRO A 18 9.35 13.79 -4.20
CA PRO A 18 8.67 14.75 -5.08
C PRO A 18 9.18 14.66 -6.52
N ASN A 19 10.29 13.97 -6.71
CA ASN A 19 10.89 13.81 -8.04
C ASN A 19 10.30 12.59 -8.74
N ALA A 20 10.03 11.54 -7.97
CA ALA A 20 9.48 10.30 -8.52
C ALA A 20 8.05 10.53 -9.03
N PRO A 21 7.80 10.11 -10.28
CA PRO A 21 6.48 10.26 -10.90
C PRO A 21 5.44 9.33 -10.27
N VAL A 22 4.29 9.89 -9.92
CA VAL A 22 3.21 9.12 -9.31
C VAL A 22 2.86 7.91 -10.16
N THR A 23 3.20 6.72 -9.66
CA THR A 23 2.93 5.48 -10.37
C THR A 23 1.44 5.32 -10.64
N LYS A 24 0.65 5.30 -9.57
CA LYS A 24 -0.79 5.15 -9.69
C LYS A 24 -1.50 5.77 -8.49
N ALA A 25 -2.60 6.48 -8.76
CA ALA A 25 -3.38 7.11 -7.70
C ALA A 25 -4.86 6.77 -7.82
N GLY A 26 -5.46 6.35 -6.71
CA GLY A 26 -6.87 5.99 -6.71
C GLY A 26 -7.42 5.79 -5.31
N TRP A 27 -8.66 6.23 -5.10
CA TRP A 27 -9.30 6.08 -3.81
C TRP A 27 -9.63 4.63 -3.51
N LEU A 28 -8.86 4.02 -2.61
CA LEU A 28 -9.08 2.63 -2.23
C LEU A 28 -9.60 2.51 -0.80
N PHE A 29 -9.94 1.30 -0.39
CA PHE A 29 -10.46 1.07 0.94
C PHE A 29 -9.52 0.14 1.73
N LYS A 30 -8.78 0.73 2.67
CA LYS A 30 -7.84 -0.04 3.48
C LYS A 30 -8.57 -0.70 4.66
N GLN A 31 -8.57 -2.03 4.67
CA GLN A 31 -9.23 -2.78 5.74
C GLN A 31 -8.73 -2.33 7.11
N ALA A 32 -9.50 -2.61 8.14
CA ALA A 32 -9.14 -2.24 9.50
C ALA A 32 -8.51 -3.42 10.24
N SER A 33 -8.06 -3.17 11.47
CA SER A 33 -7.44 -4.20 12.28
C SER A 33 -8.42 -4.74 13.32
N SER A 34 -7.96 -5.72 14.10
CA SER A 34 -8.80 -6.33 15.13
C SER A 34 -9.49 -5.25 15.97
N GLY A 35 -10.76 -5.48 16.29
CA GLY A 35 -11.51 -4.53 17.09
C GLY A 35 -12.54 -3.78 16.27
N VAL A 36 -12.08 -3.09 15.23
CA VAL A 36 -12.97 -2.33 14.36
C VAL A 36 -13.19 -3.04 13.03
N LYS A 37 -14.41 -3.54 12.83
CA LYS A 37 -14.75 -4.24 11.60
C LYS A 37 -15.41 -3.30 10.60
N GLN A 38 -14.59 -2.59 9.83
CA GLN A 38 -15.10 -1.66 8.83
C GLN A 38 -13.96 -1.08 8.00
N TRP A 39 -14.03 -1.27 6.69
CA TRP A 39 -13.01 -0.78 5.78
C TRP A 39 -12.91 0.75 5.86
N ASN A 40 -11.70 1.27 5.75
CA ASN A 40 -11.48 2.71 5.79
C ASN A 40 -11.05 3.24 4.43
N LYS A 41 -11.92 4.04 3.82
CA LYS A 41 -11.64 4.62 2.51
C LYS A 41 -10.68 5.80 2.63
N ARG A 42 -9.53 5.69 1.99
CA ARG A 42 -8.53 6.75 2.02
C ARG A 42 -7.86 6.91 0.67
N TRP A 43 -7.12 8.00 0.50
CA TRP A 43 -6.43 8.28 -0.75
C TRP A 43 -5.13 7.49 -0.84
N PHE A 44 -5.05 6.58 -1.81
CA PHE A 44 -3.85 5.77 -2.00
C PHE A 44 -2.99 6.32 -3.13
N VAL A 45 -1.68 6.36 -2.90
CA VAL A 45 -0.74 6.86 -3.89
C VAL A 45 0.51 5.99 -3.95
N LEU A 46 0.85 5.54 -5.16
CA LEU A 46 2.03 4.70 -5.34
C LEU A 46 3.17 5.51 -5.96
N VAL A 47 4.23 5.70 -5.18
CA VAL A 47 5.40 6.44 -5.64
C VAL A 47 6.69 5.84 -5.11
N ASP A 48 7.68 5.72 -5.99
CA ASP A 48 8.97 5.15 -5.61
C ASP A 48 8.81 3.74 -5.07
N ARG A 49 8.16 2.88 -5.86
CA ARG A 49 7.94 1.49 -5.46
C ARG A 49 7.46 1.41 -4.02
N CYS A 50 6.77 2.46 -3.57
CA CYS A 50 6.25 2.51 -2.21
C CYS A 50 4.82 3.01 -2.19
N LEU A 51 4.03 2.51 -1.24
CA LEU A 51 2.63 2.90 -1.12
C LEU A 51 2.46 3.97 -0.05
N PHE A 52 1.74 5.03 -0.39
CA PHE A 52 1.51 6.13 0.55
C PHE A 52 0.02 6.50 0.58
N TYR A 53 -0.60 6.37 1.74
CA TYR A 53 -2.00 6.70 1.90
C TYR A 53 -2.19 7.96 2.74
N TYR A 54 -2.79 8.98 2.14
CA TYR A 54 -3.01 10.24 2.83
C TYR A 54 -4.47 10.38 3.26
N LYS A 55 -4.68 10.93 4.45
CA LYS A 55 -6.04 11.12 4.97
C LYS A 55 -6.98 11.58 3.87
N ASP A 56 -6.51 12.49 3.03
CA ASP A 56 -7.32 13.00 1.93
C ASP A 56 -6.47 13.22 0.68
N GLU A 57 -7.08 13.79 -0.35
CA GLU A 57 -6.38 14.06 -1.60
C GLU A 57 -5.56 15.34 -1.50
N LYS A 58 -4.89 15.52 -0.37
CA LYS A 58 -4.06 16.70 -0.14
C LYS A 58 -2.59 16.39 -0.38
N GLU A 59 -2.20 15.16 -0.07
CA GLU A 59 -0.81 14.73 -0.25
C GLU A 59 0.14 15.67 0.47
N GLU A 60 -0.16 15.96 1.74
CA GLU A 60 0.67 16.84 2.54
C GLU A 60 1.46 16.05 3.58
N SER A 61 0.75 15.43 4.51
CA SER A 61 1.38 14.64 5.56
C SER A 61 1.09 13.15 5.38
N ILE A 62 2.14 12.34 5.40
CA ILE A 62 2.01 10.90 5.24
C ILE A 62 1.63 10.23 6.56
N LEU A 63 0.47 9.59 6.59
CA LEU A 63 0.01 8.91 7.80
C LEU A 63 0.74 7.59 7.99
N GLY A 64 0.89 6.82 6.91
CA GLY A 64 1.58 5.55 6.99
C GLY A 64 2.10 5.10 5.64
N SER A 65 3.35 4.65 5.63
CA SER A 65 3.98 4.18 4.39
C SER A 65 4.36 2.70 4.49
N ILE A 66 4.01 1.94 3.46
CA ILE A 66 4.32 0.51 3.43
C ILE A 66 5.23 0.17 2.25
N PRO A 67 6.41 -0.39 2.57
CA PRO A 67 7.38 -0.79 1.55
C PRO A 67 6.92 -1.98 0.72
N LEU A 68 6.06 -1.72 -0.26
CA LEU A 68 5.54 -2.78 -1.12
C LEU A 68 6.67 -3.63 -1.69
N LEU A 69 7.81 -2.98 -1.94
CA LEU A 69 8.96 -3.67 -2.50
C LEU A 69 9.27 -4.94 -1.71
N SER A 70 8.73 -5.02 -0.50
CA SER A 70 8.94 -6.19 0.35
C SER A 70 7.61 -6.81 0.76
N PHE A 71 6.73 -7.00 -0.23
CA PHE A 71 5.41 -7.60 0.03
C PHE A 71 4.96 -8.42 -1.17
N ARG A 72 3.91 -9.22 -0.96
CA ARG A 72 3.37 -10.06 -2.02
C ARG A 72 1.89 -9.76 -2.24
N VAL A 73 1.61 -8.79 -3.10
CA VAL A 73 0.23 -8.41 -3.41
C VAL A 73 -0.49 -9.53 -4.15
N ALA A 74 -1.78 -9.68 -3.87
CA ALA A 74 -2.59 -10.70 -4.52
C ALA A 74 -4.05 -10.58 -4.10
N ALA A 75 -4.95 -11.01 -5.00
CA ALA A 75 -6.38 -10.95 -4.74
C ALA A 75 -6.75 -11.85 -3.56
N VAL A 76 -7.84 -11.50 -2.88
CA VAL A 76 -8.30 -12.29 -1.74
C VAL A 76 -8.84 -13.64 -2.18
N GLN A 77 -9.11 -14.51 -1.21
CA GLN A 77 -9.62 -15.84 -1.50
C GLN A 77 -10.98 -16.06 -0.85
N PRO A 78 -11.74 -17.03 -1.36
CA PRO A 78 -13.07 -17.36 -0.84
C PRO A 78 -13.01 -18.00 0.54
N SER A 79 -11.80 -18.13 1.08
CA SER A 79 -11.61 -18.73 2.39
C SER A 79 -11.31 -17.66 3.44
N ASP A 80 -10.88 -16.49 2.98
CA ASP A 80 -10.56 -15.39 3.87
C ASP A 80 -11.83 -14.75 4.42
N ASN A 81 -11.69 -13.97 5.49
CA ASN A 81 -12.82 -13.31 6.12
C ASN A 81 -13.14 -11.99 5.41
N ILE A 82 -13.03 -12.01 4.08
CA ILE A 82 -13.30 -10.82 3.28
C ILE A 82 -14.71 -10.88 2.68
N SER A 83 -15.60 -10.05 3.20
CA SER A 83 -16.98 -10.02 2.70
C SER A 83 -17.08 -9.17 1.44
N ARG A 84 -16.09 -9.30 0.56
CA ARG A 84 -16.08 -8.55 -0.69
C ARG A 84 -15.76 -9.45 -1.87
N LYS A 85 -15.81 -8.89 -3.07
CA LYS A 85 -15.54 -9.65 -4.29
C LYS A 85 -14.18 -9.27 -4.86
N HIS A 86 -14.07 -8.03 -5.33
CA HIS A 86 -12.82 -7.55 -5.90
C HIS A 86 -11.93 -6.91 -4.84
N THR A 87 -11.17 -7.75 -4.14
CA THR A 87 -10.28 -7.28 -3.08
C THR A 87 -8.89 -7.90 -3.21
N PHE A 88 -7.90 -7.23 -2.65
CA PHE A 88 -6.53 -7.72 -2.71
C PHE A 88 -5.74 -7.25 -1.49
N LYS A 89 -5.04 -8.18 -0.85
CA LYS A 89 -4.24 -7.86 0.33
C LYS A 89 -2.77 -8.22 0.11
N ALA A 90 -1.88 -7.41 0.69
CA ALA A 90 -0.45 -7.64 0.54
C ALA A 90 0.14 -8.27 1.81
N GLU A 91 1.19 -9.06 1.63
CA GLU A 91 1.83 -9.72 2.76
C GLU A 91 3.36 -9.72 2.60
N HIS A 92 4.05 -9.38 3.68
CA HIS A 92 5.52 -9.34 3.65
C HIS A 92 6.10 -10.51 4.42
N ALA A 93 5.23 -11.33 5.01
CA ALA A 93 5.68 -12.49 5.76
C ALA A 93 6.75 -12.11 6.78
N GLY A 94 6.57 -10.96 7.41
CA GLY A 94 7.54 -10.50 8.40
C GLY A 94 6.99 -9.39 9.26
N VAL A 95 6.27 -8.45 8.65
CA VAL A 95 5.70 -7.33 9.36
C VAL A 95 4.20 -7.51 9.57
N ARG A 96 3.45 -7.48 8.49
CA ARG A 96 2.01 -7.64 8.56
C ARG A 96 1.41 -7.81 7.16
N THR A 97 0.08 -7.91 7.09
CA THR A 97 -0.62 -8.07 5.82
C THR A 97 -1.67 -6.99 5.64
N TYR A 98 -1.43 -6.07 4.71
CA TYR A 98 -2.35 -4.99 4.43
C TYR A 98 -3.46 -5.43 3.47
N PHE A 99 -4.63 -4.84 3.60
CA PHE A 99 -5.76 -5.19 2.74
C PHE A 99 -6.25 -3.96 1.96
N PHE A 100 -6.67 -4.18 0.73
CA PHE A 100 -7.15 -3.09 -0.11
C PHE A 100 -8.29 -3.58 -1.02
N SER A 101 -9.47 -2.98 -0.86
CA SER A 101 -10.63 -3.35 -1.66
C SER A 101 -10.90 -2.30 -2.72
N ALA A 102 -11.28 -2.76 -3.91
CA ALA A 102 -11.58 -1.86 -5.02
C ALA A 102 -13.06 -1.91 -5.38
N GLU A 103 -13.68 -0.74 -5.54
CA GLU A 103 -15.09 -0.65 -5.88
C GLU A 103 -15.43 -1.61 -7.02
N SER A 104 -14.69 -1.50 -8.12
CA SER A 104 -14.92 -2.35 -9.28
C SER A 104 -13.74 -3.30 -9.50
N PRO A 105 -13.99 -4.38 -10.26
CA PRO A 105 -12.96 -5.38 -10.56
C PRO A 105 -11.88 -4.84 -11.51
N GLU A 106 -12.21 -3.75 -12.21
CA GLU A 106 -11.28 -3.14 -13.14
C GLU A 106 -10.14 -2.45 -12.39
N GLU A 107 -10.46 -1.83 -11.26
CA GLU A 107 -9.47 -1.15 -10.45
C GLU A 107 -8.52 -2.14 -9.78
N GLN A 108 -9.10 -3.11 -9.08
CA GLN A 108 -8.31 -4.13 -8.39
C GLN A 108 -7.20 -4.66 -9.28
N GLU A 109 -7.59 -5.23 -10.41
CA GLU A 109 -6.61 -5.79 -11.35
C GLU A 109 -5.60 -4.73 -11.77
N ALA A 110 -6.09 -3.58 -12.19
CA ALA A 110 -5.23 -2.48 -12.61
C ALA A 110 -4.17 -2.18 -11.56
N TRP A 111 -4.57 -2.18 -10.30
CA TRP A 111 -3.65 -1.91 -9.20
C TRP A 111 -2.60 -3.00 -9.10
N ILE A 112 -3.04 -4.23 -8.84
CA ILE A 112 -2.12 -5.35 -8.72
C ILE A 112 -1.00 -5.28 -9.75
N GLN A 113 -1.34 -4.76 -10.94
CA GLN A 113 -0.36 -4.63 -12.01
C GLN A 113 0.79 -3.73 -11.60
N ALA A 114 0.46 -2.59 -11.00
CA ALA A 114 1.47 -1.64 -10.55
C ALA A 114 2.03 -2.03 -9.19
N MET A 115 1.13 -2.35 -8.26
CA MET A 115 1.52 -2.75 -6.92
C MET A 115 2.32 -4.05 -6.95
N GLY A 116 1.67 -5.13 -7.38
CA GLY A 116 2.33 -6.42 -7.45
C GLY A 116 3.75 -6.32 -7.96
N GLU A 117 3.92 -5.69 -9.12
CA GLU A 117 5.25 -5.53 -9.71
C GLU A 117 6.16 -4.74 -8.79
N ALA A 118 5.78 -3.51 -8.49
CA ALA A 118 6.56 -2.64 -7.62
C ALA A 118 6.91 -3.36 -6.32
N ALA A 119 6.19 -4.43 -6.02
CA ALA A 119 6.42 -5.20 -4.81
C ALA A 119 7.40 -6.33 -5.05
N ARG A 120 7.29 -6.98 -6.21
CA ARG A 120 8.17 -8.07 -6.57
C ARG A 120 9.59 -7.57 -6.84
N VAL A 121 10.58 -8.30 -6.32
CA VAL A 121 11.98 -7.93 -6.52
C VAL A 121 12.64 -8.79 -7.59
N GLN A 122 12.52 -8.35 -8.84
CA GLN A 122 13.11 -9.08 -9.96
C GLN A 122 14.63 -9.14 -9.84
N GLY A 1 12.44 20.54 19.25
CA GLY A 1 13.40 19.68 19.91
C GLY A 1 13.57 18.36 19.20
N SER A 2 14.02 17.35 19.93
CA SER A 2 14.23 16.02 19.37
C SER A 2 14.12 14.95 20.44
N SER A 3 13.31 13.93 20.17
CA SER A 3 13.10 12.84 21.12
C SER A 3 13.07 11.49 20.40
N GLY A 4 13.65 10.48 21.03
CA GLY A 4 13.68 9.16 20.44
C GLY A 4 15.02 8.46 20.62
N SER A 5 14.97 7.16 20.92
CA SER A 5 16.19 6.39 21.13
C SER A 5 15.88 4.89 21.14
N SER A 6 16.49 4.16 20.22
CA SER A 6 16.28 2.72 20.11
C SER A 6 17.61 1.99 19.99
N GLY A 7 17.58 0.68 20.24
CA GLY A 7 18.78 -0.11 20.15
C GLY A 7 19.08 -0.56 18.73
N GLY A 8 20.21 -0.11 18.19
CA GLY A 8 20.58 -0.48 16.83
C GLY A 8 20.01 0.47 15.80
N LYS A 9 20.24 0.16 14.53
CA LYS A 9 19.75 1.00 13.44
C LYS A 9 18.59 0.32 12.72
N ARG A 10 17.37 0.68 13.10
CA ARG A 10 16.18 0.11 12.49
C ARG A 10 15.11 1.18 12.27
N SER A 11 14.83 1.48 11.01
CA SER A 11 13.84 2.49 10.67
C SER A 11 13.14 2.14 9.36
N HIS A 12 12.10 2.91 9.02
CA HIS A 12 11.34 2.68 7.80
C HIS A 12 12.19 3.02 6.57
N SER A 13 12.84 4.17 6.60
CA SER A 13 13.68 4.61 5.49
C SER A 13 12.85 4.78 4.22
N MET A 14 11.66 5.35 4.37
CA MET A 14 10.77 5.57 3.23
C MET A 14 10.19 6.97 3.27
N LYS A 15 10.58 7.81 2.31
CA LYS A 15 10.09 9.17 2.22
C LYS A 15 9.46 9.44 0.86
N ARG A 16 8.78 10.58 0.75
CA ARG A 16 8.12 10.96 -0.50
C ARG A 16 8.89 12.07 -1.20
N ASN A 17 9.09 11.90 -2.51
CA ASN A 17 9.81 12.89 -3.30
C ASN A 17 8.96 13.37 -4.47
N PRO A 18 9.01 14.69 -4.74
CA PRO A 18 8.25 15.30 -5.83
C PRO A 18 8.79 14.90 -7.21
N ASN A 19 10.08 14.60 -7.26
CA ASN A 19 10.71 14.21 -8.51
C ASN A 19 10.17 12.87 -8.99
N ALA A 20 9.90 11.96 -8.06
CA ALA A 20 9.39 10.65 -8.39
C ALA A 20 7.98 10.75 -8.97
N PRO A 21 7.80 10.22 -10.19
CA PRO A 21 6.51 10.24 -10.88
C PRO A 21 5.48 9.31 -10.23
N VAL A 22 4.29 9.83 -9.99
CA VAL A 22 3.23 9.05 -9.36
C VAL A 22 2.89 7.82 -10.20
N THR A 23 3.20 6.64 -9.66
CA THR A 23 2.94 5.39 -10.35
C THR A 23 1.44 5.20 -10.59
N LYS A 24 0.67 5.20 -9.51
CA LYS A 24 -0.77 5.02 -9.60
C LYS A 24 -1.47 5.64 -8.39
N ALA A 25 -2.56 6.35 -8.63
CA ALA A 25 -3.32 6.99 -7.56
C ALA A 25 -4.80 6.67 -7.68
N GLY A 26 -5.41 6.25 -6.57
CA GLY A 26 -6.83 5.92 -6.58
C GLY A 26 -7.39 5.79 -5.18
N TRP A 27 -8.70 5.93 -5.06
CA TRP A 27 -9.37 5.82 -3.77
C TRP A 27 -9.66 4.37 -3.42
N LEU A 28 -8.85 3.80 -2.54
CA LEU A 28 -9.01 2.42 -2.12
C LEU A 28 -9.43 2.33 -0.65
N PHE A 29 -9.78 1.13 -0.21
CA PHE A 29 -10.19 0.91 1.17
C PHE A 29 -9.14 0.12 1.94
N LYS A 30 -8.65 0.70 3.03
CA LYS A 30 -7.65 0.04 3.85
C LYS A 30 -8.29 -0.68 5.04
N GLN A 31 -8.34 -2.00 4.97
CA GLN A 31 -8.92 -2.80 6.04
C GLN A 31 -8.44 -2.33 7.40
N ALA A 32 -9.32 -2.41 8.40
CA ALA A 32 -8.98 -1.99 9.76
C ALA A 32 -8.41 -3.15 10.56
N SER A 33 -7.08 -3.24 10.61
CA SER A 33 -6.40 -4.30 11.34
C SER A 33 -6.14 -3.88 12.78
N SER A 34 -5.84 -2.60 12.98
CA SER A 34 -5.56 -2.07 14.31
C SER A 34 -6.49 -2.69 15.34
N GLY A 35 -7.79 -2.66 15.06
CA GLY A 35 -8.76 -3.23 15.98
C GLY A 35 -10.14 -3.33 15.37
N VAL A 36 -10.93 -2.26 15.49
CA VAL A 36 -12.28 -2.24 14.95
C VAL A 36 -12.36 -3.05 13.66
N LYS A 37 -13.53 -3.62 13.40
CA LYS A 37 -13.75 -4.41 12.19
C LYS A 37 -14.60 -3.65 11.19
N GLN A 38 -13.93 -2.93 10.29
CA GLN A 38 -14.62 -2.15 9.26
C GLN A 38 -13.67 -1.75 8.15
N TRP A 39 -14.21 -1.26 7.04
CA TRP A 39 -13.41 -0.83 5.91
C TRP A 39 -13.45 0.68 5.74
N ASN A 40 -12.28 1.30 5.73
CA ASN A 40 -12.17 2.75 5.59
C ASN A 40 -11.55 3.12 4.25
N LYS A 41 -12.16 4.08 3.57
CA LYS A 41 -11.67 4.53 2.27
C LYS A 41 -10.71 5.70 2.43
N ARG A 42 -9.51 5.56 1.87
CA ARG A 42 -8.50 6.61 1.97
C ARG A 42 -7.79 6.79 0.62
N TRP A 43 -7.19 7.95 0.44
CA TRP A 43 -6.48 8.26 -0.80
C TRP A 43 -5.16 7.49 -0.88
N PHE A 44 -5.07 6.56 -1.83
CA PHE A 44 -3.86 5.77 -1.99
C PHE A 44 -3.00 6.30 -3.14
N VAL A 45 -1.69 6.23 -2.97
CA VAL A 45 -0.76 6.71 -3.99
C VAL A 45 0.53 5.89 -3.98
N LEU A 46 0.91 5.39 -5.16
CA LEU A 46 2.12 4.60 -5.30
C LEU A 46 3.25 5.42 -5.92
N VAL A 47 4.28 5.69 -5.12
CA VAL A 47 5.42 6.46 -5.59
C VAL A 47 6.72 5.92 -5.02
N ASP A 48 7.73 5.77 -5.88
CA ASP A 48 9.03 5.26 -5.46
C ASP A 48 8.91 3.82 -4.95
N ARG A 49 8.36 2.95 -5.80
CA ARG A 49 8.19 1.55 -5.44
C ARG A 49 7.65 1.42 -4.02
N CYS A 50 6.88 2.41 -3.58
CA CYS A 50 6.30 2.40 -2.25
C CYS A 50 4.85 2.90 -2.27
N LEU A 51 4.12 2.62 -1.21
CA LEU A 51 2.72 3.04 -1.10
C LEU A 51 2.55 4.15 -0.08
N PHE A 52 1.72 5.12 -0.41
CA PHE A 52 1.47 6.25 0.49
C PHE A 52 -0.02 6.59 0.53
N TYR A 53 -0.60 6.48 1.73
CA TYR A 53 -2.02 6.78 1.90
C TYR A 53 -2.22 8.11 2.62
N TYR A 54 -2.91 9.03 1.96
CA TYR A 54 -3.16 10.36 2.53
C TYR A 54 -4.63 10.50 2.92
N LYS A 55 -4.90 11.42 3.84
CA LYS A 55 -6.27 11.66 4.29
C LYS A 55 -7.21 11.89 3.12
N ASP A 56 -6.74 12.67 2.14
CA ASP A 56 -7.53 12.96 0.96
C ASP A 56 -6.63 13.21 -0.26
N GLU A 57 -7.25 13.54 -1.38
CA GLU A 57 -6.50 13.79 -2.61
C GLU A 57 -5.53 14.97 -2.42
N LYS A 58 -5.84 15.84 -1.47
CA LYS A 58 -5.01 17.00 -1.19
C LYS A 58 -3.56 16.57 -0.93
N GLU A 59 -3.40 15.47 -0.19
CA GLU A 59 -2.06 14.97 0.12
C GLU A 59 -1.26 15.99 0.91
N GLU A 60 -1.89 16.56 1.94
CA GLU A 60 -1.24 17.57 2.77
C GLU A 60 0.01 16.99 3.44
N SER A 61 -0.17 15.88 4.15
CA SER A 61 0.94 15.24 4.84
C SER A 61 0.76 13.72 4.86
N ILE A 62 1.86 12.99 4.69
CA ILE A 62 1.81 11.54 4.69
C ILE A 62 1.38 10.99 6.04
N LEU A 63 0.42 10.07 6.03
CA LEU A 63 -0.10 9.48 7.25
C LEU A 63 0.73 8.26 7.65
N GLY A 64 1.15 7.48 6.65
CA GLY A 64 1.94 6.30 6.93
C GLY A 64 2.40 5.60 5.66
N SER A 65 3.69 5.30 5.58
CA SER A 65 4.25 4.64 4.41
C SER A 65 4.42 3.15 4.65
N ILE A 66 4.26 2.36 3.60
CA ILE A 66 4.40 0.91 3.70
C ILE A 66 5.15 0.34 2.51
N PRO A 67 6.27 -0.34 2.79
CA PRO A 67 7.11 -0.95 1.75
C PRO A 67 6.44 -2.15 1.10
N LEU A 68 6.54 -2.23 -0.22
CA LEU A 68 5.94 -3.34 -0.96
C LEU A 68 7.01 -4.12 -1.73
N LEU A 69 8.11 -3.45 -2.05
CA LEU A 69 9.21 -4.08 -2.77
C LEU A 69 9.55 -5.44 -2.17
N SER A 70 9.13 -5.65 -0.92
CA SER A 70 9.39 -6.90 -0.22
C SER A 70 8.12 -7.72 -0.10
N PHE A 71 6.98 -7.05 -0.20
CA PHE A 71 5.68 -7.73 -0.09
C PHE A 71 5.23 -8.25 -1.45
N ARG A 72 4.25 -9.15 -1.43
CA ARG A 72 3.73 -9.73 -2.67
C ARG A 72 2.21 -9.55 -2.75
N VAL A 73 1.78 -8.45 -3.33
CA VAL A 73 0.35 -8.16 -3.48
C VAL A 73 -0.33 -9.21 -4.37
N ALA A 74 -1.58 -9.50 -4.05
CA ALA A 74 -2.35 -10.48 -4.82
C ALA A 74 -3.80 -10.54 -4.35
N ALA A 75 -4.72 -10.58 -5.30
CA ALA A 75 -6.15 -10.64 -4.98
C ALA A 75 -6.40 -11.58 -3.80
N VAL A 76 -7.58 -11.45 -3.19
CA VAL A 76 -7.95 -12.28 -2.05
C VAL A 76 -8.30 -13.70 -2.49
N GLN A 77 -8.69 -14.53 -1.54
CA GLN A 77 -9.05 -15.91 -1.83
C GLN A 77 -10.39 -16.27 -1.19
N PRO A 78 -11.03 -17.32 -1.71
CA PRO A 78 -12.33 -17.80 -1.21
C PRO A 78 -12.22 -18.41 0.18
N SER A 79 -11.01 -18.42 0.73
CA SER A 79 -10.78 -18.99 2.05
C SER A 79 -10.68 -17.88 3.11
N ASP A 80 -10.28 -16.69 2.67
CA ASP A 80 -10.15 -15.56 3.58
C ASP A 80 -11.52 -15.10 4.09
N ASN A 81 -11.54 -14.45 5.24
CA ASN A 81 -12.77 -13.97 5.83
C ASN A 81 -13.12 -12.58 5.32
N ILE A 82 -13.10 -12.43 4.00
CA ILE A 82 -13.41 -11.14 3.37
C ILE A 82 -14.79 -11.16 2.74
N SER A 83 -15.59 -10.13 3.02
CA SER A 83 -16.94 -10.04 2.48
C SER A 83 -16.91 -9.52 1.04
N ARG A 84 -16.24 -8.39 0.84
CA ARG A 84 -16.15 -7.80 -0.49
C ARG A 84 -15.68 -8.83 -1.52
N LYS A 85 -15.90 -8.52 -2.79
CA LYS A 85 -15.51 -9.42 -3.87
C LYS A 85 -14.15 -9.02 -4.45
N HIS A 86 -14.12 -7.88 -5.13
CA HIS A 86 -12.88 -7.39 -5.73
C HIS A 86 -11.94 -6.82 -4.66
N THR A 87 -11.20 -7.72 -4.01
CA THR A 87 -10.26 -7.31 -2.97
C THR A 87 -8.90 -7.95 -3.18
N PHE A 88 -7.86 -7.32 -2.62
CA PHE A 88 -6.51 -7.83 -2.74
C PHE A 88 -5.69 -7.51 -1.50
N LYS A 89 -5.00 -8.52 -0.97
CA LYS A 89 -4.18 -8.35 0.22
C LYS A 89 -2.71 -8.56 -0.10
N ALA A 90 -1.84 -7.86 0.63
CA ALA A 90 -0.41 -7.96 0.42
C ALA A 90 0.30 -8.40 1.70
N GLU A 91 1.29 -9.27 1.56
CA GLU A 91 2.04 -9.77 2.70
C GLU A 91 3.52 -9.88 2.38
N HIS A 92 4.37 -9.77 3.40
CA HIS A 92 5.81 -9.85 3.23
C HIS A 92 6.34 -11.22 3.68
N ALA A 93 6.41 -11.41 5.00
CA ALA A 93 6.90 -12.67 5.56
C ALA A 93 6.78 -12.66 7.08
N GLY A 94 5.80 -13.39 7.59
CA GLY A 94 5.59 -13.46 9.03
C GLY A 94 5.71 -12.10 9.69
N VAL A 95 5.05 -11.11 9.11
CA VAL A 95 5.07 -9.75 9.65
C VAL A 95 3.67 -9.16 9.72
N ARG A 96 3.01 -9.09 8.58
CA ARG A 96 1.66 -8.55 8.51
C ARG A 96 1.06 -8.76 7.12
N THR A 97 -0.25 -8.57 7.01
CA THR A 97 -0.95 -8.74 5.74
C THR A 97 -1.90 -7.59 5.48
N TYR A 98 -1.53 -6.72 4.54
CA TYR A 98 -2.36 -5.56 4.19
C TYR A 98 -3.51 -5.97 3.28
N PHE A 99 -4.59 -5.20 3.32
CA PHE A 99 -5.76 -5.48 2.50
C PHE A 99 -6.29 -4.22 1.84
N PHE A 100 -6.63 -4.32 0.56
CA PHE A 100 -7.14 -3.18 -0.19
C PHE A 100 -8.28 -3.60 -1.12
N SER A 101 -9.36 -2.82 -1.12
CA SER A 101 -10.52 -3.12 -1.95
C SER A 101 -10.68 -2.06 -3.04
N ALA A 102 -11.35 -2.44 -4.12
CA ALA A 102 -11.59 -1.53 -5.23
C ALA A 102 -13.06 -1.53 -5.65
N GLU A 103 -13.68 -0.35 -5.64
CA GLU A 103 -15.07 -0.22 -6.02
C GLU A 103 -15.43 -1.18 -7.14
N SER A 104 -14.67 -1.11 -8.24
CA SER A 104 -14.90 -1.97 -9.39
C SER A 104 -13.77 -2.97 -9.56
N PRO A 105 -14.04 -4.04 -10.33
CA PRO A 105 -13.05 -5.10 -10.58
C PRO A 105 -11.92 -4.62 -11.48
N GLU A 106 -12.15 -3.53 -12.20
CA GLU A 106 -11.15 -2.96 -13.09
C GLU A 106 -10.02 -2.31 -12.30
N GLU A 107 -10.38 -1.59 -11.25
CA GLU A 107 -9.40 -0.91 -10.41
C GLU A 107 -8.53 -1.92 -9.67
N GLN A 108 -9.16 -2.94 -9.10
CA GLN A 108 -8.43 -3.97 -8.37
C GLN A 108 -7.32 -4.57 -9.22
N GLU A 109 -7.71 -5.14 -10.36
CA GLU A 109 -6.75 -5.76 -11.26
C GLU A 109 -5.67 -4.75 -11.69
N ALA A 110 -6.10 -3.56 -12.09
CA ALA A 110 -5.18 -2.52 -12.52
C ALA A 110 -4.17 -2.20 -11.42
N TRP A 111 -4.66 -2.12 -10.19
CA TRP A 111 -3.79 -1.82 -9.04
C TRP A 111 -2.73 -2.89 -8.88
N ILE A 112 -3.16 -4.15 -8.79
CA ILE A 112 -2.23 -5.26 -8.62
C ILE A 112 -1.09 -5.18 -9.63
N GLN A 113 -1.43 -4.82 -10.87
CA GLN A 113 -0.43 -4.71 -11.93
C GLN A 113 0.74 -3.85 -11.48
N ALA A 114 0.44 -2.69 -10.93
CA ALA A 114 1.48 -1.77 -10.45
C ALA A 114 1.98 -2.18 -9.08
N MET A 115 1.06 -2.30 -8.12
CA MET A 115 1.41 -2.69 -6.76
C MET A 115 2.16 -4.02 -6.75
N GLY A 116 1.49 -5.06 -7.23
CA GLY A 116 2.09 -6.39 -7.27
C GLY A 116 3.48 -6.36 -7.89
N GLU A 117 3.58 -5.81 -9.09
CA GLU A 117 4.85 -5.73 -9.79
C GLU A 117 5.91 -5.04 -8.94
N ALA A 118 5.60 -3.82 -8.51
CA ALA A 118 6.52 -3.05 -7.68
C ALA A 118 6.89 -3.82 -6.41
N ALA A 119 6.10 -4.83 -6.09
CA ALA A 119 6.35 -5.65 -4.91
C ALA A 119 7.19 -6.87 -5.25
N ARG A 120 6.91 -7.48 -6.40
CA ARG A 120 7.64 -8.66 -6.84
C ARG A 120 9.08 -8.32 -7.20
N VAL A 121 9.99 -9.22 -6.88
CA VAL A 121 11.41 -9.01 -7.16
C VAL A 121 12.03 -10.25 -7.80
N GLN A 122 12.22 -10.19 -9.12
CA GLN A 122 12.81 -11.30 -9.85
C GLN A 122 14.33 -11.22 -9.83
N GLY A 1 31.29 -0.66 -8.73
CA GLY A 1 31.77 0.63 -8.28
C GLY A 1 30.64 1.56 -7.93
N SER A 2 29.68 1.09 -7.14
CA SER A 2 28.54 1.89 -6.74
C SER A 2 27.91 1.33 -5.46
N SER A 3 27.88 2.16 -4.42
CA SER A 3 27.31 1.76 -3.13
C SER A 3 25.79 1.92 -3.13
N GLY A 4 25.12 1.17 -2.27
CA GLY A 4 23.67 1.24 -2.19
C GLY A 4 23.20 2.26 -1.17
N SER A 5 22.56 3.33 -1.65
CA SER A 5 22.07 4.37 -0.77
C SER A 5 20.55 4.52 -0.89
N SER A 6 19.82 3.86 0.00
CA SER A 6 18.37 3.91 0.00
C SER A 6 17.82 3.90 1.43
N GLY A 7 16.86 4.78 1.68
CA GLY A 7 16.27 4.86 3.00
C GLY A 7 15.09 3.91 3.17
N GLY A 8 15.25 2.92 4.04
CA GLY A 8 14.19 1.95 4.27
C GLY A 8 14.31 1.27 5.62
N LYS A 9 15.30 0.42 5.77
CA LYS A 9 15.53 -0.30 7.01
C LYS A 9 16.16 0.61 8.06
N ARG A 10 17.30 1.21 7.71
CA ARG A 10 18.00 2.10 8.62
C ARG A 10 17.45 3.52 8.53
N SER A 11 16.12 3.63 8.45
CA SER A 11 15.47 4.92 8.35
C SER A 11 14.36 5.06 9.39
N HIS A 12 14.56 5.96 10.35
CA HIS A 12 13.58 6.18 11.41
C HIS A 12 12.20 6.48 10.81
N SER A 13 12.15 7.46 9.92
CA SER A 13 10.90 7.85 9.28
C SER A 13 11.08 7.97 7.77
N MET A 14 10.14 7.40 7.02
CA MET A 14 10.19 7.45 5.57
C MET A 14 9.31 8.58 5.03
N LYS A 15 9.60 9.03 3.81
CA LYS A 15 8.84 10.09 3.19
C LYS A 15 8.88 9.99 1.67
N ARG A 16 8.05 10.77 0.99
CA ARG A 16 8.01 10.76 -0.46
C ARG A 16 8.72 11.98 -1.04
N ASN A 17 9.73 11.75 -1.86
CA ASN A 17 10.48 12.82 -2.48
C ASN A 17 9.55 13.82 -3.16
N PRO A 18 9.92 15.12 -3.08
CA PRO A 18 9.13 16.20 -3.68
C PRO A 18 9.18 16.16 -5.21
N ASN A 19 10.17 15.47 -5.75
CA ASN A 19 10.32 15.36 -7.19
C ASN A 19 10.14 13.92 -7.66
N ALA A 20 9.20 13.22 -7.04
CA ALA A 20 8.92 11.83 -7.39
C ALA A 20 7.59 11.71 -8.14
N PRO A 21 7.64 11.09 -9.33
CA PRO A 21 6.46 10.89 -10.17
C PRO A 21 5.48 9.89 -9.57
N VAL A 22 4.19 10.24 -9.58
CA VAL A 22 3.16 9.36 -9.04
C VAL A 22 2.95 8.14 -9.94
N THR A 23 3.29 6.96 -9.42
CA THR A 23 3.13 5.73 -10.17
C THR A 23 1.66 5.45 -10.47
N LYS A 24 0.84 5.46 -9.43
CA LYS A 24 -0.60 5.22 -9.58
C LYS A 24 -1.38 5.88 -8.46
N ALA A 25 -2.57 6.38 -8.80
CA ALA A 25 -3.42 7.04 -7.82
C ALA A 25 -4.86 6.52 -7.91
N GLY A 26 -5.50 6.35 -6.75
CA GLY A 26 -6.86 5.87 -6.72
C GLY A 26 -7.37 5.67 -5.31
N TRP A 27 -8.64 5.97 -5.10
CA TRP A 27 -9.26 5.82 -3.78
C TRP A 27 -9.50 4.35 -3.46
N LEU A 28 -8.75 3.83 -2.49
CA LEU A 28 -8.89 2.43 -2.10
C LEU A 28 -9.40 2.33 -0.67
N PHE A 29 -9.72 1.10 -0.24
CA PHE A 29 -10.23 0.86 1.10
C PHE A 29 -9.31 -0.09 1.86
N LYS A 30 -8.70 0.42 2.94
CA LYS A 30 -7.79 -0.39 3.75
C LYS A 30 -8.53 -0.98 4.94
N GLN A 31 -8.73 -2.30 4.92
CA GLN A 31 -9.41 -2.98 6.00
C GLN A 31 -8.85 -2.57 7.36
N ALA A 32 -9.71 -2.54 8.36
CA ALA A 32 -9.31 -2.16 9.71
C ALA A 32 -9.23 -3.38 10.63
N SER A 33 -8.02 -3.77 10.99
CA SER A 33 -7.81 -4.92 11.86
C SER A 33 -7.59 -4.47 13.31
N SER A 34 -6.73 -3.48 13.49
CA SER A 34 -6.42 -2.96 14.82
C SER A 34 -7.70 -2.53 15.53
N GLY A 35 -8.56 -1.82 14.81
CA GLY A 35 -9.81 -1.35 15.40
C GLY A 35 -11.01 -2.13 14.90
N VAL A 36 -12.19 -1.57 15.09
CA VAL A 36 -13.43 -2.22 14.66
C VAL A 36 -13.28 -2.80 13.25
N LYS A 37 -13.86 -3.98 13.04
CA LYS A 37 -13.80 -4.64 11.75
C LYS A 37 -14.59 -3.87 10.71
N GLN A 38 -13.90 -3.00 9.96
CA GLN A 38 -14.55 -2.21 8.92
C GLN A 38 -13.53 -1.74 7.89
N TRP A 39 -14.03 -1.18 6.79
CA TRP A 39 -13.17 -0.69 5.73
C TRP A 39 -13.09 0.83 5.74
N ASN A 40 -11.87 1.36 5.79
CA ASN A 40 -11.66 2.81 5.80
C ASN A 40 -11.18 3.31 4.44
N LYS A 41 -11.97 4.17 3.82
CA LYS A 41 -11.63 4.73 2.52
C LYS A 41 -10.65 5.89 2.66
N ARG A 42 -9.52 5.78 1.97
CA ARG A 42 -8.50 6.83 2.04
C ARG A 42 -7.80 6.97 0.68
N TRP A 43 -7.21 8.14 0.45
CA TRP A 43 -6.51 8.40 -0.80
C TRP A 43 -5.20 7.62 -0.86
N PHE A 44 -5.12 6.70 -1.82
CA PHE A 44 -3.92 5.88 -1.98
C PHE A 44 -3.06 6.40 -3.14
N VAL A 45 -1.75 6.41 -2.94
CA VAL A 45 -0.83 6.88 -3.96
C VAL A 45 0.43 6.02 -4.00
N LEU A 46 0.79 5.56 -5.19
CA LEU A 46 1.98 4.73 -5.36
C LEU A 46 3.13 5.55 -5.96
N VAL A 47 4.18 5.74 -5.16
CA VAL A 47 5.35 6.49 -5.61
C VAL A 47 6.64 5.85 -5.13
N ASP A 48 7.64 5.81 -5.99
CA ASP A 48 8.94 5.22 -5.65
C ASP A 48 8.77 3.78 -5.16
N ARG A 49 8.11 2.97 -5.97
CA ARG A 49 7.88 1.57 -5.63
C ARG A 49 7.39 1.44 -4.19
N CYS A 50 6.71 2.47 -3.71
CA CYS A 50 6.19 2.47 -2.35
C CYS A 50 4.75 2.98 -2.32
N LEU A 51 4.04 2.66 -1.25
CA LEU A 51 2.65 3.08 -1.10
C LEU A 51 2.52 4.19 -0.08
N PHE A 52 1.74 5.22 -0.41
CA PHE A 52 1.54 6.34 0.49
C PHE A 52 0.07 6.76 0.53
N TYR A 53 -0.53 6.69 1.71
CA TYR A 53 -1.93 7.05 1.88
C TYR A 53 -2.07 8.37 2.61
N TYR A 54 -2.85 9.28 2.02
CA TYR A 54 -3.05 10.60 2.61
C TYR A 54 -4.48 10.74 3.14
N LYS A 55 -4.61 11.38 4.29
CA LYS A 55 -5.93 11.58 4.90
C LYS A 55 -6.98 11.89 3.85
N ASP A 56 -6.61 12.67 2.85
CA ASP A 56 -7.52 13.04 1.77
C ASP A 56 -6.75 13.32 0.49
N GLU A 57 -7.48 13.74 -0.54
CA GLU A 57 -6.87 14.04 -1.84
C GLU A 57 -6.25 15.43 -1.83
N LYS A 58 -5.56 15.75 -0.74
CA LYS A 58 -4.91 17.05 -0.61
C LYS A 58 -3.40 16.93 -0.83
N GLU A 59 -2.87 15.74 -0.58
CA GLU A 59 -1.44 15.50 -0.75
C GLU A 59 -0.61 16.53 0.01
N GLU A 60 -0.92 16.69 1.30
CA GLU A 60 -0.20 17.65 2.13
C GLU A 60 0.90 16.96 2.93
N SER A 61 0.51 15.96 3.72
CA SER A 61 1.47 15.23 4.54
C SER A 61 1.13 13.74 4.55
N ILE A 62 2.17 12.91 4.49
CA ILE A 62 1.99 11.46 4.49
C ILE A 62 1.72 10.95 5.90
N LEU A 63 0.57 10.31 6.08
CA LEU A 63 0.19 9.76 7.38
C LEU A 63 1.04 8.55 7.73
N GLY A 64 1.24 7.67 6.74
CA GLY A 64 2.05 6.47 6.97
C GLY A 64 2.50 5.84 5.67
N SER A 65 3.75 5.39 5.65
CA SER A 65 4.31 4.75 4.46
C SER A 65 4.49 3.25 4.68
N ILE A 66 4.33 2.48 3.61
CA ILE A 66 4.48 1.04 3.67
C ILE A 66 5.20 0.49 2.46
N PRO A 67 6.33 -0.19 2.69
CA PRO A 67 7.14 -0.77 1.61
C PRO A 67 6.45 -1.96 0.95
N LEU A 68 6.20 -1.84 -0.36
CA LEU A 68 5.55 -2.91 -1.11
C LEU A 68 6.58 -3.86 -1.71
N LEU A 69 7.79 -3.35 -1.92
CA LEU A 69 8.86 -4.16 -2.50
C LEU A 69 9.14 -5.39 -1.62
N SER A 70 8.57 -5.39 -0.42
CA SER A 70 8.75 -6.51 0.51
C SER A 70 7.42 -7.18 0.81
N PHE A 71 6.54 -7.22 -0.17
CA PHE A 71 5.23 -7.85 -0.01
C PHE A 71 4.82 -8.61 -1.27
N ARG A 72 3.76 -9.39 -1.16
CA ARG A 72 3.27 -10.18 -2.29
C ARG A 72 1.78 -9.93 -2.51
N VAL A 73 1.46 -8.82 -3.16
CA VAL A 73 0.07 -8.46 -3.45
C VAL A 73 -0.63 -9.58 -4.20
N ALA A 74 -1.92 -9.73 -3.95
CA ALA A 74 -2.72 -10.76 -4.61
C ALA A 74 -4.20 -10.60 -4.30
N ALA A 75 -5.05 -11.19 -5.13
CA ALA A 75 -6.48 -11.12 -4.93
C ALA A 75 -6.95 -12.08 -3.83
N VAL A 76 -8.10 -11.78 -3.25
CA VAL A 76 -8.64 -12.62 -2.18
C VAL A 76 -9.26 -13.89 -2.75
N GLN A 77 -9.36 -14.91 -1.90
CA GLN A 77 -9.94 -16.19 -2.31
C GLN A 77 -11.42 -16.26 -1.95
N PRO A 78 -12.16 -17.14 -2.66
CA PRO A 78 -13.59 -17.33 -2.42
C PRO A 78 -13.88 -18.00 -1.09
N SER A 79 -12.82 -18.29 -0.33
CA SER A 79 -12.96 -18.95 0.96
C SER A 79 -12.32 -18.11 2.06
N ASP A 80 -12.27 -16.81 1.85
CA ASP A 80 -11.67 -15.89 2.83
C ASP A 80 -12.75 -15.11 3.56
N ASN A 81 -12.34 -14.36 4.58
CA ASN A 81 -13.27 -13.56 5.37
C ASN A 81 -13.41 -12.16 4.78
N ILE A 82 -13.61 -12.09 3.47
CA ILE A 82 -13.77 -10.80 2.80
C ILE A 82 -15.07 -10.74 2.02
N SER A 83 -16.02 -9.95 2.53
CA SER A 83 -17.32 -9.81 1.88
C SER A 83 -17.17 -9.25 0.47
N ARG A 84 -16.31 -8.25 0.32
CA ARG A 84 -16.07 -7.62 -0.97
C ARG A 84 -15.53 -8.64 -1.97
N LYS A 85 -16.01 -8.58 -3.20
CA LYS A 85 -15.57 -9.49 -4.25
C LYS A 85 -14.21 -9.06 -4.80
N HIS A 86 -14.18 -7.91 -5.47
CA HIS A 86 -12.94 -7.39 -6.05
C HIS A 86 -12.03 -6.84 -4.96
N THR A 87 -11.30 -7.73 -4.29
CA THR A 87 -10.39 -7.33 -3.22
C THR A 87 -9.04 -8.02 -3.38
N PHE A 88 -8.01 -7.43 -2.77
CA PHE A 88 -6.67 -7.98 -2.84
C PHE A 88 -5.85 -7.57 -1.62
N LYS A 89 -5.20 -8.55 -1.00
CA LYS A 89 -4.38 -8.30 0.19
C LYS A 89 -2.91 -8.60 -0.09
N ALA A 90 -2.02 -7.87 0.57
CA ALA A 90 -0.59 -8.07 0.39
C ALA A 90 0.04 -8.64 1.65
N GLU A 91 0.93 -9.62 1.46
CA GLU A 91 1.61 -10.26 2.59
C GLU A 91 3.13 -10.27 2.38
N HIS A 92 3.87 -10.22 3.48
CA HIS A 92 5.31 -10.23 3.41
C HIS A 92 5.88 -11.49 4.06
N ALA A 93 5.00 -12.33 4.58
CA ALA A 93 5.40 -13.58 5.22
C ALA A 93 6.52 -13.33 6.23
N GLY A 94 6.39 -12.25 7.00
CA GLY A 94 7.38 -11.92 7.99
C GLY A 94 6.93 -10.81 8.93
N VAL A 95 6.25 -9.82 8.37
CA VAL A 95 5.76 -8.70 9.17
C VAL A 95 4.25 -8.80 9.39
N ARG A 96 3.49 -8.61 8.31
CA ARG A 96 2.03 -8.68 8.40
C ARG A 96 1.42 -8.77 6.99
N THR A 97 0.09 -8.77 6.94
CA THR A 97 -0.62 -8.85 5.67
C THR A 97 -1.69 -7.77 5.57
N TYR A 98 -1.44 -6.77 4.73
CA TYR A 98 -2.38 -5.68 4.54
C TYR A 98 -3.46 -6.05 3.54
N PHE A 99 -4.61 -5.38 3.62
CA PHE A 99 -5.72 -5.63 2.72
C PHE A 99 -6.13 -4.37 1.98
N PHE A 100 -6.62 -4.54 0.75
CA PHE A 100 -7.04 -3.41 -0.06
C PHE A 100 -8.09 -3.85 -1.08
N SER A 101 -9.27 -3.23 -1.00
CA SER A 101 -10.36 -3.55 -1.91
C SER A 101 -10.58 -2.42 -2.91
N ALA A 102 -11.31 -2.73 -3.98
CA ALA A 102 -11.59 -1.74 -5.01
C ALA A 102 -13.08 -1.76 -5.40
N GLU A 103 -13.65 -0.58 -5.59
CA GLU A 103 -15.05 -0.46 -5.96
C GLU A 103 -15.38 -1.36 -7.14
N SER A 104 -14.60 -1.23 -8.21
CA SER A 104 -14.81 -2.03 -9.41
C SER A 104 -13.66 -3.02 -9.61
N PRO A 105 -13.92 -4.08 -10.40
CA PRO A 105 -12.93 -5.11 -10.69
C PRO A 105 -11.80 -4.60 -11.59
N GLU A 106 -12.11 -3.59 -12.39
CA GLU A 106 -11.13 -3.00 -13.30
C GLU A 106 -10.00 -2.34 -12.52
N GLU A 107 -10.37 -1.66 -11.43
CA GLU A 107 -9.39 -0.96 -10.60
C GLU A 107 -8.55 -1.96 -9.80
N GLN A 108 -9.21 -3.01 -9.30
CA GLN A 108 -8.53 -4.02 -8.50
C GLN A 108 -7.37 -4.63 -9.28
N GLU A 109 -7.68 -5.24 -10.42
CA GLU A 109 -6.66 -5.85 -11.26
C GLU A 109 -5.58 -4.85 -11.64
N ALA A 110 -6.01 -3.67 -12.08
CA ALA A 110 -5.08 -2.61 -12.47
C ALA A 110 -4.09 -2.32 -11.36
N TRP A 111 -4.60 -2.09 -10.15
CA TRP A 111 -3.75 -1.79 -9.01
C TRP A 111 -2.71 -2.88 -8.80
N ILE A 112 -3.15 -4.14 -8.89
CA ILE A 112 -2.26 -5.27 -8.71
C ILE A 112 -1.11 -5.23 -9.71
N GLN A 113 -1.40 -4.79 -10.93
CA GLN A 113 -0.40 -4.70 -11.98
C GLN A 113 0.78 -3.85 -11.52
N ALA A 114 0.49 -2.68 -10.96
CA ALA A 114 1.54 -1.80 -10.49
C ALA A 114 2.07 -2.24 -9.13
N MET A 115 1.17 -2.44 -8.18
CA MET A 115 1.55 -2.87 -6.84
C MET A 115 2.23 -4.25 -6.89
N GLY A 116 1.49 -5.25 -7.35
CA GLY A 116 2.04 -6.60 -7.43
C GLY A 116 3.45 -6.61 -7.98
N GLU A 117 3.68 -5.90 -9.08
CA GLU A 117 4.99 -5.84 -9.69
C GLU A 117 5.97 -5.05 -8.82
N ALA A 118 5.66 -3.78 -8.60
CA ALA A 118 6.50 -2.92 -7.79
C ALA A 118 6.88 -3.61 -6.48
N ALA A 119 6.09 -4.59 -6.07
CA ALA A 119 6.35 -5.33 -4.84
C ALA A 119 7.45 -6.35 -5.04
N ARG A 120 7.48 -6.98 -6.21
CA ARG A 120 8.49 -7.98 -6.52
C ARG A 120 9.84 -7.58 -5.95
N VAL A 121 10.65 -8.59 -5.60
CA VAL A 121 11.97 -8.35 -5.04
C VAL A 121 13.05 -8.34 -6.12
N GLN A 122 12.69 -8.84 -7.30
CA GLN A 122 13.62 -8.88 -8.42
C GLN A 122 13.97 -7.47 -8.89
N GLY A 1 42.54 10.25 10.19
CA GLY A 1 42.12 9.55 8.99
C GLY A 1 40.62 9.47 8.86
N SER A 2 40.14 8.39 8.24
CA SER A 2 38.71 8.19 8.04
C SER A 2 38.17 7.12 8.99
N SER A 3 37.32 7.54 9.92
CA SER A 3 36.73 6.61 10.89
C SER A 3 35.67 5.74 10.23
N GLY A 4 34.77 6.38 9.49
CA GLY A 4 33.70 5.64 8.83
C GLY A 4 32.46 6.49 8.62
N SER A 5 31.70 6.70 9.68
CA SER A 5 30.48 7.49 9.61
C SER A 5 29.56 6.96 8.52
N SER A 6 29.37 5.64 8.50
CA SER A 6 28.51 5.00 7.51
C SER A 6 27.28 4.40 8.17
N GLY A 7 26.10 4.70 7.61
CA GLY A 7 24.86 4.19 8.15
C GLY A 7 23.64 4.89 7.58
N GLY A 8 23.22 4.46 6.40
CA GLY A 8 22.06 5.05 5.76
C GLY A 8 22.43 6.24 4.89
N LYS A 9 22.00 6.20 3.63
CA LYS A 9 22.29 7.28 2.69
C LYS A 9 21.57 8.56 3.10
N ARG A 10 22.19 9.30 4.02
CA ARG A 10 21.60 10.56 4.50
C ARG A 10 20.09 10.45 4.61
N SER A 11 19.61 9.32 5.12
CA SER A 11 18.18 9.09 5.27
C SER A 11 17.84 8.70 6.71
N HIS A 12 16.60 8.92 7.09
CA HIS A 12 16.15 8.58 8.44
C HIS A 12 14.98 7.60 8.39
N SER A 13 13.95 7.94 7.62
CA SER A 13 12.77 7.09 7.49
C SER A 13 12.12 7.28 6.13
N MET A 14 11.28 6.31 5.75
CA MET A 14 10.59 6.36 4.47
C MET A 14 9.79 7.66 4.33
N LYS A 15 9.97 8.34 3.21
CA LYS A 15 9.26 9.59 2.95
C LYS A 15 8.83 9.68 1.49
N ARG A 16 8.17 10.78 1.14
CA ARG A 16 7.70 10.99 -0.23
C ARG A 16 8.38 12.21 -0.85
N ASN A 17 8.78 12.08 -2.11
CA ASN A 17 9.43 13.17 -2.83
C ASN A 17 8.55 13.70 -3.95
N PRO A 18 8.52 15.03 -4.10
CA PRO A 18 7.72 15.69 -5.15
C PRO A 18 8.27 15.44 -6.55
N ASN A 19 9.59 15.34 -6.65
CA ASN A 19 10.24 15.10 -7.93
C ASN A 19 9.83 13.74 -8.51
N ALA A 20 9.72 12.75 -7.64
CA ALA A 20 9.33 11.40 -8.06
C ALA A 20 7.95 11.41 -8.68
N PRO A 21 7.85 10.88 -9.91
CA PRO A 21 6.57 10.81 -10.64
C PRO A 21 5.60 9.80 -10.03
N VAL A 22 4.37 10.23 -9.80
CA VAL A 22 3.35 9.38 -9.22
C VAL A 22 3.07 8.17 -10.12
N THR A 23 3.35 6.98 -9.60
CA THR A 23 3.13 5.75 -10.35
C THR A 23 1.64 5.52 -10.59
N LYS A 24 0.88 5.38 -9.51
CA LYS A 24 -0.55 5.16 -9.60
C LYS A 24 -1.28 5.80 -8.42
N ALA A 25 -2.38 6.48 -8.72
CA ALA A 25 -3.18 7.13 -7.69
C ALA A 25 -4.66 6.80 -7.84
N GLY A 26 -5.29 6.41 -6.73
CA GLY A 26 -6.70 6.07 -6.77
C GLY A 26 -7.27 5.87 -5.38
N TRP A 27 -8.55 6.23 -5.21
CA TRP A 27 -9.22 6.08 -3.92
C TRP A 27 -9.49 4.63 -3.62
N LEU A 28 -8.71 4.06 -2.69
CA LEU A 28 -8.86 2.66 -2.31
C LEU A 28 -9.48 2.54 -0.92
N PHE A 29 -9.78 1.31 -0.52
CA PHE A 29 -10.37 1.07 0.80
C PHE A 29 -9.49 0.15 1.63
N LYS A 30 -8.91 0.71 2.70
CA LYS A 30 -8.04 -0.05 3.59
C LYS A 30 -8.83 -0.65 4.74
N GLN A 31 -8.67 -1.95 4.95
CA GLN A 31 -9.37 -2.63 6.03
C GLN A 31 -8.84 -2.20 7.39
N ALA A 32 -9.73 -2.08 8.37
CA ALA A 32 -9.35 -1.68 9.71
C ALA A 32 -9.29 -2.87 10.65
N SER A 33 -8.08 -3.23 11.06
CA SER A 33 -7.88 -4.36 11.96
C SER A 33 -7.69 -3.89 13.40
N SER A 34 -6.80 -2.92 13.59
CA SER A 34 -6.53 -2.39 14.92
C SER A 34 -7.82 -1.98 15.62
N GLY A 35 -8.66 -1.23 14.91
CA GLY A 35 -9.91 -0.79 15.49
C GLY A 35 -11.08 -1.68 15.09
N VAL A 36 -12.24 -1.09 14.88
CA VAL A 36 -13.43 -1.83 14.50
C VAL A 36 -13.33 -2.32 13.05
N LYS A 37 -13.76 -3.55 12.82
CA LYS A 37 -13.73 -4.14 11.49
C LYS A 37 -14.55 -3.31 10.51
N GLN A 38 -13.87 -2.55 9.66
CA GLN A 38 -14.54 -1.71 8.67
C GLN A 38 -13.53 -1.08 7.72
N TRP A 39 -13.81 -1.16 6.43
CA TRP A 39 -12.93 -0.60 5.41
C TRP A 39 -13.02 0.93 5.39
N ASN A 40 -11.88 1.59 5.53
CA ASN A 40 -11.83 3.04 5.53
C ASN A 40 -11.30 3.58 4.20
N LYS A 41 -12.17 4.19 3.42
CA LYS A 41 -11.79 4.74 2.13
C LYS A 41 -10.82 5.90 2.29
N ARG A 42 -9.64 5.77 1.68
CA ARG A 42 -8.62 6.81 1.77
C ARG A 42 -7.90 6.98 0.43
N TRP A 43 -7.23 8.11 0.27
CA TRP A 43 -6.50 8.40 -0.96
C TRP A 43 -5.20 7.63 -1.01
N PHE A 44 -5.08 6.71 -1.97
CA PHE A 44 -3.87 5.91 -2.13
C PHE A 44 -3.00 6.45 -3.24
N VAL A 45 -1.69 6.51 -2.99
CA VAL A 45 -0.74 7.01 -3.98
C VAL A 45 0.53 6.16 -3.99
N LEU A 46 0.90 5.69 -5.17
CA LEU A 46 2.10 4.88 -5.33
C LEU A 46 3.24 5.68 -5.93
N VAL A 47 4.28 5.90 -5.14
CA VAL A 47 5.44 6.66 -5.59
C VAL A 47 6.74 6.05 -5.06
N ASP A 48 7.72 5.91 -5.94
CA ASP A 48 9.01 5.35 -5.56
C ASP A 48 8.86 3.92 -5.06
N ARG A 49 8.23 3.07 -5.88
CA ARG A 49 8.02 1.68 -5.51
C ARG A 49 7.51 1.56 -4.08
N CYS A 50 6.82 2.61 -3.62
CA CYS A 50 6.28 2.62 -2.26
C CYS A 50 4.84 3.11 -2.25
N LEU A 51 4.06 2.65 -1.28
CA LEU A 51 2.66 3.04 -1.17
C LEU A 51 2.49 4.15 -0.13
N PHE A 52 1.69 5.16 -0.47
CA PHE A 52 1.44 6.27 0.43
C PHE A 52 -0.04 6.65 0.43
N TYR A 53 -0.66 6.55 1.60
CA TYR A 53 -2.08 6.86 1.75
C TYR A 53 -2.27 8.14 2.57
N TYR A 54 -2.97 9.11 1.98
CA TYR A 54 -3.22 10.38 2.67
C TYR A 54 -4.70 10.54 2.98
N LYS A 55 -4.99 11.25 4.06
CA LYS A 55 -6.37 11.50 4.48
C LYS A 55 -7.23 11.96 3.30
N ASP A 56 -6.62 12.74 2.42
CA ASP A 56 -7.32 13.26 1.24
C ASP A 56 -6.39 13.33 0.04
N GLU A 57 -6.89 13.88 -1.06
CA GLU A 57 -6.10 14.01 -2.28
C GLU A 57 -5.20 15.23 -2.22
N LYS A 58 -4.59 15.44 -1.05
CA LYS A 58 -3.69 16.57 -0.86
C LYS A 58 -2.23 16.14 -0.98
N GLU A 59 -1.92 14.97 -0.43
CA GLU A 59 -0.56 14.45 -0.48
C GLU A 59 0.41 15.39 0.20
N GLU A 60 0.05 15.84 1.41
CA GLU A 60 0.91 16.74 2.17
C GLU A 60 1.67 16.00 3.26
N SER A 61 0.93 15.45 4.22
CA SER A 61 1.53 14.71 5.32
C SER A 61 1.22 13.22 5.21
N ILE A 62 2.26 12.40 5.18
CA ILE A 62 2.09 10.95 5.08
C ILE A 62 1.57 10.36 6.40
N LEU A 63 0.45 9.67 6.32
CA LEU A 63 -0.15 9.05 7.51
C LEU A 63 0.53 7.72 7.84
N GLY A 64 0.76 6.93 6.81
CA GLY A 64 1.41 5.64 7.00
C GLY A 64 2.02 5.09 5.73
N SER A 65 3.31 4.78 5.78
CA SER A 65 4.02 4.24 4.63
C SER A 65 4.26 2.75 4.78
N ILE A 66 4.08 2.01 3.68
CA ILE A 66 4.29 0.57 3.69
C ILE A 66 5.01 0.11 2.43
N PRO A 67 6.18 -0.51 2.60
CA PRO A 67 6.98 -1.01 1.50
C PRO A 67 6.35 -2.22 0.81
N LEU A 68 6.19 -2.13 -0.50
CA LEU A 68 5.59 -3.22 -1.28
C LEU A 68 6.67 -4.12 -1.88
N LEU A 69 7.82 -3.53 -2.19
CA LEU A 69 8.93 -4.27 -2.76
C LEU A 69 9.27 -5.50 -1.92
N SER A 70 8.76 -5.51 -0.68
CA SER A 70 9.01 -6.62 0.23
C SER A 70 7.71 -7.32 0.60
N PHE A 71 6.76 -7.31 -0.33
CA PHE A 71 5.47 -7.95 -0.10
C PHE A 71 5.04 -8.77 -1.32
N ARG A 72 3.91 -9.44 -1.20
CA ARG A 72 3.39 -10.26 -2.29
C ARG A 72 1.90 -10.00 -2.51
N VAL A 73 1.59 -8.93 -3.24
CA VAL A 73 0.21 -8.57 -3.52
C VAL A 73 -0.53 -9.73 -4.20
N ALA A 74 -1.81 -9.87 -3.89
CA ALA A 74 -2.63 -10.92 -4.48
C ALA A 74 -4.08 -10.79 -4.04
N ALA A 75 -5.00 -11.12 -4.95
CA ALA A 75 -6.43 -11.03 -4.67
C ALA A 75 -6.77 -11.81 -3.40
N VAL A 76 -7.98 -11.60 -2.89
CA VAL A 76 -8.44 -12.28 -1.68
C VAL A 76 -9.10 -13.62 -2.03
N GLN A 77 -9.15 -14.52 -1.06
CA GLN A 77 -9.75 -15.82 -1.25
C GLN A 77 -11.17 -15.87 -0.71
N PRO A 78 -11.97 -16.81 -1.22
CA PRO A 78 -13.37 -16.97 -0.80
C PRO A 78 -13.50 -17.49 0.63
N SER A 79 -12.35 -17.65 1.30
CA SER A 79 -12.33 -18.14 2.67
C SER A 79 -11.38 -17.32 3.53
N ASP A 80 -11.31 -16.02 3.24
CA ASP A 80 -10.44 -15.12 3.98
C ASP A 80 -11.26 -14.15 4.83
N ASN A 81 -12.54 -14.45 4.98
CA ASN A 81 -13.43 -13.60 5.77
C ASN A 81 -13.55 -12.21 5.15
N ILE A 82 -13.58 -12.15 3.82
CA ILE A 82 -13.67 -10.88 3.12
C ILE A 82 -15.09 -10.65 2.60
N SER A 83 -15.83 -9.78 3.29
CA SER A 83 -17.20 -9.47 2.91
C SER A 83 -17.23 -8.40 1.83
N ARG A 84 -16.30 -8.51 0.87
CA ARG A 84 -16.23 -7.55 -0.23
C ARG A 84 -15.66 -8.20 -1.48
N LYS A 85 -16.13 -7.76 -2.64
CA LYS A 85 -15.66 -8.31 -3.91
C LYS A 85 -14.62 -7.39 -4.55
N HIS A 86 -13.68 -7.98 -5.27
CA HIS A 86 -12.63 -7.23 -5.93
C HIS A 86 -11.64 -6.66 -4.91
N THR A 87 -11.12 -7.54 -4.04
CA THR A 87 -10.18 -7.13 -3.03
C THR A 87 -8.83 -7.86 -3.19
N PHE A 88 -7.77 -7.26 -2.67
CA PHE A 88 -6.44 -7.84 -2.77
C PHE A 88 -5.61 -7.51 -1.53
N LYS A 89 -4.99 -8.53 -0.96
CA LYS A 89 -4.17 -8.36 0.24
C LYS A 89 -2.71 -8.65 -0.07
N ALA A 90 -1.81 -7.92 0.60
CA ALA A 90 -0.38 -8.11 0.40
C ALA A 90 0.25 -8.87 1.56
N GLU A 91 1.27 -9.66 1.26
CA GLU A 91 1.94 -10.45 2.28
C GLU A 91 3.45 -10.50 2.02
N HIS A 92 4.24 -10.30 3.07
CA HIS A 92 5.69 -10.33 2.96
C HIS A 92 6.25 -11.68 3.42
N ALA A 93 5.46 -12.40 4.21
CA ALA A 93 5.87 -13.70 4.70
C ALA A 93 6.97 -13.56 5.76
N GLY A 94 6.97 -12.43 6.45
CA GLY A 94 7.97 -12.20 7.48
C GLY A 94 7.54 -11.12 8.47
N VAL A 95 6.80 -10.14 7.98
CA VAL A 95 6.34 -9.05 8.83
C VAL A 95 4.84 -9.16 9.09
N ARG A 96 4.04 -9.05 8.05
CA ARG A 96 2.59 -9.14 8.17
C ARG A 96 1.93 -9.15 6.79
N THR A 97 0.59 -9.22 6.78
CA THR A 97 -0.15 -9.23 5.54
C THR A 97 -1.20 -8.12 5.51
N TYR A 98 -0.98 -7.11 4.68
CA TYR A 98 -1.90 -6.00 4.56
C TYR A 98 -3.07 -6.34 3.63
N PHE A 99 -4.15 -5.59 3.77
CA PHE A 99 -5.34 -5.82 2.95
C PHE A 99 -5.77 -4.53 2.25
N PHE A 100 -6.38 -4.68 1.07
CA PHE A 100 -6.83 -3.52 0.30
C PHE A 100 -7.97 -3.92 -0.64
N SER A 101 -9.14 -3.35 -0.42
CA SER A 101 -10.31 -3.64 -1.25
C SER A 101 -10.46 -2.60 -2.35
N ALA A 102 -11.23 -2.94 -3.38
CA ALA A 102 -11.46 -2.04 -4.50
C ALA A 102 -12.94 -1.98 -4.86
N GLU A 103 -13.43 -0.77 -5.08
CA GLU A 103 -14.84 -0.57 -5.43
C GLU A 103 -15.24 -1.46 -6.60
N SER A 104 -14.50 -1.35 -7.70
CA SER A 104 -14.78 -2.15 -8.88
C SER A 104 -13.63 -3.10 -9.19
N PRO A 105 -13.91 -4.13 -9.99
CA PRO A 105 -12.91 -5.13 -10.38
C PRO A 105 -11.87 -4.56 -11.33
N GLU A 106 -12.27 -3.57 -12.11
CA GLU A 106 -11.37 -2.93 -13.07
C GLU A 106 -10.21 -2.24 -12.36
N GLU A 107 -10.47 -1.75 -11.15
CA GLU A 107 -9.46 -1.07 -10.35
C GLU A 107 -8.56 -2.07 -9.64
N GLN A 108 -9.17 -3.09 -9.06
CA GLN A 108 -8.43 -4.13 -8.34
C GLN A 108 -7.31 -4.69 -9.21
N GLU A 109 -7.68 -5.20 -10.38
CA GLU A 109 -6.71 -5.78 -11.31
C GLU A 109 -5.68 -4.74 -11.72
N ALA A 110 -6.15 -3.58 -12.16
CA ALA A 110 -5.26 -2.50 -12.59
C ALA A 110 -4.23 -2.18 -11.51
N TRP A 111 -4.68 -2.10 -10.26
CA TRP A 111 -3.79 -1.81 -9.15
C TRP A 111 -2.73 -2.88 -8.99
N ILE A 112 -3.18 -4.13 -8.85
CA ILE A 112 -2.27 -5.25 -8.69
C ILE A 112 -1.12 -5.18 -9.70
N GLN A 113 -1.45 -4.79 -10.93
CA GLN A 113 -0.45 -4.68 -11.98
C GLN A 113 0.69 -3.75 -11.57
N ALA A 114 0.33 -2.62 -10.99
CA ALA A 114 1.33 -1.64 -10.53
C ALA A 114 1.92 -2.05 -9.19
N MET A 115 1.04 -2.27 -8.20
CA MET A 115 1.49 -2.66 -6.88
C MET A 115 2.22 -3.99 -6.91
N GLY A 116 1.52 -5.03 -7.35
CA GLY A 116 2.12 -6.35 -7.42
C GLY A 116 3.52 -6.32 -7.99
N GLU A 117 3.66 -5.74 -9.19
CA GLU A 117 4.95 -5.65 -9.86
C GLU A 117 5.95 -4.90 -8.98
N ALA A 118 5.59 -3.68 -8.60
CA ALA A 118 6.46 -2.85 -7.76
C ALA A 118 6.82 -3.58 -6.47
N ALA A 119 6.08 -4.63 -6.16
CA ALA A 119 6.33 -5.42 -4.96
C ALA A 119 7.40 -6.47 -5.19
N ARG A 120 7.34 -7.12 -6.35
CA ARG A 120 8.30 -8.16 -6.70
C ARG A 120 9.64 -7.54 -7.08
N VAL A 121 10.70 -8.04 -6.45
CA VAL A 121 12.05 -7.54 -6.72
C VAL A 121 12.90 -8.59 -7.42
N GLN A 122 12.88 -8.56 -8.75
CA GLN A 122 13.65 -9.52 -9.55
C GLN A 122 15.12 -9.51 -9.14
N GLY A 1 23.75 20.36 -6.59
CA GLY A 1 24.30 20.14 -5.27
C GLY A 1 23.32 20.50 -4.16
N SER A 2 23.05 19.54 -3.29
CA SER A 2 22.13 19.75 -2.18
C SER A 2 22.80 19.45 -0.84
N SER A 3 22.59 20.33 0.12
CA SER A 3 23.18 20.17 1.45
C SER A 3 22.10 20.24 2.53
N GLY A 4 22.16 19.30 3.47
CA GLY A 4 21.19 19.27 4.55
C GLY A 4 21.74 18.62 5.81
N SER A 5 20.85 18.26 6.72
CA SER A 5 21.25 17.64 7.97
C SER A 5 22.23 16.49 7.73
N SER A 6 23.19 16.34 8.64
CA SER A 6 24.19 15.28 8.52
C SER A 6 24.20 14.40 9.75
N GLY A 7 24.81 13.22 9.63
CA GLY A 7 24.87 12.30 10.75
C GLY A 7 24.98 10.86 10.30
N GLY A 8 24.04 10.03 10.76
CA GLY A 8 24.05 8.63 10.39
C GLY A 8 23.17 8.34 9.18
N LYS A 9 23.08 7.06 8.82
CA LYS A 9 22.26 6.65 7.68
C LYS A 9 21.59 5.31 7.95
N ARG A 10 20.27 5.33 8.05
CA ARG A 10 19.52 4.10 8.30
C ARG A 10 18.16 4.15 7.60
N SER A 11 17.43 3.04 7.66
CA SER A 11 16.12 2.95 7.03
C SER A 11 15.04 2.68 8.06
N HIS A 12 15.09 3.41 9.17
CA HIS A 12 14.11 3.25 10.23
C HIS A 12 12.68 3.28 9.67
N SER A 13 12.39 4.32 8.90
CA SER A 13 11.07 4.48 8.30
C SER A 13 11.17 4.90 6.84
N MET A 14 10.12 4.61 6.07
CA MET A 14 10.10 4.97 4.66
C MET A 14 9.92 6.47 4.47
N LYS A 15 10.38 6.98 3.34
CA LYS A 15 10.27 8.40 3.03
C LYS A 15 9.65 8.62 1.66
N ARG A 16 9.38 9.88 1.34
CA ARG A 16 8.78 10.23 0.05
C ARG A 16 9.44 11.47 -0.53
N ASN A 17 9.38 11.60 -1.85
CA ASN A 17 9.96 12.75 -2.54
C ASN A 17 8.97 13.35 -3.54
N PRO A 18 8.98 14.70 -3.64
CA PRO A 18 8.10 15.42 -4.55
C PRO A 18 8.46 15.21 -6.01
N ASN A 19 9.77 15.16 -6.29
CA ASN A 19 10.25 14.96 -7.64
C ASN A 19 9.80 13.61 -8.20
N ALA A 20 9.84 12.59 -7.35
CA ALA A 20 9.42 11.25 -7.76
C ALA A 20 8.03 11.28 -8.38
N PRO A 21 7.92 10.79 -9.63
CA PRO A 21 6.65 10.75 -10.36
C PRO A 21 5.68 9.73 -9.78
N VAL A 22 4.45 10.16 -9.54
CA VAL A 22 3.42 9.28 -8.99
C VAL A 22 3.09 8.16 -9.95
N THR A 23 3.34 6.92 -9.52
CA THR A 23 3.07 5.75 -10.34
C THR A 23 1.57 5.59 -10.59
N LYS A 24 0.82 5.43 -9.50
CA LYS A 24 -0.63 5.27 -9.59
C LYS A 24 -1.31 5.77 -8.32
N ALA A 25 -2.36 6.57 -8.50
CA ALA A 25 -3.10 7.11 -7.37
C ALA A 25 -4.61 6.92 -7.56
N GLY A 26 -5.29 6.55 -6.49
CA GLY A 26 -6.73 6.34 -6.55
C GLY A 26 -7.34 6.08 -5.19
N TRP A 27 -8.61 6.46 -5.03
CA TRP A 27 -9.31 6.28 -3.77
C TRP A 27 -9.61 4.80 -3.53
N LEU A 28 -8.84 4.19 -2.63
CA LEU A 28 -9.02 2.79 -2.30
C LEU A 28 -9.71 2.63 -0.94
N PHE A 29 -9.96 1.38 -0.56
CA PHE A 29 -10.61 1.09 0.71
C PHE A 29 -9.74 0.18 1.57
N LYS A 30 -9.08 0.77 2.58
CA LYS A 30 -8.22 0.02 3.47
C LYS A 30 -9.05 -0.77 4.49
N GLN A 31 -8.44 -1.82 5.05
CA GLN A 31 -9.12 -2.64 6.04
C GLN A 31 -8.58 -2.37 7.45
N ALA A 32 -9.48 -2.22 8.41
CA ALA A 32 -9.09 -1.96 9.78
C ALA A 32 -8.87 -3.26 10.55
N SER A 33 -7.64 -3.45 11.04
CA SER A 33 -7.29 -4.66 11.77
C SER A 33 -7.06 -4.34 13.24
N SER A 34 -6.84 -3.06 13.54
CA SER A 34 -6.60 -2.62 14.92
C SER A 34 -7.63 -1.59 15.35
N GLY A 35 -7.96 -1.57 16.64
CA GLY A 35 -8.92 -0.62 17.15
C GLY A 35 -10.26 -0.71 16.43
N VAL A 36 -10.35 -0.08 15.27
CA VAL A 36 -11.58 -0.09 14.49
C VAL A 36 -11.80 -1.44 13.82
N LYS A 37 -13.03 -1.70 13.41
CA LYS A 37 -13.37 -2.97 12.76
C LYS A 37 -14.22 -2.73 11.52
N GLN A 38 -13.73 -1.86 10.63
CA GLN A 38 -14.44 -1.54 9.40
C GLN A 38 -13.53 -0.78 8.42
N TRP A 39 -13.58 -1.17 7.16
CA TRP A 39 -12.77 -0.54 6.14
C TRP A 39 -12.81 0.98 6.27
N ASN A 40 -11.81 1.65 5.70
CA ASN A 40 -11.74 3.10 5.75
C ASN A 40 -11.26 3.67 4.42
N LYS A 41 -12.17 4.36 3.72
CA LYS A 41 -11.84 4.96 2.43
C LYS A 41 -10.78 6.04 2.59
N ARG A 42 -9.64 5.87 1.91
CA ARG A 42 -8.56 6.83 1.98
C ARG A 42 -7.85 6.96 0.63
N TRP A 43 -7.24 8.11 0.40
CA TRP A 43 -6.52 8.36 -0.86
C TRP A 43 -5.23 7.56 -0.92
N PHE A 44 -5.11 6.70 -1.91
CA PHE A 44 -3.92 5.88 -2.08
C PHE A 44 -3.03 6.43 -3.19
N VAL A 45 -1.73 6.45 -2.95
CA VAL A 45 -0.76 6.95 -3.93
C VAL A 45 0.47 6.07 -3.99
N LEU A 46 0.84 5.66 -5.19
CA LEU A 46 2.01 4.81 -5.39
C LEU A 46 3.19 5.62 -5.93
N VAL A 47 4.23 5.76 -5.11
CA VAL A 47 5.42 6.50 -5.51
C VAL A 47 6.69 5.83 -5.02
N ASP A 48 7.67 5.72 -5.91
CA ASP A 48 8.95 5.09 -5.56
C ASP A 48 8.73 3.65 -5.11
N ARG A 49 8.08 2.86 -5.97
CA ARG A 49 7.80 1.47 -5.66
C ARG A 49 7.29 1.31 -4.23
N CYS A 50 6.66 2.36 -3.72
CA CYS A 50 6.12 2.34 -2.37
C CYS A 50 4.68 2.84 -2.35
N LEU A 51 3.95 2.48 -1.30
CA LEU A 51 2.55 2.89 -1.16
C LEU A 51 2.40 3.98 -0.11
N PHE A 52 1.64 5.02 -0.45
CA PHE A 52 1.42 6.13 0.47
C PHE A 52 -0.05 6.55 0.48
N TYR A 53 -0.67 6.45 1.65
CA TYR A 53 -2.07 6.81 1.79
C TYR A 53 -2.23 8.10 2.60
N TYR A 54 -2.93 9.07 2.01
CA TYR A 54 -3.15 10.36 2.67
C TYR A 54 -4.62 10.56 2.99
N LYS A 55 -4.91 11.08 4.18
CA LYS A 55 -6.28 11.33 4.61
C LYS A 55 -7.13 11.84 3.45
N ASP A 56 -6.52 12.66 2.59
CA ASP A 56 -7.23 13.20 1.43
C ASP A 56 -6.28 13.37 0.25
N GLU A 57 -6.84 13.73 -0.90
CA GLU A 57 -6.03 13.92 -2.11
C GLU A 57 -5.00 15.02 -1.91
N LYS A 58 -5.30 15.97 -1.02
CA LYS A 58 -4.39 17.07 -0.73
C LYS A 58 -2.97 16.57 -0.51
N GLU A 59 -2.85 15.43 0.16
CA GLU A 59 -1.54 14.84 0.44
C GLU A 59 -0.68 15.79 1.27
N GLU A 60 -1.29 16.42 2.28
CA GLU A 60 -0.58 17.35 3.15
C GLU A 60 0.53 16.64 3.90
N SER A 61 0.17 15.59 4.64
CA SER A 61 1.14 14.83 5.41
C SER A 61 0.87 13.33 5.30
N ILE A 62 1.93 12.55 5.16
CA ILE A 62 1.81 11.11 5.04
C ILE A 62 1.34 10.48 6.35
N LEU A 63 0.25 9.73 6.27
CA LEU A 63 -0.30 9.07 7.46
C LEU A 63 0.49 7.82 7.82
N GLY A 64 0.86 7.05 6.80
CA GLY A 64 1.62 5.83 7.03
C GLY A 64 2.18 5.26 5.74
N SER A 65 3.48 4.94 5.76
CA SER A 65 4.14 4.39 4.59
C SER A 65 4.28 2.88 4.70
N ILE A 66 4.24 2.18 3.57
CA ILE A 66 4.36 0.73 3.55
C ILE A 66 5.13 0.27 2.32
N PRO A 67 6.30 -0.37 2.54
CA PRO A 67 7.15 -0.88 1.47
C PRO A 67 6.51 -2.07 0.76
N LEU A 68 6.34 -1.96 -0.55
CA LEU A 68 5.75 -3.02 -1.35
C LEU A 68 6.84 -3.90 -1.97
N LEU A 69 7.98 -3.29 -2.28
CA LEU A 69 9.10 -4.02 -2.87
C LEU A 69 9.48 -5.23 -2.03
N SER A 70 8.96 -5.27 -0.81
CA SER A 70 9.24 -6.37 0.11
C SER A 70 7.96 -7.05 0.56
N PHE A 71 7.02 -7.22 -0.37
CA PHE A 71 5.74 -7.86 -0.07
C PHE A 71 5.27 -8.72 -1.24
N ARG A 72 4.10 -9.34 -1.08
CA ARG A 72 3.54 -10.19 -2.13
C ARG A 72 2.06 -9.89 -2.33
N VAL A 73 1.77 -8.94 -3.21
CA VAL A 73 0.39 -8.56 -3.50
C VAL A 73 -0.33 -9.66 -4.27
N ALA A 74 -1.61 -9.85 -3.95
CA ALA A 74 -2.42 -10.86 -4.61
C ALA A 74 -3.88 -10.78 -4.18
N ALA A 75 -4.78 -11.20 -5.07
CA ALA A 75 -6.21 -11.17 -4.78
C ALA A 75 -6.55 -12.06 -3.59
N VAL A 76 -7.48 -11.59 -2.76
CA VAL A 76 -7.89 -12.35 -1.58
C VAL A 76 -8.20 -13.80 -1.94
N GLN A 77 -8.55 -14.59 -0.94
CA GLN A 77 -8.87 -16.00 -1.14
C GLN A 77 -10.37 -16.23 -1.05
N PRO A 78 -10.81 -17.40 -1.55
CA PRO A 78 -12.23 -17.78 -1.53
C PRO A 78 -12.73 -18.07 -0.12
N SER A 79 -13.73 -17.32 0.31
CA SER A 79 -14.31 -17.50 1.65
C SER A 79 -13.38 -16.95 2.72
N ASP A 80 -12.77 -15.79 2.43
CA ASP A 80 -11.86 -15.15 3.37
C ASP A 80 -12.62 -14.25 4.34
N ASN A 81 -13.92 -14.47 4.44
CA ASN A 81 -14.76 -13.68 5.33
C ASN A 81 -14.77 -12.21 4.92
N ILE A 82 -14.71 -11.97 3.62
CA ILE A 82 -14.70 -10.61 3.08
C ILE A 82 -15.98 -10.32 2.30
N SER A 83 -16.94 -9.67 2.96
CA SER A 83 -18.20 -9.33 2.31
C SER A 83 -17.98 -8.91 0.86
N ARG A 84 -16.96 -8.08 0.64
CA ARG A 84 -16.65 -7.61 -0.70
C ARG A 84 -16.20 -8.76 -1.59
N LYS A 85 -15.97 -8.46 -2.87
CA LYS A 85 -15.52 -9.47 -3.82
C LYS A 85 -14.14 -9.12 -4.38
N HIS A 86 -14.06 -8.05 -5.15
CA HIS A 86 -12.80 -7.62 -5.73
C HIS A 86 -11.88 -7.02 -4.66
N THR A 87 -11.16 -7.88 -3.96
CA THR A 87 -10.25 -7.43 -2.91
C THR A 87 -8.86 -8.02 -3.10
N PHE A 88 -7.85 -7.35 -2.56
CA PHE A 88 -6.47 -7.80 -2.66
C PHE A 88 -5.68 -7.45 -1.41
N LYS A 89 -4.97 -8.42 -0.86
CA LYS A 89 -4.16 -8.21 0.33
C LYS A 89 -2.69 -8.52 0.07
N ALA A 90 -1.81 -7.77 0.71
CA ALA A 90 -0.37 -7.97 0.54
C ALA A 90 0.22 -8.69 1.75
N GLU A 91 1.34 -9.38 1.53
CA GLU A 91 2.01 -10.12 2.59
C GLU A 91 3.51 -10.20 2.34
N HIS A 92 4.29 -9.91 3.36
CA HIS A 92 5.75 -9.94 3.26
C HIS A 92 6.31 -11.23 3.88
N ALA A 93 5.48 -11.90 4.68
CA ALA A 93 5.89 -13.14 5.33
C ALA A 93 6.95 -12.87 6.40
N GLY A 94 6.68 -11.88 7.25
CA GLY A 94 7.62 -11.55 8.30
C GLY A 94 7.18 -10.35 9.12
N VAL A 95 6.41 -9.47 8.49
CA VAL A 95 5.92 -8.27 9.16
C VAL A 95 4.42 -8.35 9.41
N ARG A 96 3.64 -8.38 8.33
CA ARG A 96 2.19 -8.45 8.43
C ARG A 96 1.56 -8.59 7.05
N THR A 97 0.22 -8.64 7.01
CA THR A 97 -0.50 -8.76 5.76
C THR A 97 -1.56 -7.67 5.63
N TYR A 98 -1.28 -6.67 4.80
CA TYR A 98 -2.21 -5.56 4.59
C TYR A 98 -3.31 -5.97 3.63
N PHE A 99 -4.45 -5.29 3.73
CA PHE A 99 -5.59 -5.57 2.87
C PHE A 99 -6.04 -4.32 2.12
N PHE A 100 -6.53 -4.51 0.90
CA PHE A 100 -7.00 -3.39 0.09
C PHE A 100 -8.04 -3.86 -0.93
N SER A 101 -9.21 -3.22 -0.90
CA SER A 101 -10.29 -3.57 -1.81
C SER A 101 -10.50 -2.47 -2.84
N ALA A 102 -11.32 -2.77 -3.86
CA ALA A 102 -11.61 -1.80 -4.91
C ALA A 102 -13.11 -1.77 -5.22
N GLU A 103 -13.66 -0.56 -5.30
CA GLU A 103 -15.07 -0.39 -5.59
C GLU A 103 -15.47 -1.17 -6.85
N SER A 104 -14.48 -1.52 -7.65
CA SER A 104 -14.72 -2.25 -8.89
C SER A 104 -13.56 -3.21 -9.19
N PRO A 105 -13.83 -4.23 -10.01
CA PRO A 105 -12.84 -5.23 -10.39
C PRO A 105 -11.77 -4.65 -11.30
N GLU A 106 -12.16 -3.73 -12.17
CA GLU A 106 -11.23 -3.10 -13.09
C GLU A 106 -10.10 -2.39 -12.35
N GLU A 107 -10.44 -1.84 -11.18
CA GLU A 107 -9.44 -1.14 -10.37
C GLU A 107 -8.56 -2.12 -9.62
N GLN A 108 -9.17 -3.19 -9.11
CA GLN A 108 -8.43 -4.21 -8.37
C GLN A 108 -7.32 -4.81 -9.22
N GLU A 109 -7.67 -5.25 -10.41
CA GLU A 109 -6.70 -5.85 -11.32
C GLU A 109 -5.61 -4.84 -11.70
N ALA A 110 -6.04 -3.65 -12.10
CA ALA A 110 -5.10 -2.60 -12.49
C ALA A 110 -4.12 -2.29 -11.35
N TRP A 111 -4.66 -2.13 -10.15
CA TRP A 111 -3.83 -1.84 -8.98
C TRP A 111 -2.75 -2.90 -8.81
N ILE A 112 -3.14 -4.17 -8.88
CA ILE A 112 -2.21 -5.27 -8.72
C ILE A 112 -1.09 -5.18 -9.75
N GLN A 113 -1.44 -4.83 -10.99
CA GLN A 113 -0.46 -4.72 -12.06
C GLN A 113 0.70 -3.82 -11.64
N ALA A 114 0.36 -2.67 -11.06
CA ALA A 114 1.38 -1.73 -10.61
C ALA A 114 1.99 -2.16 -9.29
N MET A 115 1.14 -2.38 -8.29
CA MET A 115 1.60 -2.80 -6.97
C MET A 115 2.30 -4.15 -7.05
N GLY A 116 1.58 -5.17 -7.50
CA GLY A 116 2.15 -6.50 -7.62
C GLY A 116 3.56 -6.48 -8.20
N GLU A 117 3.71 -5.82 -9.35
CA GLU A 117 5.00 -5.73 -10.02
C GLU A 117 5.99 -4.94 -9.17
N ALA A 118 5.60 -3.73 -8.78
CA ALA A 118 6.46 -2.87 -7.97
C ALA A 118 6.97 -3.63 -6.74
N ALA A 119 6.17 -4.57 -6.26
CA ALA A 119 6.54 -5.35 -5.08
C ALA A 119 7.67 -6.32 -5.41
N ARG A 120 7.51 -7.08 -6.49
CA ARG A 120 8.52 -8.04 -6.91
C ARG A 120 9.93 -7.47 -6.72
N VAL A 121 10.88 -8.35 -6.43
CA VAL A 121 12.26 -7.94 -6.23
C VAL A 121 13.08 -8.12 -7.50
N GLN A 122 12.52 -8.88 -8.45
CA GLN A 122 13.21 -9.13 -9.71
C GLN A 122 12.76 -8.13 -10.78
N GLY A 1 37.39 11.58 31.11
CA GLY A 1 36.24 11.26 30.28
C GLY A 1 36.49 10.06 29.39
N SER A 2 35.42 9.43 28.95
CA SER A 2 35.52 8.26 28.08
C SER A 2 34.48 8.31 26.97
N SER A 3 34.91 8.00 25.75
CA SER A 3 34.02 8.01 24.60
C SER A 3 34.64 7.27 23.41
N GLY A 4 33.85 6.38 22.81
CA GLY A 4 34.35 5.62 21.68
C GLY A 4 33.27 5.37 20.64
N SER A 5 32.49 6.40 20.34
CA SER A 5 31.42 6.29 19.36
C SER A 5 31.42 7.48 18.42
N SER A 6 31.18 7.21 17.13
CA SER A 6 31.16 8.27 16.12
C SER A 6 29.86 8.23 15.32
N GLY A 7 29.00 9.22 15.56
CA GLY A 7 27.73 9.27 14.86
C GLY A 7 26.83 8.09 15.18
N GLY A 8 25.88 7.82 14.30
CA GLY A 8 24.96 6.71 14.50
C GLY A 8 23.52 7.15 14.51
N LYS A 9 22.82 6.92 13.39
CA LYS A 9 21.43 7.29 13.26
C LYS A 9 20.53 6.06 13.21
N ARG A 10 19.89 5.75 14.34
CA ARG A 10 19.01 4.59 14.43
C ARG A 10 17.56 5.03 14.57
N SER A 11 16.77 4.78 13.53
CA SER A 11 15.36 5.15 13.53
C SER A 11 14.58 4.36 12.48
N HIS A 12 13.32 4.05 12.78
CA HIS A 12 12.48 3.30 11.87
C HIS A 12 11.39 4.19 11.28
N SER A 13 11.75 4.91 10.22
CA SER A 13 10.80 5.82 9.56
C SER A 13 11.06 5.87 8.06
N MET A 14 10.06 6.33 7.31
CA MET A 14 10.19 6.43 5.86
C MET A 14 9.65 7.77 5.37
N LYS A 15 9.74 7.99 4.05
CA LYS A 15 9.26 9.23 3.46
C LYS A 15 9.15 9.10 1.94
N ARG A 16 8.52 10.08 1.30
CA ARG A 16 8.35 10.06 -0.14
C ARG A 16 8.95 11.32 -0.77
N ASN A 17 9.41 11.18 -2.01
CA ASN A 17 10.01 12.30 -2.72
C ASN A 17 9.03 12.89 -3.74
N PRO A 18 9.01 14.22 -3.85
CA PRO A 18 8.13 14.94 -4.78
C PRO A 18 8.54 14.73 -6.23
N ASN A 19 9.85 14.76 -6.48
CA ASN A 19 10.36 14.57 -7.84
C ASN A 19 9.95 13.22 -8.40
N ALA A 20 10.01 12.19 -7.57
CA ALA A 20 9.64 10.84 -7.98
C ALA A 20 8.29 10.84 -8.68
N PRO A 21 8.22 10.14 -9.82
CA PRO A 21 6.99 10.04 -10.62
C PRO A 21 5.92 9.21 -9.92
N VAL A 22 4.67 9.64 -10.02
CA VAL A 22 3.56 8.93 -9.40
C VAL A 22 3.17 7.70 -10.21
N THR A 23 3.42 6.53 -9.64
CA THR A 23 3.10 5.27 -10.30
C THR A 23 1.59 5.16 -10.58
N LYS A 24 0.80 5.26 -9.52
CA LYS A 24 -0.65 5.17 -9.64
C LYS A 24 -1.34 5.82 -8.44
N ALA A 25 -2.46 6.48 -8.69
CA ALA A 25 -3.21 7.14 -7.63
C ALA A 25 -4.69 6.83 -7.74
N GLY A 26 -5.35 6.68 -6.59
CA GLY A 26 -6.78 6.40 -6.59
C GLY A 26 -7.31 6.13 -5.19
N TRP A 27 -8.58 6.45 -4.97
CA TRP A 27 -9.20 6.24 -3.67
C TRP A 27 -9.48 4.77 -3.43
N LEU A 28 -8.74 4.16 -2.51
CA LEU A 28 -8.91 2.76 -2.18
C LEU A 28 -9.47 2.58 -0.77
N PHE A 29 -9.73 1.34 -0.39
CA PHE A 29 -10.27 1.05 0.94
C PHE A 29 -9.28 0.21 1.75
N LYS A 30 -8.85 0.76 2.88
CA LYS A 30 -7.91 0.07 3.76
C LYS A 30 -8.64 -0.67 4.88
N GLN A 31 -8.48 -1.98 4.90
CA GLN A 31 -9.12 -2.81 5.92
C GLN A 31 -8.73 -2.35 7.32
N ALA A 32 -9.71 -2.30 8.21
CA ALA A 32 -9.47 -1.87 9.59
C ALA A 32 -8.40 -2.72 10.25
N SER A 33 -7.75 -2.19 11.27
CA SER A 33 -6.70 -2.90 11.99
C SER A 33 -7.30 -3.85 13.02
N SER A 34 -6.44 -4.59 13.70
CA SER A 34 -6.88 -5.54 14.71
C SER A 34 -7.90 -4.91 15.65
N GLY A 35 -9.12 -5.44 15.62
CA GLY A 35 -10.18 -4.92 16.47
C GLY A 35 -11.54 -4.96 15.81
N VAL A 36 -11.93 -3.85 15.18
CA VAL A 36 -13.22 -3.77 14.50
C VAL A 36 -13.11 -4.28 13.06
N LYS A 37 -14.25 -4.73 12.51
CA LYS A 37 -14.28 -5.24 11.14
C LYS A 37 -14.97 -4.25 10.22
N GLN A 38 -14.18 -3.56 9.39
CA GLN A 38 -14.71 -2.59 8.45
C GLN A 38 -13.62 -2.06 7.52
N TRP A 39 -14.02 -1.26 6.55
CA TRP A 39 -13.06 -0.68 5.60
C TRP A 39 -13.15 0.84 5.59
N ASN A 40 -12.00 1.50 5.56
CA ASN A 40 -11.95 2.95 5.55
C ASN A 40 -11.44 3.46 4.20
N LYS A 41 -12.30 4.16 3.48
CA LYS A 41 -11.93 4.71 2.18
C LYS A 41 -10.97 5.89 2.33
N ARG A 42 -9.75 5.71 1.84
CA ARG A 42 -8.73 6.75 1.93
C ARG A 42 -8.03 6.93 0.58
N TRP A 43 -7.24 7.99 0.47
CA TRP A 43 -6.51 8.28 -0.76
C TRP A 43 -5.22 7.49 -0.82
N PHE A 44 -5.09 6.65 -1.85
CA PHE A 44 -3.89 5.84 -2.02
C PHE A 44 -3.02 6.38 -3.14
N VAL A 45 -1.71 6.38 -2.92
CA VAL A 45 -0.76 6.88 -3.90
C VAL A 45 0.49 6.02 -3.96
N LEU A 46 0.84 5.58 -5.17
CA LEU A 46 2.03 4.73 -5.35
C LEU A 46 3.18 5.54 -5.94
N VAL A 47 4.24 5.70 -5.15
CA VAL A 47 5.41 6.44 -5.60
C VAL A 47 6.70 5.81 -5.05
N ASP A 48 7.66 5.61 -5.94
CA ASP A 48 8.95 5.02 -5.55
C ASP A 48 8.75 3.57 -5.08
N ARG A 49 8.13 2.76 -5.93
CA ARG A 49 7.89 1.36 -5.60
C ARG A 49 7.36 1.22 -4.18
N CYS A 50 6.67 2.26 -3.71
CA CYS A 50 6.11 2.25 -2.36
C CYS A 50 4.69 2.80 -2.36
N LEU A 51 3.93 2.43 -1.34
CA LEU A 51 2.54 2.89 -1.22
C LEU A 51 2.42 3.99 -0.17
N PHE A 52 1.55 4.97 -0.44
CA PHE A 52 1.33 6.08 0.46
C PHE A 52 -0.14 6.44 0.55
N TYR A 53 -0.70 6.32 1.75
CA TYR A 53 -2.12 6.63 1.96
C TYR A 53 -2.28 7.94 2.73
N TYR A 54 -2.93 8.91 2.09
CA TYR A 54 -3.15 10.22 2.70
C TYR A 54 -4.59 10.36 3.17
N LYS A 55 -4.90 11.51 3.76
CA LYS A 55 -6.25 11.78 4.25
C LYS A 55 -7.17 12.21 3.11
N ASP A 56 -6.60 12.86 2.12
CA ASP A 56 -7.38 13.32 0.97
C ASP A 56 -6.49 13.51 -0.25
N GLU A 57 -7.08 13.92 -1.37
CA GLU A 57 -6.34 14.14 -2.60
C GLU A 57 -5.25 15.18 -2.39
N LYS A 58 -5.33 15.92 -1.30
CA LYS A 58 -4.35 16.95 -0.97
C LYS A 58 -3.03 16.33 -0.54
N GLU A 59 -3.10 15.10 -0.02
CA GLU A 59 -1.90 14.39 0.43
C GLU A 59 -0.88 15.37 0.99
N GLU A 60 -1.30 16.17 1.96
CA GLU A 60 -0.41 17.16 2.57
C GLU A 60 0.76 16.47 3.27
N SER A 61 0.44 15.67 4.29
CA SER A 61 1.47 14.95 5.05
C SER A 61 1.18 13.46 5.05
N ILE A 62 2.22 12.67 4.77
CA ILE A 62 2.08 11.22 4.74
C ILE A 62 1.61 10.69 6.10
N LEU A 63 0.41 10.11 6.10
CA LEU A 63 -0.16 9.56 7.34
C LEU A 63 0.52 8.26 7.71
N GLY A 64 0.84 7.44 6.71
CA GLY A 64 1.49 6.17 6.96
C GLY A 64 1.97 5.50 5.68
N SER A 65 3.28 5.27 5.58
CA SER A 65 3.85 4.65 4.41
C SER A 65 3.92 3.14 4.57
N ILE A 66 4.06 2.43 3.46
CA ILE A 66 4.14 0.97 3.47
C ILE A 66 5.02 0.45 2.35
N PRO A 67 6.14 -0.18 2.71
CA PRO A 67 7.08 -0.75 1.75
C PRO A 67 6.52 -1.96 1.01
N LEU A 68 6.16 -1.76 -0.25
CA LEU A 68 5.60 -2.84 -1.05
C LEU A 68 6.71 -3.69 -1.66
N LEU A 69 7.85 -3.06 -1.93
CA LEU A 69 8.98 -3.77 -2.52
C LEU A 69 9.29 -5.04 -1.74
N SER A 70 8.76 -5.14 -0.53
CA SER A 70 8.97 -6.32 0.31
C SER A 70 7.65 -7.02 0.60
N PHE A 71 6.73 -6.98 -0.36
CA PHE A 71 5.43 -7.61 -0.20
C PHE A 71 4.98 -8.25 -1.49
N ARG A 72 3.96 -9.12 -1.40
CA ARG A 72 3.44 -9.80 -2.58
C ARG A 72 1.93 -9.60 -2.69
N VAL A 73 1.52 -8.60 -3.48
CA VAL A 73 0.12 -8.30 -3.67
C VAL A 73 -0.57 -9.40 -4.49
N ALA A 74 -1.68 -9.91 -3.97
CA ALA A 74 -2.44 -10.95 -4.66
C ALA A 74 -3.90 -10.93 -4.24
N ALA A 75 -4.79 -11.05 -5.21
CA ALA A 75 -6.22 -11.05 -4.94
C ALA A 75 -6.57 -12.06 -3.85
N VAL A 76 -7.73 -11.87 -3.23
CA VAL A 76 -8.19 -12.76 -2.17
C VAL A 76 -8.64 -14.11 -2.73
N GLN A 77 -9.04 -15.01 -1.84
CA GLN A 77 -9.50 -16.33 -2.25
C GLN A 77 -11.02 -16.46 -2.11
N PRO A 78 -11.59 -17.49 -2.74
CA PRO A 78 -13.02 -17.74 -2.70
C PRO A 78 -13.50 -18.20 -1.32
N SER A 79 -12.54 -18.55 -0.46
CA SER A 79 -12.86 -19.00 0.90
C SER A 79 -12.06 -18.21 1.93
N ASP A 80 -12.15 -16.89 1.84
CA ASP A 80 -11.43 -16.02 2.78
C ASP A 80 -12.41 -15.19 3.61
N ASN A 81 -11.90 -14.54 4.64
CA ASN A 81 -12.73 -13.70 5.51
C ASN A 81 -12.93 -12.32 4.91
N ILE A 82 -13.32 -12.29 3.64
CA ILE A 82 -13.55 -11.02 2.95
C ILE A 82 -14.87 -11.05 2.17
N SER A 83 -15.95 -10.64 2.82
CA SER A 83 -17.26 -10.62 2.19
C SER A 83 -17.18 -10.05 0.79
N ARG A 84 -16.36 -9.02 0.62
CA ARG A 84 -16.19 -8.37 -0.69
C ARG A 84 -15.67 -9.36 -1.72
N LYS A 85 -15.64 -8.94 -2.97
CA LYS A 85 -15.16 -9.79 -4.05
C LYS A 85 -13.82 -9.28 -4.59
N HIS A 86 -13.85 -8.11 -5.22
CA HIS A 86 -12.64 -7.51 -5.78
C HIS A 86 -11.75 -6.96 -4.68
N THR A 87 -11.01 -7.83 -4.02
CA THR A 87 -10.12 -7.43 -2.94
C THR A 87 -8.72 -8.01 -3.13
N PHE A 88 -7.72 -7.33 -2.59
CA PHE A 88 -6.34 -7.78 -2.71
C PHE A 88 -5.55 -7.45 -1.44
N LYS A 89 -4.84 -8.44 -0.91
CA LYS A 89 -4.05 -8.25 0.29
C LYS A 89 -2.57 -8.58 0.03
N ALA A 90 -1.68 -7.75 0.56
CA ALA A 90 -0.25 -7.96 0.39
C ALA A 90 0.37 -8.58 1.63
N GLU A 91 0.96 -9.76 1.47
CA GLU A 91 1.59 -10.46 2.58
C GLU A 91 3.11 -10.39 2.48
N HIS A 92 3.77 -10.18 3.62
CA HIS A 92 5.23 -10.11 3.65
C HIS A 92 5.79 -10.95 4.79
N ALA A 93 5.85 -12.26 4.57
CA ALA A 93 6.37 -13.18 5.57
C ALA A 93 7.51 -12.55 6.36
N GLY A 94 7.17 -11.95 7.49
CA GLY A 94 8.16 -11.31 8.33
C GLY A 94 7.60 -10.16 9.14
N VAL A 95 6.54 -9.54 8.63
CA VAL A 95 5.90 -8.42 9.30
C VAL A 95 4.40 -8.65 9.47
N ARG A 96 3.66 -8.50 8.37
CA ARG A 96 2.22 -8.69 8.38
C ARG A 96 1.66 -8.73 6.97
N THR A 97 0.34 -8.81 6.86
CA THR A 97 -0.32 -8.86 5.56
C THR A 97 -1.38 -7.77 5.45
N TYR A 98 -1.11 -6.77 4.62
CA TYR A 98 -2.04 -5.66 4.43
C TYR A 98 -3.17 -6.06 3.49
N PHE A 99 -4.33 -5.43 3.67
CA PHE A 99 -5.49 -5.72 2.84
C PHE A 99 -6.01 -4.46 2.16
N PHE A 100 -6.38 -4.57 0.90
CA PHE A 100 -6.90 -3.44 0.14
C PHE A 100 -8.06 -3.86 -0.75
N SER A 101 -9.19 -3.18 -0.61
CA SER A 101 -10.38 -3.49 -1.40
C SER A 101 -10.66 -2.38 -2.40
N ALA A 102 -11.20 -2.75 -3.56
CA ALA A 102 -11.53 -1.79 -4.60
C ALA A 102 -13.02 -1.76 -4.88
N GLU A 103 -13.52 -0.61 -5.32
CA GLU A 103 -14.94 -0.46 -5.62
C GLU A 103 -15.33 -1.32 -6.82
N SER A 104 -14.48 -1.33 -7.83
CA SER A 104 -14.73 -2.10 -9.04
C SER A 104 -13.57 -3.05 -9.34
N PRO A 105 -13.85 -4.10 -10.13
CA PRO A 105 -12.85 -5.10 -10.51
C PRO A 105 -11.80 -4.53 -11.46
N GLU A 106 -12.15 -3.45 -12.14
CA GLU A 106 -11.23 -2.81 -13.08
C GLU A 106 -10.08 -2.12 -12.34
N GLU A 107 -10.39 -1.55 -11.18
CA GLU A 107 -9.39 -0.86 -10.37
C GLU A 107 -8.51 -1.85 -9.62
N GLN A 108 -9.14 -2.90 -9.10
CA GLN A 108 -8.41 -3.93 -8.36
C GLN A 108 -7.30 -4.55 -9.22
N GLU A 109 -7.69 -5.13 -10.34
CA GLU A 109 -6.73 -5.75 -11.24
C GLU A 109 -5.64 -4.76 -11.65
N ALA A 110 -6.05 -3.56 -12.05
CA ALA A 110 -5.11 -2.53 -12.46
C ALA A 110 -4.14 -2.20 -11.33
N TRP A 111 -4.66 -2.05 -10.12
CA TRP A 111 -3.83 -1.74 -8.96
C TRP A 111 -2.76 -2.80 -8.75
N ILE A 112 -3.15 -4.06 -8.91
CA ILE A 112 -2.22 -5.17 -8.75
C ILE A 112 -1.08 -5.10 -9.76
N GLN A 113 -1.43 -4.84 -11.01
CA GLN A 113 -0.43 -4.75 -12.08
C GLN A 113 0.73 -3.86 -11.65
N ALA A 114 0.42 -2.73 -11.03
CA ALA A 114 1.44 -1.80 -10.57
C ALA A 114 2.02 -2.25 -9.22
N MET A 115 1.14 -2.46 -8.25
CA MET A 115 1.57 -2.90 -6.92
C MET A 115 2.33 -4.22 -6.99
N GLY A 116 1.65 -5.27 -7.42
CA GLY A 116 2.27 -6.57 -7.52
C GLY A 116 3.65 -6.51 -8.16
N GLU A 117 3.74 -5.81 -9.29
CA GLU A 117 4.99 -5.68 -10.00
C GLU A 117 5.97 -4.79 -9.22
N ALA A 118 5.42 -3.81 -8.52
CA ALA A 118 6.24 -2.90 -7.72
C ALA A 118 6.57 -3.50 -6.36
N ALA A 119 5.88 -4.57 -6.01
CA ALA A 119 6.10 -5.24 -4.73
C ALA A 119 7.03 -6.44 -4.89
N ARG A 120 7.06 -6.99 -6.10
CA ARG A 120 7.90 -8.15 -6.38
C ARG A 120 9.29 -7.71 -6.85
N VAL A 121 10.33 -8.33 -6.29
CA VAL A 121 11.70 -8.01 -6.66
C VAL A 121 12.14 -8.78 -7.89
N GLN A 122 11.69 -8.33 -9.06
CA GLN A 122 12.03 -8.98 -10.31
C GLN A 122 13.50 -9.38 -10.33
#